data_3AH7
# 
_entry.id   3AH7 
# 
_audit_conform.dict_name       mmcif_pdbx.dic 
_audit_conform.dict_version    5.380 
_audit_conform.dict_location   http://mmcif.pdb.org/dictionaries/ascii/mmcif_pdbx.dic 
# 
loop_
_database_2.database_id 
_database_2.database_code 
_database_2.pdbx_database_accession 
_database_2.pdbx_DOI 
PDB   3AH7         pdb_00003ah7 10.2210/pdb3ah7/pdb 
RCSB  RCSB029249   ?            ?                   
WWPDB D_1000029249 ?            ?                   
# 
loop_
_pdbx_database_related.db_name 
_pdbx_database_related.db_id 
_pdbx_database_related.details 
_pdbx_database_related.content_type 
PDB 1I7H . unspecified 
PDB 1E9M . unspecified 
PDB 1AYF . unspecified 
PDB 1OQQ . unspecified 
# 
_pdbx_database_status.status_code                     REL 
_pdbx_database_status.entry_id                        3AH7 
_pdbx_database_status.recvd_initial_deposition_date   2010-04-20 
_pdbx_database_status.deposit_site                    PDBJ 
_pdbx_database_status.process_site                    PDBJ 
_pdbx_database_status.status_code_sf                  REL 
_pdbx_database_status.status_code_mr                  ? 
_pdbx_database_status.SG_entry                        ? 
_pdbx_database_status.status_code_cs                  ? 
_pdbx_database_status.pdb_format_compatible           Y 
_pdbx_database_status.status_code_nmr_data            ? 
_pdbx_database_status.methods_development_category    ? 
# 
loop_
_audit_author.name 
_audit_author.pdbx_ordinal 
'Kumasaka, T.' 1 
'Shimizu, N.'  2 
'Ohmori, D.'   3 
'Iwasaki, T.'  4 
# 
loop_
_citation.id 
_citation.title 
_citation.journal_abbrev 
_citation.journal_volume 
_citation.page_first 
_citation.page_last 
_citation.year 
_citation.journal_id_ASTM 
_citation.country 
_citation.journal_id_ISSN 
_citation.journal_id_CSD 
_citation.book_publisher 
_citation.pdbx_database_id_PubMed 
_citation.pdbx_database_id_DOI 
primary 'Crystal structure of the ISC-like [2Fe-2S] ferredoxin (FdxB) from Pseudomonas putida JCM 20004' 'To be Published' ?  ?    
?    ?    ? ?  ?         0353 ? ?        ?                         
1       
;Crystallization and preliminary X-ray diffraction studies of the ISC-like [2Fe-2S] ferredoxin (FdxB) from Pseudomonas putida JCM 20004
;
'Acta Crystallogr.,Sect.F' 63 1014 1016 2007 ? DK 1744-3091 ?    ? 18084081 10.1107/S1744309107045757 
# 
loop_
_citation_author.citation_id 
_citation_author.name 
_citation_author.ordinal 
_citation_author.identifier_ORCID 
primary 'Iwasaki, T.'  1  ? 
primary 'Kappl, R.'    2  ? 
primary 'Bracic, G.'   3  ? 
primary 'Shimizu, N.'  4  ? 
primary 'Ohmori, D.'   5  ? 
primary 'Kumasaka, T.' 6  ? 
1       'Iwasaki, T.'  7  ? 
1       'Ohmori, D.'   8  ? 
1       'Shimizu, N.'  9  ? 
1       'Kumasaka, T.' 10 ? 
# 
_cell.entry_id           3AH7 
_cell.length_a           87.575 
_cell.length_b           87.575 
_cell.length_c           73.139 
_cell.angle_alpha        90.00 
_cell.angle_beta         90.00 
_cell.angle_gamma        120.00 
_cell.Z_PDB              12 
_cell.pdbx_unique_axis   ? 
_cell.length_a_esd       ? 
_cell.length_b_esd       ? 
_cell.length_c_esd       ? 
_cell.angle_alpha_esd    ? 
_cell.angle_beta_esd     ? 
_cell.angle_gamma_esd    ? 
# 
_symmetry.entry_id                         3AH7 
_symmetry.space_group_name_H-M             'P 61 2 2' 
_symmetry.pdbx_full_space_group_name_H-M   ? 
_symmetry.cell_setting                     ? 
_symmetry.Int_Tables_number                178 
_symmetry.space_group_name_Hall            ? 
# 
loop_
_entity.id 
_entity.type 
_entity.src_method 
_entity.pdbx_description 
_entity.formula_weight 
_entity.pdbx_number_of_molecules 
_entity.pdbx_ec 
_entity.pdbx_mutation 
_entity.pdbx_fragment 
_entity.details 
1 polymer     man '[2Fe-2S]ferredoxin'         12517.174 1   ? ? ? ? 
2 non-polymer syn 'FE2/S2 (INORGANIC) CLUSTER' 175.820   1   ? ? ? ? 
3 non-polymer syn 'SODIUM ION'                 22.990    1   ? ? ? ? 
4 non-polymer syn 'CHLORIDE ION'               35.453    1   ? ? ? ? 
5 water       nat water                        18.015    152 ? ? ? ? 
# 
_entity_poly.entity_id                      1 
_entity_poly.type                           'polypeptide(L)' 
_entity_poly.nstd_linkage                   no 
_entity_poly.nstd_monomer                   no 
_entity_poly.pdbx_seq_one_letter_code       
;MPLVTFLPHEKFCPEGLTVEVKPGTNILELAHDHHIEMESACGGVKACTTCHCIVRKGFDSLEEADELEEDMLDKAWGLE
AQSRLGCQVFVADEDLTIEIPKYSLNHAAEAPH
;
_entity_poly.pdbx_seq_one_letter_code_can   
;MPLVTFLPHEKFCPEGLTVEVKPGTNILELAHDHHIEMESACGGVKACTTCHCIVRKGFDSLEEADELEEDMLDKAWGLE
AQSRLGCQVFVADEDLTIEIPKYSLNHAAEAPH
;
_entity_poly.pdbx_strand_id                 A 
_entity_poly.pdbx_target_identifier         ? 
# 
loop_
_entity_poly_seq.entity_id 
_entity_poly_seq.num 
_entity_poly_seq.mon_id 
_entity_poly_seq.hetero 
1 1   MET n 
1 2   PRO n 
1 3   LEU n 
1 4   VAL n 
1 5   THR n 
1 6   PHE n 
1 7   LEU n 
1 8   PRO n 
1 9   HIS n 
1 10  GLU n 
1 11  LYS n 
1 12  PHE n 
1 13  CYS n 
1 14  PRO n 
1 15  GLU n 
1 16  GLY n 
1 17  LEU n 
1 18  THR n 
1 19  VAL n 
1 20  GLU n 
1 21  VAL n 
1 22  LYS n 
1 23  PRO n 
1 24  GLY n 
1 25  THR n 
1 26  ASN n 
1 27  ILE n 
1 28  LEU n 
1 29  GLU n 
1 30  LEU n 
1 31  ALA n 
1 32  HIS n 
1 33  ASP n 
1 34  HIS n 
1 35  HIS n 
1 36  ILE n 
1 37  GLU n 
1 38  MET n 
1 39  GLU n 
1 40  SER n 
1 41  ALA n 
1 42  CYS n 
1 43  GLY n 
1 44  GLY n 
1 45  VAL n 
1 46  LYS n 
1 47  ALA n 
1 48  CYS n 
1 49  THR n 
1 50  THR n 
1 51  CYS n 
1 52  HIS n 
1 53  CYS n 
1 54  ILE n 
1 55  VAL n 
1 56  ARG n 
1 57  LYS n 
1 58  GLY n 
1 59  PHE n 
1 60  ASP n 
1 61  SER n 
1 62  LEU n 
1 63  GLU n 
1 64  GLU n 
1 65  ALA n 
1 66  ASP n 
1 67  GLU n 
1 68  LEU n 
1 69  GLU n 
1 70  GLU n 
1 71  ASP n 
1 72  MET n 
1 73  LEU n 
1 74  ASP n 
1 75  LYS n 
1 76  ALA n 
1 77  TRP n 
1 78  GLY n 
1 79  LEU n 
1 80  GLU n 
1 81  ALA n 
1 82  GLN n 
1 83  SER n 
1 84  ARG n 
1 85  LEU n 
1 86  GLY n 
1 87  CYS n 
1 88  GLN n 
1 89  VAL n 
1 90  PHE n 
1 91  VAL n 
1 92  ALA n 
1 93  ASP n 
1 94  GLU n 
1 95  ASP n 
1 96  LEU n 
1 97  THR n 
1 98  ILE n 
1 99  GLU n 
1 100 ILE n 
1 101 PRO n 
1 102 LYS n 
1 103 TYR n 
1 104 SER n 
1 105 LEU n 
1 106 ASN n 
1 107 HIS n 
1 108 ALA n 
1 109 ALA n 
1 110 GLU n 
1 111 ALA n 
1 112 PRO n 
1 113 HIS n 
# 
_entity_src_gen.entity_id                          1 
_entity_src_gen.pdbx_src_id                        1 
_entity_src_gen.pdbx_alt_source_flag               sample 
_entity_src_gen.pdbx_seq_type                      ? 
_entity_src_gen.pdbx_beg_seq_num                   ? 
_entity_src_gen.pdbx_end_seq_num                   ? 
_entity_src_gen.gene_src_common_name               ? 
_entity_src_gen.gene_src_genus                     ? 
_entity_src_gen.pdbx_gene_src_gene                 fdxB 
_entity_src_gen.gene_src_species                   ? 
_entity_src_gen.gene_src_strain                    'JCM 20004' 
_entity_src_gen.gene_src_tissue                    ? 
_entity_src_gen.gene_src_tissue_fraction           ? 
_entity_src_gen.gene_src_details                   ? 
_entity_src_gen.pdbx_gene_src_fragment             ? 
_entity_src_gen.pdbx_gene_src_scientific_name      'Pseudomonas putida' 
_entity_src_gen.pdbx_gene_src_ncbi_taxonomy_id     303 
_entity_src_gen.pdbx_gene_src_variant              ? 
_entity_src_gen.pdbx_gene_src_cell_line            ? 
_entity_src_gen.pdbx_gene_src_atcc                 ? 
_entity_src_gen.pdbx_gene_src_organ                ? 
_entity_src_gen.pdbx_gene_src_organelle            ? 
_entity_src_gen.pdbx_gene_src_cell                 ? 
_entity_src_gen.pdbx_gene_src_cellular_location    ? 
_entity_src_gen.host_org_common_name               ? 
_entity_src_gen.pdbx_host_org_scientific_name      'Escherichia coli' 
_entity_src_gen.pdbx_host_org_ncbi_taxonomy_id     562 
_entity_src_gen.host_org_genus                     ? 
_entity_src_gen.pdbx_host_org_gene                 ? 
_entity_src_gen.pdbx_host_org_organ                ? 
_entity_src_gen.host_org_species                   ? 
_entity_src_gen.pdbx_host_org_tissue               ? 
_entity_src_gen.pdbx_host_org_tissue_fraction      ? 
_entity_src_gen.pdbx_host_org_strain               'BL21-CodonPlus(DE3)-RIL' 
_entity_src_gen.pdbx_host_org_variant              ? 
_entity_src_gen.pdbx_host_org_cell_line            ? 
_entity_src_gen.pdbx_host_org_atcc                 ? 
_entity_src_gen.pdbx_host_org_culture_collection   ? 
_entity_src_gen.pdbx_host_org_cell                 ? 
_entity_src_gen.pdbx_host_org_organelle            ? 
_entity_src_gen.pdbx_host_org_cellular_location    ? 
_entity_src_gen.pdbx_host_org_vector_type          Plasmid 
_entity_src_gen.pdbx_host_org_vector               ? 
_entity_src_gen.host_org_details                   ? 
_entity_src_gen.expression_system_id               ? 
_entity_src_gen.plasmid_name                       pET28a 
_entity_src_gen.plasmid_details                    ? 
_entity_src_gen.pdbx_description                   ? 
# 
_struct_ref.id                         1 
_struct_ref.db_name                    UNP 
_struct_ref.db_code                    Q76CS9_PSEPU 
_struct_ref.pdbx_db_accession          Q76CS9 
_struct_ref.entity_id                  1 
_struct_ref.pdbx_seq_one_letter_code   
;PLVTFLPHEKFCPEGLTVEVKPGTNILELAHDHHIEMESACGGVKACTTCHCIVRKGFDSLEEADELEEDMLDKAWGLEA
QSRLGCQVFVADEDLTIEIPKYSLNHAAEAPH
;
_struct_ref.pdbx_align_begin           2 
_struct_ref.pdbx_db_isoform            ? 
# 
_struct_ref_seq.align_id                      1 
_struct_ref_seq.ref_id                        1 
_struct_ref_seq.pdbx_PDB_id_code              3AH7 
_struct_ref_seq.pdbx_strand_id                A 
_struct_ref_seq.seq_align_beg                 2 
_struct_ref_seq.pdbx_seq_align_beg_ins_code   ? 
_struct_ref_seq.seq_align_end                 113 
_struct_ref_seq.pdbx_seq_align_end_ins_code   ? 
_struct_ref_seq.pdbx_db_accession             Q76CS9 
_struct_ref_seq.db_align_beg                  2 
_struct_ref_seq.pdbx_db_align_beg_ins_code    ? 
_struct_ref_seq.db_align_end                  113 
_struct_ref_seq.pdbx_db_align_end_ins_code    ? 
_struct_ref_seq.pdbx_auth_seq_align_beg       1 
_struct_ref_seq.pdbx_auth_seq_align_end       112 
# 
_struct_ref_seq_dif.align_id                     1 
_struct_ref_seq_dif.pdbx_pdb_id_code             3AH7 
_struct_ref_seq_dif.mon_id                       MET 
_struct_ref_seq_dif.pdbx_pdb_strand_id           A 
_struct_ref_seq_dif.seq_num                      1 
_struct_ref_seq_dif.pdbx_pdb_ins_code            ? 
_struct_ref_seq_dif.pdbx_seq_db_name             UNP 
_struct_ref_seq_dif.pdbx_seq_db_accession_code   Q76CS9 
_struct_ref_seq_dif.db_mon_id                    ? 
_struct_ref_seq_dif.pdbx_seq_db_seq_num          ? 
_struct_ref_seq_dif.details                      'expression tag' 
_struct_ref_seq_dif.pdbx_auth_seq_num            0 
_struct_ref_seq_dif.pdbx_ordinal                 1 
# 
loop_
_chem_comp.id 
_chem_comp.type 
_chem_comp.mon_nstd_flag 
_chem_comp.name 
_chem_comp.pdbx_synonyms 
_chem_comp.formula 
_chem_comp.formula_weight 
ALA 'L-peptide linking' y ALANINE                      ? 'C3 H7 N O2'     89.093  
ARG 'L-peptide linking' y ARGININE                     ? 'C6 H15 N4 O2 1' 175.209 
ASN 'L-peptide linking' y ASPARAGINE                   ? 'C4 H8 N2 O3'    132.118 
ASP 'L-peptide linking' y 'ASPARTIC ACID'              ? 'C4 H7 N O4'     133.103 
CL  non-polymer         . 'CHLORIDE ION'               ? 'Cl -1'          35.453  
CYS 'L-peptide linking' y CYSTEINE                     ? 'C3 H7 N O2 S'   121.158 
FES non-polymer         . 'FE2/S2 (INORGANIC) CLUSTER' ? 'Fe2 S2'         175.820 
GLN 'L-peptide linking' y GLUTAMINE                    ? 'C5 H10 N2 O3'   146.144 
GLU 'L-peptide linking' y 'GLUTAMIC ACID'              ? 'C5 H9 N O4'     147.129 
GLY 'peptide linking'   y GLYCINE                      ? 'C2 H5 N O2'     75.067  
HIS 'L-peptide linking' y HISTIDINE                    ? 'C6 H10 N3 O2 1' 156.162 
HOH non-polymer         . WATER                        ? 'H2 O'           18.015  
ILE 'L-peptide linking' y ISOLEUCINE                   ? 'C6 H13 N O2'    131.173 
LEU 'L-peptide linking' y LEUCINE                      ? 'C6 H13 N O2'    131.173 
LYS 'L-peptide linking' y LYSINE                       ? 'C6 H15 N2 O2 1' 147.195 
MET 'L-peptide linking' y METHIONINE                   ? 'C5 H11 N O2 S'  149.211 
NA  non-polymer         . 'SODIUM ION'                 ? 'Na 1'           22.990  
PHE 'L-peptide linking' y PHENYLALANINE                ? 'C9 H11 N O2'    165.189 
PRO 'L-peptide linking' y PROLINE                      ? 'C5 H9 N O2'     115.130 
SER 'L-peptide linking' y SERINE                       ? 'C3 H7 N O3'     105.093 
THR 'L-peptide linking' y THREONINE                    ? 'C4 H9 N O3'     119.119 
TRP 'L-peptide linking' y TRYPTOPHAN                   ? 'C11 H12 N2 O2'  204.225 
TYR 'L-peptide linking' y TYROSINE                     ? 'C9 H11 N O3'    181.189 
VAL 'L-peptide linking' y VALINE                       ? 'C5 H11 N O2'    117.146 
# 
_exptl.entry_id          3AH7 
_exptl.method            'X-RAY DIFFRACTION' 
_exptl.crystals_number   1 
# 
_exptl_crystal.id                    1 
_exptl_crystal.density_meas          ? 
_exptl_crystal.density_Matthews      3.23 
_exptl_crystal.density_percent_sol   61.97 
_exptl_crystal.description           ? 
_exptl_crystal.F_000                 ? 
_exptl_crystal.preparation           ? 
# 
_exptl_crystal_grow.crystal_id      1 
_exptl_crystal_grow.method          'VAPOR DIFFUSION, HANGING DROP' 
_exptl_crystal_grow.temp            293 
_exptl_crystal_grow.temp_details    ? 
_exptl_crystal_grow.pH              6.5 
_exptl_crystal_grow.pdbx_details    '1.6M trisodium citrate dihydrate, pH 6.5, VAPOR DIFFUSION, HANGING DROP, temperature 293K' 
_exptl_crystal_grow.pdbx_pH_range   . 
# 
_diffrn.id                     1 
_diffrn.ambient_temp           100 
_diffrn.ambient_temp_details   ? 
_diffrn.crystal_id             1 
# 
_diffrn_detector.diffrn_id              1 
_diffrn_detector.detector               CCD 
_diffrn_detector.type                   'ADSC QUANTUM 315' 
_diffrn_detector.pdbx_collection_date   2007-07-07 
_diffrn_detector.details                ? 
# 
_diffrn_radiation.diffrn_id                        1 
_diffrn_radiation.wavelength_id                    1 
_diffrn_radiation.pdbx_monochromatic_or_laue_m_l   M 
_diffrn_radiation.monochromator                    
'Rotated-inclined double-crystal monochromator (Si(111)), K-B mirror (Rh coated)' 
_diffrn_radiation.pdbx_diffrn_protocol             'SINGLE WAVELENGTH' 
_diffrn_radiation.pdbx_scattering_type             x-ray 
# 
_diffrn_radiation_wavelength.id           1 
_diffrn_radiation_wavelength.wavelength   1.0 
_diffrn_radiation_wavelength.wt           1.0 
# 
_diffrn_source.diffrn_id                   1 
_diffrn_source.source                      SYNCHROTRON 
_diffrn_source.type                        'SPRING-8 BEAMLINE BL41XU' 
_diffrn_source.pdbx_synchrotron_site       SPring-8 
_diffrn_source.pdbx_synchrotron_beamline   BL41XU 
_diffrn_source.pdbx_wavelength             ? 
_diffrn_source.pdbx_wavelength_list        1.0 
# 
_reflns.entry_id                     3AH7 
_reflns.observed_criterion_sigma_I   ? 
_reflns.observed_criterion_sigma_F   ? 
_reflns.d_resolution_low             75.81 
_reflns.d_resolution_high            1.90 
_reflns.number_obs                   13390 
_reflns.number_all                   ? 
_reflns.percent_possible_obs         98.6 
_reflns.pdbx_Rmerge_I_obs            0.116 
_reflns.pdbx_Rsym_value              ? 
_reflns.B_iso_Wilson_estimate        ? 
_reflns.pdbx_redundancy              9.1 
_reflns.pdbx_netI_over_sigmaI        8.7 
_reflns.R_free_details               ? 
_reflns.limit_h_max                  ? 
_reflns.limit_h_min                  ? 
_reflns.limit_k_max                  ? 
_reflns.limit_k_min                  ? 
_reflns.limit_l_max                  ? 
_reflns.limit_l_min                  ? 
_reflns.observed_criterion_F_max     ? 
_reflns.observed_criterion_F_min     ? 
_reflns.pdbx_chi_squared             ? 
_reflns.pdbx_scaling_rejects         ? 
_reflns.pdbx_diffrn_id               1 
_reflns.pdbx_ordinal                 1 
# 
_reflns_shell.d_res_high             1.90 
_reflns_shell.d_res_low              1.97 
_reflns_shell.percent_possible_all   97.8 
_reflns_shell.Rmerge_I_obs           0.35 
_reflns_shell.pdbx_Rsym_value        ? 
_reflns_shell.meanI_over_sigI_obs    ? 
_reflns_shell.pdbx_redundancy        9.0 
_reflns_shell.percent_possible_obs   ? 
_reflns_shell.number_unique_all      1285 
_reflns_shell.number_measured_all    ? 
_reflns_shell.number_measured_obs    ? 
_reflns_shell.number_unique_obs      ? 
_reflns_shell.pdbx_chi_squared       ? 
_reflns_shell.pdbx_diffrn_id         ? 
_reflns_shell.pdbx_ordinal           1 
# 
_refine.entry_id                                 3AH7 
_refine.ls_number_reflns_obs                     12725 
_refine.ls_number_reflns_all                     ? 
_refine.pdbx_ls_sigma_I                          ? 
_refine.pdbx_ls_sigma_F                          ? 
_refine.pdbx_data_cutoff_high_absF               ? 
_refine.pdbx_data_cutoff_low_absF                ? 
_refine.pdbx_data_cutoff_high_rms_absF           ? 
_refine.ls_d_res_low                             37.92 
_refine.ls_d_res_high                            1.90 
_refine.ls_percent_reflns_obs                    98.79 
_refine.ls_R_factor_obs                          0.18341 
_refine.ls_R_factor_all                          ? 
_refine.ls_R_factor_R_work                       0.18172 
_refine.ls_R_factor_R_free                       0.21562 
_refine.ls_R_factor_R_free_error                 ? 
_refine.ls_R_factor_R_free_error_details         ? 
_refine.ls_percent_reflns_R_free                 5.0 
_refine.ls_number_reflns_R_free                  664 
_refine.ls_number_parameters                     ? 
_refine.ls_number_restraints                     ? 
_refine.occupancy_min                            ? 
_refine.occupancy_max                            ? 
_refine.correlation_coeff_Fo_to_Fc               0.946 
_refine.correlation_coeff_Fo_to_Fc_free          0.927 
_refine.B_iso_mean                               18.387 
_refine.aniso_B[1][1]                            -0.29 
_refine.aniso_B[2][2]                            -0.29 
_refine.aniso_B[3][3]                            0.43 
_refine.aniso_B[1][2]                            -0.14 
_refine.aniso_B[1][3]                            0.00 
_refine.aniso_B[2][3]                            0.00 
_refine.solvent_model_details                    MASK 
_refine.solvent_model_param_ksol                 ? 
_refine.solvent_model_param_bsol                 ? 
_refine.pdbx_solvent_vdw_probe_radii             1.20 
_refine.pdbx_solvent_ion_probe_radii             0.80 
_refine.pdbx_solvent_shrinkage_radii             0.80 
_refine.pdbx_ls_cross_valid_method               THROUGHOUT 
_refine.details                                  'HYDROGENS HAVE BEEN ADDED IN THE RIDING POSITIONS' 
_refine.pdbx_starting_model                      'PDB ENTRY 1i7h' 
_refine.pdbx_method_to_determine_struct          'MOLECULAR REPLACEMENT' 
_refine.pdbx_isotropic_thermal_model             ? 
_refine.pdbx_stereochemistry_target_values       'MAXIMUM LIKELIHOOD' 
_refine.pdbx_stereochem_target_val_spec_case     ? 
_refine.pdbx_R_Free_selection_details            RANDOM 
_refine.pdbx_overall_ESU_R                       0.121 
_refine.pdbx_overall_ESU_R_Free                  0.118 
_refine.overall_SU_ML                            0.074 
_refine.overall_SU_B                             2.452 
_refine.ls_redundancy_reflns_obs                 ? 
_refine.B_iso_min                                ? 
_refine.B_iso_max                                ? 
_refine.overall_SU_R_Cruickshank_DPI             ? 
_refine.overall_SU_R_free                        ? 
_refine.ls_wR_factor_R_free                      ? 
_refine.ls_wR_factor_R_work                      ? 
_refine.overall_FOM_free_R_set                   ? 
_refine.overall_FOM_work_R_set                   ? 
_refine.pdbx_refine_id                           'X-RAY DIFFRACTION' 
_refine.pdbx_overall_phase_error                 ? 
_refine.pdbx_diffrn_id                           1 
_refine.pdbx_TLS_residual_ADP_flag               ? 
_refine.pdbx_overall_SU_R_free_Cruickshank_DPI   ? 
_refine.pdbx_overall_SU_R_Blow_DPI               ? 
_refine.pdbx_overall_SU_R_free_Blow_DPI          ? 
# 
_refine_hist.pdbx_refine_id                   'X-RAY DIFFRACTION' 
_refine_hist.cycle_id                         LAST 
_refine_hist.pdbx_number_atoms_protein        841 
_refine_hist.pdbx_number_atoms_nucleic_acid   0 
_refine_hist.pdbx_number_atoms_ligand         6 
_refine_hist.number_atoms_solvent             152 
_refine_hist.number_atoms_total               999 
_refine_hist.d_res_high                       1.90 
_refine_hist.d_res_low                        37.92 
# 
loop_
_refine_ls_restr.type 
_refine_ls_restr.dev_ideal 
_refine_ls_restr.dev_ideal_target 
_refine_ls_restr.weight 
_refine_ls_restr.number 
_refine_ls_restr.pdbx_refine_id 
_refine_ls_restr.pdbx_restraint_function 
r_bond_refined_d             0.013  0.021  ? 880  'X-RAY DIFFRACTION' ? 
r_bond_other_d               ?      ?      ? ?    'X-RAY DIFFRACTION' ? 
r_angle_refined_deg          1.558  1.975  ? 1195 'X-RAY DIFFRACTION' ? 
r_angle_other_deg            ?      ?      ? ?    'X-RAY DIFFRACTION' ? 
r_dihedral_angle_1_deg       6.430  5.000  ? 114  'X-RAY DIFFRACTION' ? 
r_dihedral_angle_2_deg       35.390 26.000 ? 40   'X-RAY DIFFRACTION' ? 
r_dihedral_angle_3_deg       12.532 15.000 ? 155  'X-RAY DIFFRACTION' ? 
r_dihedral_angle_4_deg       8.818  15.000 ? 2    'X-RAY DIFFRACTION' ? 
r_chiral_restr               0.097  0.200  ? 135  'X-RAY DIFFRACTION' ? 
r_gen_planes_refined         0.005  0.020  ? 664  'X-RAY DIFFRACTION' ? 
r_gen_planes_other           ?      ?      ? ?    'X-RAY DIFFRACTION' ? 
r_nbd_refined                0.202  0.200  ? 386  'X-RAY DIFFRACTION' ? 
r_nbd_other                  ?      ?      ? ?    'X-RAY DIFFRACTION' ? 
r_nbtor_refined              0.302  0.200  ? 606  'X-RAY DIFFRACTION' ? 
r_nbtor_other                ?      ?      ? ?    'X-RAY DIFFRACTION' ? 
r_xyhbond_nbd_refined        0.133  0.200  ? 111  'X-RAY DIFFRACTION' ? 
r_xyhbond_nbd_other          ?      ?      ? ?    'X-RAY DIFFRACTION' ? 
r_metal_ion_refined          ?      ?      ? ?    'X-RAY DIFFRACTION' ? 
r_metal_ion_other            ?      ?      ? ?    'X-RAY DIFFRACTION' ? 
r_symmetry_vdw_refined       0.167  0.200  ? 26   'X-RAY DIFFRACTION' ? 
r_symmetry_vdw_other         ?      ?      ? ?    'X-RAY DIFFRACTION' ? 
r_symmetry_hbond_refined     0.136  0.200  ? 16   'X-RAY DIFFRACTION' ? 
r_symmetry_hbond_other       ?      ?      ? ?    'X-RAY DIFFRACTION' ? 
r_symmetry_metal_ion_refined ?      ?      ? ?    'X-RAY DIFFRACTION' ? 
r_symmetry_metal_ion_other   ?      ?      ? ?    'X-RAY DIFFRACTION' ? 
r_mcbond_it                  0.764  1.500  ? 552  'X-RAY DIFFRACTION' ? 
r_mcbond_other               ?      ?      ? ?    'X-RAY DIFFRACTION' ? 
r_mcangle_it                 1.469  2.000  ? 892  'X-RAY DIFFRACTION' ? 
r_scbond_it                  2.525  3.000  ? 334  'X-RAY DIFFRACTION' ? 
r_scangle_it                 4.429  4.500  ? 298  'X-RAY DIFFRACTION' ? 
r_rigid_bond_restr           ?      ?      ? ?    'X-RAY DIFFRACTION' ? 
r_sphericity_free            ?      ?      ? ?    'X-RAY DIFFRACTION' ? 
r_sphericity_bonded          ?      ?      ? ?    'X-RAY DIFFRACTION' ? 
# 
_refine_ls_shell.pdbx_total_number_of_bins_used   20 
_refine_ls_shell.d_res_high                       1.900 
_refine_ls_shell.d_res_low                        1.949 
_refine_ls_shell.number_reflns_R_work             890 
_refine_ls_shell.R_factor_R_work                  0.203 
_refine_ls_shell.percent_reflns_obs               98.14 
_refine_ls_shell.R_factor_R_free                  0.212 
_refine_ls_shell.R_factor_R_free_error            ? 
_refine_ls_shell.percent_reflns_R_free            ? 
_refine_ls_shell.number_reflns_R_free             60 
_refine_ls_shell.number_reflns_all                ? 
_refine_ls_shell.R_factor_all                     ? 
_refine_ls_shell.number_reflns_obs                ? 
_refine_ls_shell.redundancy_reflns_obs            ? 
_refine_ls_shell.pdbx_refine_id                   'X-RAY DIFFRACTION' 
# 
_struct.entry_id                  3AH7 
_struct.title                     'Crystal structure of the ISC-like [2Fe-2S] ferredoxin (FdxB) from Pseudomonas putida JCM 20004' 
_struct.pdbx_model_details        ? 
_struct.pdbx_CASP_flag            N 
_struct.pdbx_model_type_details   ? 
# 
_struct_keywords.entry_id        3AH7 
_struct_keywords.pdbx_keywords   'METAL BINDING PROTEIN' 
_struct_keywords.text            
'ferredoxin, [2Fe-2S] cluster, iron-sulfur cluster biosynthesis, Pseudomonas, METAL BINDING PROTEIN' 
# 
loop_
_struct_asym.id 
_struct_asym.pdbx_blank_PDB_chainid_flag 
_struct_asym.pdbx_modified 
_struct_asym.entity_id 
_struct_asym.details 
A N N 1 ? 
B N N 2 ? 
C N N 3 ? 
D N N 4 ? 
E N N 5 ? 
# 
_struct_biol.id        1 
_struct_biol.details   ? 
# 
loop_
_struct_conf.conf_type_id 
_struct_conf.id 
_struct_conf.pdbx_PDB_helix_id 
_struct_conf.beg_label_comp_id 
_struct_conf.beg_label_asym_id 
_struct_conf.beg_label_seq_id 
_struct_conf.pdbx_beg_PDB_ins_code 
_struct_conf.end_label_comp_id 
_struct_conf.end_label_asym_id 
_struct_conf.end_label_seq_id 
_struct_conf.pdbx_end_PDB_ins_code 
_struct_conf.beg_auth_comp_id 
_struct_conf.beg_auth_asym_id 
_struct_conf.beg_auth_seq_id 
_struct_conf.end_auth_comp_id 
_struct_conf.end_auth_asym_id 
_struct_conf.end_auth_seq_id 
_struct_conf.pdbx_PDB_helix_class 
_struct_conf.details 
_struct_conf.pdbx_PDB_helix_length 
HELX_P HELX_P1 1 ASN A 26 ? HIS A 34 ? ASN A 25 HIS A 33 1 ? 9 
HELX_P HELX_P2 2 GLY A 58 ? LEU A 62 ? GLY A 57 LEU A 61 5 ? 5 
HELX_P HELX_P3 3 ASP A 66 ? ASP A 74 ? ASP A 65 ASP A 73 1 ? 9 
HELX_P HELX_P4 4 CYS A 87 ? VAL A 89 ? CYS A 86 VAL A 88 5 ? 3 
# 
_struct_conf_type.id          HELX_P 
_struct_conf_type.criteria    ? 
_struct_conf_type.reference   ? 
# 
loop_
_struct_conn.id 
_struct_conn.conn_type_id 
_struct_conn.pdbx_leaving_atom_flag 
_struct_conn.pdbx_PDB_id 
_struct_conn.ptnr1_label_asym_id 
_struct_conn.ptnr1_label_comp_id 
_struct_conn.ptnr1_label_seq_id 
_struct_conn.ptnr1_label_atom_id 
_struct_conn.pdbx_ptnr1_label_alt_id 
_struct_conn.pdbx_ptnr1_PDB_ins_code 
_struct_conn.pdbx_ptnr1_standard_comp_id 
_struct_conn.ptnr1_symmetry 
_struct_conn.ptnr2_label_asym_id 
_struct_conn.ptnr2_label_comp_id 
_struct_conn.ptnr2_label_seq_id 
_struct_conn.ptnr2_label_atom_id 
_struct_conn.pdbx_ptnr2_label_alt_id 
_struct_conn.pdbx_ptnr2_PDB_ins_code 
_struct_conn.ptnr1_auth_asym_id 
_struct_conn.ptnr1_auth_comp_id 
_struct_conn.ptnr1_auth_seq_id 
_struct_conn.ptnr2_auth_asym_id 
_struct_conn.ptnr2_auth_comp_id 
_struct_conn.ptnr2_auth_seq_id 
_struct_conn.ptnr2_symmetry 
_struct_conn.pdbx_ptnr3_label_atom_id 
_struct_conn.pdbx_ptnr3_label_seq_id 
_struct_conn.pdbx_ptnr3_label_comp_id 
_struct_conn.pdbx_ptnr3_label_asym_id 
_struct_conn.pdbx_ptnr3_label_alt_id 
_struct_conn.pdbx_ptnr3_PDB_ins_code 
_struct_conn.details 
_struct_conn.pdbx_dist_value 
_struct_conn.pdbx_value_order 
_struct_conn.pdbx_role 
metalc1 metalc ? ? A GLU 39 OE1 ? ? ? 1_555 C NA  . NA  ? ? A GLU 38  A NA  202 1_555 ? ? ? ? ? ? ? 2.513 ? ? 
metalc2 metalc ? ? A CYS 42 SG  ? ? ? 1_555 B FES . FE1 ? ? A CYS 41  A FES 201 1_555 ? ? ? ? ? ? ? 2.319 ? ? 
metalc3 metalc ? ? A CYS 48 SG  ? ? ? 1_555 B FES . FE1 ? ? A CYS 47  A FES 201 1_555 ? ? ? ? ? ? ? 2.319 ? ? 
metalc4 metalc ? ? A CYS 51 SG  ? ? ? 1_555 B FES . FE2 ? ? A CYS 50  A FES 201 1_555 ? ? ? ? ? ? ? 2.361 ? ? 
metalc5 metalc ? ? A CYS 87 SG  ? ? ? 1_555 B FES . FE2 ? ? A CYS 86  A FES 201 1_555 ? ? ? ? ? ? ? 2.308 ? ? 
metalc6 metalc ? ? C NA  .  NA  ? ? ? 1_555 E HOH . O   ? ? A NA  202 A HOH 323 1_555 ? ? ? ? ? ? ? 2.441 ? ? 
# 
_struct_conn_type.id          metalc 
_struct_conn_type.criteria    ? 
_struct_conn_type.reference   ? 
# 
_struct_sheet.id               A 
_struct_sheet.type             ? 
_struct_sheet.number_strands   5 
_struct_sheet.details          ? 
# 
loop_
_struct_sheet_order.sheet_id 
_struct_sheet_order.range_id_1 
_struct_sheet_order.range_id_2 
_struct_sheet_order.offset 
_struct_sheet_order.sense 
A 1 2 ? anti-parallel 
A 2 3 ? parallel      
A 3 4 ? anti-parallel 
A 4 5 ? anti-parallel 
# 
loop_
_struct_sheet_range.sheet_id 
_struct_sheet_range.id 
_struct_sheet_range.beg_label_comp_id 
_struct_sheet_range.beg_label_asym_id 
_struct_sheet_range.beg_label_seq_id 
_struct_sheet_range.pdbx_beg_PDB_ins_code 
_struct_sheet_range.end_label_comp_id 
_struct_sheet_range.end_label_asym_id 
_struct_sheet_range.end_label_seq_id 
_struct_sheet_range.pdbx_end_PDB_ins_code 
_struct_sheet_range.beg_auth_comp_id 
_struct_sheet_range.beg_auth_asym_id 
_struct_sheet_range.beg_auth_seq_id 
_struct_sheet_range.end_auth_comp_id 
_struct_sheet_range.end_auth_asym_id 
_struct_sheet_range.end_auth_seq_id 
A 1 LEU A 17 ? GLU A 20 ? LEU A 16 GLU A 19 
A 2 LEU A 3  ? PHE A 6  ? LEU A 2  PHE A 5  
A 3 LEU A 96 ? GLU A 99 ? LEU A 95 GLU A 98 
A 4 HIS A 52 ? LYS A 57 ? HIS A 51 LYS A 56 
A 5 SER A 83 ? LEU A 85 ? SER A 82 LEU A 84 
# 
loop_
_pdbx_struct_sheet_hbond.sheet_id 
_pdbx_struct_sheet_hbond.range_id_1 
_pdbx_struct_sheet_hbond.range_id_2 
_pdbx_struct_sheet_hbond.range_1_label_atom_id 
_pdbx_struct_sheet_hbond.range_1_label_comp_id 
_pdbx_struct_sheet_hbond.range_1_label_asym_id 
_pdbx_struct_sheet_hbond.range_1_label_seq_id 
_pdbx_struct_sheet_hbond.range_1_PDB_ins_code 
_pdbx_struct_sheet_hbond.range_1_auth_atom_id 
_pdbx_struct_sheet_hbond.range_1_auth_comp_id 
_pdbx_struct_sheet_hbond.range_1_auth_asym_id 
_pdbx_struct_sheet_hbond.range_1_auth_seq_id 
_pdbx_struct_sheet_hbond.range_2_label_atom_id 
_pdbx_struct_sheet_hbond.range_2_label_comp_id 
_pdbx_struct_sheet_hbond.range_2_label_asym_id 
_pdbx_struct_sheet_hbond.range_2_label_seq_id 
_pdbx_struct_sheet_hbond.range_2_PDB_ins_code 
_pdbx_struct_sheet_hbond.range_2_auth_atom_id 
_pdbx_struct_sheet_hbond.range_2_auth_comp_id 
_pdbx_struct_sheet_hbond.range_2_auth_asym_id 
_pdbx_struct_sheet_hbond.range_2_auth_seq_id 
A 1 2 O LEU A 17 ? O LEU A 16 N PHE A 6  ? N PHE A 5  
A 2 3 N THR A 5  ? N THR A 4  O ILE A 98 ? O ILE A 97 
A 3 4 O GLU A 99 ? O GLU A 98 N ILE A 54 ? N ILE A 53 
A 4 5 N CYS A 53 ? N CYS A 52 O ARG A 84 ? O ARG A 83 
# 
loop_
_struct_site.id 
_struct_site.pdbx_evidence_code 
_struct_site.pdbx_auth_asym_id 
_struct_site.pdbx_auth_comp_id 
_struct_site.pdbx_auth_seq_id 
_struct_site.pdbx_auth_ins_code 
_struct_site.pdbx_num_residues 
_struct_site.details 
AC1 Software A FES 201 ? 9 'BINDING SITE FOR RESIDUE FES A 201' 
AC2 Software A NA  202 ? 6 'BINDING SITE FOR RESIDUE NA A 202'  
AC3 Software A CL  203 ? 6 'BINDING SITE FOR RESIDUE CL A 203'  
# 
loop_
_struct_site_gen.id 
_struct_site_gen.site_id 
_struct_site_gen.pdbx_num_res 
_struct_site_gen.label_comp_id 
_struct_site_gen.label_asym_id 
_struct_site_gen.label_seq_id 
_struct_site_gen.pdbx_auth_ins_code 
_struct_site_gen.auth_comp_id 
_struct_site_gen.auth_asym_id 
_struct_site_gen.auth_seq_id 
_struct_site_gen.label_atom_id 
_struct_site_gen.label_alt_id 
_struct_site_gen.symmetry 
_struct_site_gen.details 
1  AC1 9 SER A 40  ? SER A 39  . ? 1_555 ? 
2  AC1 9 CYS A 42  ? CYS A 41  . ? 1_555 ? 
3  AC1 9 GLY A 44  ? GLY A 43  . ? 1_555 ? 
4  AC1 9 LYS A 46  ? LYS A 45  . ? 1_555 ? 
5  AC1 9 ALA A 47  ? ALA A 46  . ? 1_555 ? 
6  AC1 9 CYS A 48  ? CYS A 47  . ? 1_555 ? 
7  AC1 9 CYS A 51  ? CYS A 50  . ? 1_555 ? 
8  AC1 9 LEU A 85  ? LEU A 84  . ? 1_555 ? 
9  AC1 9 CYS A 87  ? CYS A 86  . ? 1_555 ? 
10 AC2 6 GLU A 39  ? GLU A 38  . ? 1_555 ? 
11 AC2 6 ASN A 106 ? ASN A 105 . ? 9_554 ? 
12 AC2 6 HIS A 107 ? HIS A 106 . ? 9_554 ? 
13 AC2 6 HOH E .   ? HOH A 314 . ? 9_554 ? 
14 AC2 6 HOH E .   ? HOH A 318 . ? 9_554 ? 
15 AC2 6 HOH E .   ? HOH A 323 . ? 1_555 ? 
16 AC3 6 THR A 49  ? THR A 48  . ? 1_555 ? 
17 AC3 6 ALA A 76  ? ALA A 75  . ? 1_555 ? 
18 AC3 6 TRP A 77  ? TRP A 76  . ? 1_555 ? 
19 AC3 6 SER A 104 ? SER A 103 . ? 1_555 ? 
20 AC3 6 LEU A 105 ? LEU A 104 . ? 1_555 ? 
21 AC3 6 HOH E .   ? HOH A 301 . ? 1_555 ? 
# 
_atom_sites.entry_id                    3AH7 
_atom_sites.fract_transf_matrix[1][1]   -0.00057275 
_atom_sites.fract_transf_matrix[1][2]   -0.00843053 
_atom_sites.fract_transf_matrix[1][3]   0.01012222 
_atom_sites.fract_transf_matrix[2][1]   -0.00899878 
_atom_sites.fract_transf_matrix[2][2]   0.00169107 
_atom_sites.fract_transf_matrix[2][3]   0.00948718 
_atom_sites.fract_transf_matrix[3][1]   -0.00881803 
_atom_sites.fract_transf_matrix[3][2]   -0.00777862 
_atom_sites.fract_transf_matrix[3][3]   -0.00697756 
_atom_sites.fract_transf_vector[1]      -0.003496 
_atom_sites.fract_transf_vector[2]      0.341881 
_atom_sites.fract_transf_vector[3]      0.038643 
# 
loop_
_atom_type.symbol 
C  
CL 
FE 
N  
NA 
O  
S  
# 
loop_
_atom_site.group_PDB 
_atom_site.id 
_atom_site.type_symbol 
_atom_site.label_atom_id 
_atom_site.label_alt_id 
_atom_site.label_comp_id 
_atom_site.label_asym_id 
_atom_site.label_entity_id 
_atom_site.label_seq_id 
_atom_site.pdbx_PDB_ins_code 
_atom_site.Cartn_x 
_atom_site.Cartn_y 
_atom_site.Cartn_z 
_atom_site.occupancy 
_atom_site.B_iso_or_equiv 
_atom_site.pdbx_formal_charge 
_atom_site.auth_seq_id 
_atom_site.auth_comp_id 
_atom_site.auth_asym_id 
_atom_site.auth_atom_id 
_atom_site.pdbx_PDB_model_num 
ATOM   1    N  N   . MET A 1 1   ? -10.916 -6.400  -16.085 1.00 28.22 ? 0   MET A N   1 
ATOM   2    C  CA  . MET A 1 1   ? -9.579  -6.324  -15.405 1.00 27.36 ? 0   MET A CA  1 
ATOM   3    C  C   . MET A 1 1   ? -9.524  -5.081  -14.485 1.00 25.10 ? 0   MET A C   1 
ATOM   4    O  O   . MET A 1 1   ? -9.709  -3.961  -14.955 1.00 24.74 ? 0   MET A O   1 
ATOM   5    C  CB  . MET A 1 1   ? -8.476  -6.296  -16.470 1.00 29.05 ? 0   MET A CB  1 
ATOM   6    C  CG  . MET A 1 1   ? -7.054  -6.527  -15.973 1.00 33.52 ? 0   MET A CG  1 
ATOM   7    S  SD  . MET A 1 1   ? -5.949  -7.268  -17.230 1.00 41.15 ? 0   MET A SD  1 
ATOM   8    C  CE  . MET A 1 1   ? -6.355  -8.999  -17.004 1.00 39.51 ? 0   MET A CE  1 
ATOM   9    N  N   . PRO A 1 2   ? -9.284  -5.278  -13.162 1.00 22.79 ? 1   PRO A N   1 
ATOM   10   C  CA  . PRO A 1 2   ? -9.313  -4.133  -12.239 1.00 21.78 ? 1   PRO A CA  1 
ATOM   11   C  C   . PRO A 1 2   ? -8.211  -3.119  -12.523 1.00 20.44 ? 1   PRO A C   1 
ATOM   12   O  O   . PRO A 1 2   ? -7.130  -3.498  -12.961 1.00 20.48 ? 1   PRO A O   1 
ATOM   13   C  CB  . PRO A 1 2   ? -9.111  -4.771  -10.850 1.00 21.67 ? 1   PRO A CB  1 
ATOM   14   C  CG  . PRO A 1 2   ? -9.345  -6.239  -11.031 1.00 23.34 ? 1   PRO A CG  1 
ATOM   15   C  CD  . PRO A 1 2   ? -8.998  -6.546  -12.472 1.00 22.62 ? 1   PRO A CD  1 
ATOM   16   N  N   . LEU A 1 3   ? -8.502  -1.845  -12.303 1.00 19.31 ? 2   LEU A N   1 
ATOM   17   C  CA  . LEU A 1 3   ? -7.491  -0.805  -12.401 1.00 19.00 ? 2   LEU A CA  1 
ATOM   18   C  C   . LEU A 1 3   ? -6.990  -0.470  -11.015 1.00 17.94 ? 2   LEU A C   1 
ATOM   19   O  O   . LEU A 1 3   ? -7.791  -0.299  -10.095 1.00 18.33 ? 2   LEU A O   1 
ATOM   20   C  CB  . LEU A 1 3   ? -8.065  0.485   -12.995 1.00 19.04 ? 2   LEU A CB  1 
ATOM   21   C  CG  . LEU A 1 3   ? -8.586  0.483   -14.427 1.00 21.59 ? 2   LEU A CG  1 
ATOM   22   C  CD1 . LEU A 1 3   ? -8.895  1.931   -14.814 1.00 23.01 ? 2   LEU A CD1 1 
ATOM   23   C  CD2 . LEU A 1 3   ? -7.553  -0.116  -15.358 1.00 23.78 ? 2   LEU A CD2 1 
ATOM   24   N  N   . VAL A 1 4   ? -5.674  -0.340  -10.891 1.00 16.96 ? 3   VAL A N   1 
ATOM   25   C  CA  . VAL A 1 4   ? -5.060  0.215   -9.686  1.00 15.51 ? 3   VAL A CA  1 
ATOM   26   C  C   . VAL A 1 4   ? -4.515  1.603   -9.998  1.00 15.65 ? 3   VAL A C   1 
ATOM   27   O  O   . VAL A 1 4   ? -3.761  1.802   -10.965 1.00 15.78 ? 3   VAL A O   1 
ATOM   28   C  CB  . VAL A 1 4   ? -3.928  -0.673  -9.153  1.00 15.25 ? 3   VAL A CB  1 
ATOM   29   C  CG1 . VAL A 1 4   ? -3.192  0.021   -7.974  1.00 14.40 ? 3   VAL A CG1 1 
ATOM   30   C  CG2 . VAL A 1 4   ? -4.464  -2.056  -8.748  1.00 15.69 ? 3   VAL A CG2 1 
ATOM   31   N  N   . THR A 1 5   ? -4.907  2.555   -9.171  1.00 15.13 ? 4   THR A N   1 
ATOM   32   C  CA  . THR A 1 5   ? -4.425  3.925   -9.249  1.00 15.72 ? 4   THR A CA  1 
ATOM   33   C  C   . THR A 1 5   ? -3.618  4.226   -7.984  1.00 15.88 ? 4   THR A C   1 
ATOM   34   O  O   . THR A 1 5   ? -4.115  4.067   -6.846  1.00 15.64 ? 4   THR A O   1 
ATOM   35   C  CB  . THR A 1 5   ? -5.608  4.906   -9.408  1.00 15.78 ? 4   THR A CB  1 
ATOM   36   O  OG1 . THR A 1 5   ? -6.289  4.606   -10.639 1.00 16.25 ? 4   THR A OG1 1 
ATOM   37   C  CG2 . THR A 1 5   ? -5.146  6.384   -9.408  1.00 17.22 ? 4   THR A CG2 1 
ATOM   38   N  N   . PHE A 1 6   ? -2.374  4.625   -8.194  1.00 14.46 ? 5   PHE A N   1 
ATOM   39   C  CA  . PHE A 1 6   ? -1.545  5.187   -7.133  1.00 14.58 ? 5   PHE A CA  1 
ATOM   40   C  C   . PHE A 1 6   ? -1.691  6.694   -7.267  1.00 15.22 ? 5   PHE A C   1 
ATOM   41   O  O   . PHE A 1 6   ? -1.415  7.271   -8.351  1.00 15.73 ? 5   PHE A O   1 
ATOM   42   C  CB  . PHE A 1 6   ? -0.066  4.787   -7.311  1.00 13.62 ? 5   PHE A CB  1 
ATOM   43   C  CG  . PHE A 1 6   ? 0.217   3.335   -7.021  1.00 16.23 ? 5   PHE A CG  1 
ATOM   44   C  CD1 . PHE A 1 6   ? 0.556   2.920   -5.724  1.00 14.66 ? 5   PHE A CD1 1 
ATOM   45   C  CD2 . PHE A 1 6   ? 0.153   2.382   -8.037  1.00 16.32 ? 5   PHE A CD2 1 
ATOM   46   C  CE1 . PHE A 1 6   ? 0.825   1.589   -5.440  1.00 15.71 ? 5   PHE A CE1 1 
ATOM   47   C  CE2 . PHE A 1 6   ? 0.403   1.031   -7.767  1.00 16.02 ? 5   PHE A CE2 1 
ATOM   48   C  CZ  . PHE A 1 6   ? 0.752   0.630   -6.469  1.00 16.87 ? 5   PHE A CZ  1 
ATOM   49   N  N   . LEU A 1 7   ? -2.135  7.344   -6.195  1.00 13.78 ? 6   LEU A N   1 
ATOM   50   C  CA  . LEU A 1 7   ? -2.263  8.795   -6.206  1.00 13.62 ? 6   LEU A CA  1 
ATOM   51   C  C   . LEU A 1 7   ? -0.866  9.441   -6.246  1.00 13.84 ? 6   LEU A C   1 
ATOM   52   O  O   . LEU A 1 7   ? 0.101   8.823   -5.806  1.00 13.04 ? 6   LEU A O   1 
ATOM   53   C  CB  . LEU A 1 7   ? -3.055  9.293   -5.008  1.00 13.48 ? 6   LEU A CB  1 
ATOM   54   C  CG  . LEU A 1 7   ? -4.532  8.845   -4.964  1.00 14.43 ? 6   LEU A CG  1 
ATOM   55   C  CD1 . LEU A 1 7   ? -5.160  9.219   -3.657  1.00 16.79 ? 6   LEU A CD1 1 
ATOM   56   C  CD2 . LEU A 1 7   ? -5.352  9.427   -6.132  1.00 16.10 ? 6   LEU A CD2 1 
ATOM   57   N  N   . PRO A 1 8   ? -0.761  10.666  -6.797  1.00 14.83 ? 7   PRO A N   1 
ATOM   58   C  CA  . PRO A 1 8   ? 0.570   11.311  -6.875  1.00 15.44 ? 7   PRO A CA  1 
ATOM   59   C  C   . PRO A 1 8   ? 1.225   11.478  -5.503  1.00 15.21 ? 7   PRO A C   1 
ATOM   60   O  O   . PRO A 1 8   ? 0.562   11.855  -4.530  1.00 15.26 ? 7   PRO A O   1 
ATOM   61   C  CB  . PRO A 1 8   ? 0.270   12.685  -7.496  1.00 15.48 ? 7   PRO A CB  1 
ATOM   62   C  CG  . PRO A 1 8   ? -1.036  12.488  -8.261  1.00 16.30 ? 7   PRO A CG  1 
ATOM   63   C  CD  . PRO A 1 8   ? -1.821  11.495  -7.418  1.00 15.23 ? 7   PRO A CD  1 
ATOM   64   N  N   . HIS A 1 9   ? 2.511   11.165  -5.440  1.00 15.86 ? 8   HIS A N   1 
ATOM   65   C  CA  . HIS A 1 9   ? 3.307   11.327  -4.230  1.00 16.95 ? 8   HIS A CA  1 
ATOM   66   C  C   . HIS A 1 9   ? 4.657   11.931  -4.656  1.00 18.15 ? 8   HIS A C   1 
ATOM   67   O  O   . HIS A 1 9   ? 5.330   11.359  -5.513  1.00 18.03 ? 8   HIS A O   1 
ATOM   68   C  CB  . HIS A 1 9   ? 3.534   9.956   -3.596  1.00 16.66 ? 8   HIS A CB  1 
ATOM   69   C  CG  . HIS A 1 9   ? 4.172   10.013  -2.241  1.00 16.42 ? 8   HIS A CG  1 
ATOM   70   N  ND1 . HIS A 1 9   ? 5.494   10.364  -2.053  1.00 16.45 ? 8   HIS A ND1 1 
ATOM   71   C  CD2 . HIS A 1 9   ? 3.669   9.760   -1.009  1.00 16.35 ? 8   HIS A CD2 1 
ATOM   72   C  CE1 . HIS A 1 9   ? 5.773   10.335  -0.759  1.00 18.73 ? 8   HIS A CE1 1 
ATOM   73   N  NE2 . HIS A 1 9   ? 4.684   9.964   -0.104  1.00 16.38 ? 8   HIS A NE2 1 
ATOM   74   N  N   . GLU A 1 10  ? 5.043   13.048  -4.035  1.00 19.52 ? 9   GLU A N   1 
ATOM   75   C  CA  A GLU A 1 10  ? 6.281   13.801  -4.356  0.50 20.78 ? 9   GLU A CA  1 
ATOM   76   C  CA  B GLU A 1 10  ? 6.248   13.774  -4.465  0.50 20.87 ? 9   GLU A CA  1 
ATOM   77   C  C   . GLU A 1 10  ? 7.528   12.944  -4.433  1.00 20.98 ? 9   GLU A C   1 
ATOM   78   O  O   . GLU A 1 10  ? 8.438   13.176  -5.253  1.00 21.98 ? 9   GLU A O   1 
ATOM   79   C  CB  A GLU A 1 10  ? 6.510   14.972  -3.362  0.50 21.09 ? 9   GLU A CB  1 
ATOM   80   C  CB  B GLU A 1 10  ? 6.432   15.068  -3.670  0.50 21.30 ? 9   GLU A CB  1 
ATOM   81   C  CG  A GLU A 1 10  ? 5.754   14.887  -2.007  0.50 22.36 ? 9   GLU A CG  1 
ATOM   82   C  CG  B GLU A 1 10  ? 5.210   15.972  -3.639  0.50 22.90 ? 9   GLU A CG  1 
ATOM   83   C  CD  A GLU A 1 10  ? 6.639   14.754  -0.745  0.50 23.32 ? 9   GLU A CD  1 
ATOM   84   C  CD  B GLU A 1 10  ? 5.433   17.220  -2.793  0.50 27.23 ? 9   GLU A CD  1 
ATOM   85   O  OE1 A GLU A 1 10  ? 7.586   15.567  -0.562  0.50 23.29 ? 9   GLU A OE1 1 
ATOM   86   O  OE1 B GLU A 1 10  ? 6.610   17.582  -2.546  0.50 26.75 ? 9   GLU A OE1 1 
ATOM   87   O  OE2 A GLU A 1 10  ? 6.347   13.858  0.088   0.50 17.38 ? 9   GLU A OE2 1 
ATOM   88   O  OE2 B GLU A 1 10  ? 4.426   17.843  -2.376  0.50 29.46 ? 9   GLU A OE2 1 
ATOM   89   N  N   . LYS A 1 11  ? 7.611   11.961  -3.545  1.00 20.77 ? 10  LYS A N   1 
ATOM   90   C  CA  . LYS A 1 11  ? 8.808   11.156  -3.502  1.00 20.97 ? 10  LYS A CA  1 
ATOM   91   C  C   . LYS A 1 11  ? 8.687   9.889   -4.339  1.00 21.65 ? 10  LYS A C   1 
ATOM   92   O  O   . LYS A 1 11  ? 9.576   9.599   -5.157  1.00 22.57 ? 10  LYS A O   1 
ATOM   93   C  CB  . LYS A 1 11  ? 9.262   10.900  -2.058  1.00 21.27 ? 10  LYS A CB  1 
ATOM   94   C  CG  . LYS A 1 11  ? 9.601   12.230  -1.332  1.00 22.17 ? 10  LYS A CG  1 
ATOM   95   C  CD  . LYS A 1 11  ? 10.388  12.026  -0.052  1.00 25.47 ? 10  LYS A CD  1 
ATOM   96   C  CE  . LYS A 1 11  ? 10.733  13.373  0.597   1.00 27.01 ? 10  LYS A CE  1 
ATOM   97   N  NZ  . LYS A 1 11  ? 11.724  14.200  -0.202  1.00 25.40 ? 10  LYS A NZ  1 
ATOM   98   N  N   . PHE A 1 12  ? 7.582   9.166   -4.209  1.00 19.80 ? 11  PHE A N   1 
ATOM   99   C  CA  . PHE A 1 12  ? 7.523   7.830   -4.805  1.00 19.18 ? 11  PHE A CA  1 
ATOM   100  C  C   . PHE A 1 12  ? 6.979   7.760   -6.220  1.00 19.27 ? 11  PHE A C   1 
ATOM   101  O  O   . PHE A 1 12  ? 7.347   6.846   -6.970  1.00 19.93 ? 11  PHE A O   1 
ATOM   102  C  CB  . PHE A 1 12  ? 6.693   6.884   -3.944  1.00 18.45 ? 11  PHE A CB  1 
ATOM   103  C  CG  . PHE A 1 12  ? 7.272   6.630   -2.584  1.00 16.85 ? 11  PHE A CG  1 
ATOM   104  C  CD1 . PHE A 1 12  ? 8.422   5.879   -2.427  1.00 17.12 ? 11  PHE A CD1 1 
ATOM   105  C  CD2 . PHE A 1 12  ? 6.636   7.119   -1.461  1.00 15.60 ? 11  PHE A CD2 1 
ATOM   106  C  CE1 . PHE A 1 12  ? 8.944   5.635   -1.141  1.00 18.50 ? 11  PHE A CE1 1 
ATOM   107  C  CE2 . PHE A 1 12  ? 7.138   6.877   -0.185  1.00 13.67 ? 11  PHE A CE2 1 
ATOM   108  C  CZ  . PHE A 1 12  ? 8.283   6.159   -0.019  1.00 14.53 ? 11  PHE A CZ  1 
ATOM   109  N  N   . CYS A 1 13  ? 6.075   8.672   -6.555  1.00 19.34 ? 12  CYS A N   1 
ATOM   110  C  CA  A CYS A 1 13  ? 5.402   8.650   -7.863  0.75 19.54 ? 12  CYS A CA  1 
ATOM   111  C  CA  B CYS A 1 13  ? 5.370   8.633   -7.835  0.25 19.90 ? 12  CYS A CA  1 
ATOM   112  C  C   . CYS A 1 13  ? 4.724   9.985   -8.147  1.00 19.84 ? 12  CYS A C   1 
ATOM   113  O  O   . CYS A 1 13  ? 3.502   10.122  -8.101  1.00 20.60 ? 12  CYS A O   1 
ATOM   114  C  CB  A CYS A 1 13  ? 4.435   7.462   -7.963  0.75 19.54 ? 12  CYS A CB  1 
ATOM   115  C  CB  B CYS A 1 13  ? 4.316   7.523   -7.796  0.25 19.87 ? 12  CYS A CB  1 
ATOM   116  S  SG  A CYS A 1 13  ? 3.352   7.251   -6.531  0.75 17.98 ? 12  CYS A SG  1 
ATOM   117  S  SG  B CYS A 1 13  ? 3.569   7.148   -9.373  0.25 20.44 ? 12  CYS A SG  1 
ATOM   118  N  N   . PRO A 1 14  ? 5.536   11.006  -8.464  1.00 20.45 ? 13  PRO A N   1 
ATOM   119  C  CA  . PRO A 1 14  ? 5.106   12.389  -8.583  1.00 20.66 ? 13  PRO A CA  1 
ATOM   120  C  C   . PRO A 1 14  ? 3.903   12.620  -9.501  1.00 21.32 ? 13  PRO A C   1 
ATOM   121  O  O   . PRO A 1 14  ? 3.104   13.532  -9.269  1.00 21.34 ? 13  PRO A O   1 
ATOM   122  C  CB  . PRO A 1 14  ? 6.345   13.080  -9.161  1.00 20.42 ? 13  PRO A CB  1 
ATOM   123  C  CG  . PRO A 1 14  ? 7.456   12.249  -8.739  1.00 21.36 ? 13  PRO A CG  1 
ATOM   124  C  CD  . PRO A 1 14  ? 6.971   10.857  -8.781  1.00 21.01 ? 13  PRO A CD  1 
ATOM   125  N  N   . GLU A 1 15  ? 3.772   11.786  -10.526 1.00 22.91 ? 14  GLU A N   1 
ATOM   126  C  CA  . GLU A 1 15  ? 2.685   11.944  -11.482 1.00 24.76 ? 14  GLU A CA  1 
ATOM   127  C  C   . GLU A 1 15  ? 1.566   10.925  -11.263 1.00 25.16 ? 14  GLU A C   1 
ATOM   128  O  O   . GLU A 1 15  ? 0.595   10.907  -12.014 1.00 25.51 ? 14  GLU A O   1 
ATOM   129  C  CB  . GLU A 1 15  ? 3.205   11.825  -12.913 1.00 25.43 ? 14  GLU A CB  1 
ATOM   130  C  CG  . GLU A 1 15  ? 4.531   12.545  -13.205 1.00 29.61 ? 14  GLU A CG  1 
ATOM   131  C  CD  . GLU A 1 15  ? 5.064   12.206  -14.598 1.00 34.94 ? 14  GLU A CD  1 
ATOM   132  O  OE1 . GLU A 1 15  ? 4.257   12.270  -15.566 1.00 37.97 ? 14  GLU A OE1 1 
ATOM   133  O  OE2 . GLU A 1 15  ? 6.270   11.856  -14.726 1.00 36.44 ? 14  GLU A OE2 1 
ATOM   134  N  N   . GLY A 1 16  ? 1.691   10.071  -10.248 1.00 24.63 ? 15  GLY A N   1 
ATOM   135  C  CA  . GLY A 1 16  ? 0.709   9.006   -10.064 1.00 24.17 ? 15  GLY A CA  1 
ATOM   136  C  C   . GLY A 1 16  ? 0.885   7.914   -11.115 1.00 24.32 ? 15  GLY A C   1 
ATOM   137  O  O   . GLY A 1 16  ? 1.720   8.033   -12.024 1.00 24.75 ? 15  GLY A O   1 
ATOM   138  N  N   . LEU A 1 17  ? 0.112   6.841   -10.991 1.00 22.81 ? 16  LEU A N   1 
ATOM   139  C  CA  . LEU A 1 17  ? 0.182   5.721   -11.916 1.00 21.71 ? 16  LEU A CA  1 
ATOM   140  C  C   . LEU A 1 17  ? -1.170  5.025   -11.929 1.00 21.54 ? 16  LEU A C   1 
ATOM   141  O  O   . LEU A 1 17  ? -1.732  4.751   -10.872 1.00 19.80 ? 16  LEU A O   1 
ATOM   142  C  CB  . LEU A 1 17  ? 1.256   4.713   -11.481 1.00 22.33 ? 16  LEU A CB  1 
ATOM   143  C  CG  . LEU A 1 17  ? 1.451   3.396   -12.255 1.00 24.15 ? 16  LEU A CG  1 
ATOM   144  C  CD1 . LEU A 1 17  ? 2.603   3.503   -13.233 1.00 25.37 ? 16  LEU A CD1 1 
ATOM   145  C  CD2 . LEU A 1 17  ? 1.702   2.196   -11.324 1.00 25.13 ? 16  LEU A CD2 1 
ATOM   146  N  N   . THR A 1 18  ? -1.685  4.731   -13.126 1.00 20.64 ? 17  THR A N   1 
ATOM   147  C  CA  . THR A 1 18  ? -2.898  3.905   -13.266 1.00 20.17 ? 17  THR A CA  1 
ATOM   148  C  C   . THR A 1 18  ? -2.553  2.744   -14.163 1.00 20.17 ? 17  THR A C   1 
ATOM   149  O  O   . THR A 1 18  ? -2.017  2.938   -15.266 1.00 18.65 ? 17  THR A O   1 
ATOM   150  C  CB  . THR A 1 18  ? -4.091  4.683   -13.844 1.00 20.58 ? 17  THR A CB  1 
ATOM   151  O  OG1 . THR A 1 18  ? -4.358  5.828   -13.033 1.00 21.78 ? 17  THR A OG1 1 
ATOM   152  C  CG2 . THR A 1 18  ? -5.361  3.799   -13.909 1.00 20.32 ? 17  THR A CG2 1 
ATOM   153  N  N   . VAL A 1 19  ? -2.817  1.538   -13.677 1.00 19.51 ? 18  VAL A N   1 
ATOM   154  C  CA  . VAL A 1 19  ? -2.492  0.332   -14.418 1.00 19.89 ? 18  VAL A CA  1 
ATOM   155  C  C   . VAL A 1 19  ? -3.578  -0.752  -14.290 1.00 20.63 ? 18  VAL A C   1 
ATOM   156  O  O   . VAL A 1 19  ? -4.115  -0.961  -13.204 1.00 19.87 ? 18  VAL A O   1 
ATOM   157  C  CB  . VAL A 1 19  ? -1.096  -0.206  -13.988 1.00 20.06 ? 18  VAL A CB  1 
ATOM   158  C  CG1 . VAL A 1 19  ? -1.105  -0.670  -12.523 1.00 20.83 ? 18  VAL A CG1 1 
ATOM   159  C  CG2 . VAL A 1 19  ? -0.614  -1.301  -14.912 1.00 20.42 ? 18  VAL A CG2 1 
ATOM   160  N  N   . GLU A 1 20  ? -3.889  -1.430  -15.404 1.00 21.03 ? 19  GLU A N   1 
ATOM   161  C  CA  . GLU A 1 20  ? -4.739  -2.639  -15.427 1.00 21.89 ? 19  GLU A CA  1 
ATOM   162  C  C   . GLU A 1 20  ? -3.979  -3.851  -14.912 1.00 21.42 ? 19  GLU A C   1 
ATOM   163  O  O   . GLU A 1 20  ? -2.895  -4.156  -15.395 1.00 21.92 ? 19  GLU A O   1 
ATOM   164  C  CB  . GLU A 1 20  ? -5.186  -2.971  -16.870 1.00 22.13 ? 19  GLU A CB  1 
ATOM   165  C  CG  . GLU A 1 20  ? -6.397  -2.257  -17.335 1.00 24.64 ? 19  GLU A CG  1 
ATOM   166  C  CD  . GLU A 1 20  ? -6.738  -2.539  -18.796 1.00 26.56 ? 19  GLU A CD  1 
ATOM   167  O  OE1 . GLU A 1 20  ? -5.832  -2.827  -19.613 1.00 26.18 ? 19  GLU A OE1 1 
ATOM   168  O  OE2 . GLU A 1 20  ? -7.935  -2.453  -19.114 1.00 30.48 ? 19  GLU A OE2 1 
ATOM   169  N  N   . VAL A 1 21  ? -4.550  -4.570  -13.955 1.00 20.86 ? 20  VAL A N   1 
ATOM   170  C  CA  . VAL A 1 21  ? -3.848  -5.704  -13.370 1.00 20.63 ? 20  VAL A CA  1 
ATOM   171  C  C   . VAL A 1 21  ? -4.776  -6.883  -13.220 1.00 21.52 ? 20  VAL A C   1 
ATOM   172  O  O   . VAL A 1 21  ? -5.998  -6.723  -13.168 1.00 22.12 ? 20  VAL A O   1 
ATOM   173  C  CB  . VAL A 1 21  ? -3.209  -5.362  -11.969 1.00 20.55 ? 20  VAL A CB  1 
ATOM   174  C  CG1 . VAL A 1 21  ? -2.325  -4.131  -12.068 1.00 19.58 ? 20  VAL A CG1 1 
ATOM   175  C  CG2 . VAL A 1 21  ? -4.300  -5.115  -10.926 1.00 18.84 ? 20  VAL A CG2 1 
ATOM   176  N  N   . LYS A 1 22  ? -4.196  -8.072  -13.121 1.00 22.46 ? 21  LYS A N   1 
ATOM   177  C  CA  . LYS A 1 22  ? -4.978  -9.268  -12.858 1.00 23.40 ? 21  LYS A CA  1 
ATOM   178  C  C   . LYS A 1 22  ? -5.415  -9.322  -11.398 1.00 23.29 ? 21  LYS A C   1 
ATOM   179  O  O   . LYS A 1 22  ? -4.669  -8.875  -10.501 1.00 23.04 ? 21  LYS A O   1 
ATOM   180  C  CB  . LYS A 1 22  ? -4.156  -10.508 -13.154 1.00 24.21 ? 21  LYS A CB  1 
ATOM   181  C  CG  . LYS A 1 22  ? -3.910  -10.787 -14.623 1.00 27.69 ? 21  LYS A CG  1 
ATOM   182  C  CD  . LYS A 1 22  ? -3.243  -12.153 -14.756 1.00 33.56 ? 21  LYS A CD  1 
ATOM   183  C  CE  . LYS A 1 22  ? -4.232  -13.298 -14.456 1.00 36.32 ? 21  LYS A CE  1 
ATOM   184  N  NZ  . LYS A 1 22  ? -3.677  -14.631 -14.877 1.00 39.45 ? 21  LYS A NZ  1 
ATOM   185  N  N   . PRO A 1 23  ? -6.619  -9.870  -11.138 1.00 23.03 ? 22  PRO A N   1 
ATOM   186  C  CA  . PRO A 1 23  ? -6.981  -10.235 -9.769  1.00 22.39 ? 22  PRO A CA  1 
ATOM   187  C  C   . PRO A 1 23  ? -5.891  -11.084 -9.127  1.00 21.43 ? 22  PRO A C   1 
ATOM   188  O  O   . PRO A 1 23  ? -5.310  -11.944 -9.786  1.00 20.97 ? 22  PRO A O   1 
ATOM   189  C  CB  . PRO A 1 23  ? -8.277  -11.040 -9.956  1.00 22.56 ? 22  PRO A CB  1 
ATOM   190  C  CG  . PRO A 1 23  ? -8.892  -10.441 -11.193 1.00 23.11 ? 22  PRO A CG  1 
ATOM   191  C  CD  . PRO A 1 23  ? -7.726  -10.121 -12.091 1.00 23.40 ? 22  PRO A CD  1 
ATOM   192  N  N   . GLY A 1 24  ? -5.580  -10.805 -7.866  1.00 20.58 ? 23  GLY A N   1 
ATOM   193  C  CA  . GLY A 1 24  ? -4.501  -11.489 -7.174  1.00 19.55 ? 23  GLY A CA  1 
ATOM   194  C  C   . GLY A 1 24  ? -3.145  -10.791 -7.217  1.00 18.96 ? 23  GLY A C   1 
ATOM   195  O  O   . GLY A 1 24  ? -2.189  -11.253 -6.572  1.00 18.87 ? 23  GLY A O   1 
ATOM   196  N  N   . THR A 1 25  ? -3.052  -9.699  -7.971  1.00 17.94 ? 24  THR A N   1 
ATOM   197  C  CA  . THR A 1 25  ? -1.825  -8.883  -8.019  1.00 17.99 ? 24  THR A CA  1 
ATOM   198  C  C   . THR A 1 25  ? -1.544  -8.296  -6.628  1.00 17.24 ? 24  THR A C   1 
ATOM   199  O  O   . THR A 1 25  ? -2.469  -7.771  -6.011  1.00 15.87 ? 24  THR A O   1 
ATOM   200  C  CB  . THR A 1 25  ? -1.998  -7.732  -9.039  1.00 18.35 ? 24  THR A CB  1 
ATOM   201  O  OG1 . THR A 1 25  ? -2.203  -8.287  -10.338 1.00 19.10 ? 24  THR A OG1 1 
ATOM   202  C  CG2 . THR A 1 25  ? -0.776  -6.832  -9.086  1.00 18.22 ? 24  THR A CG2 1 
ATOM   203  N  N   . ASN A 1 26  ? -0.296  -8.415  -6.149  1.00 16.60 ? 25  ASN A N   1 
ATOM   204  C  CA  . ASN A 1 26  ? 0.142   -7.826  -4.858  1.00 15.76 ? 25  ASN A CA  1 
ATOM   205  C  C   . ASN A 1 26  ? 0.529   -6.360  -5.053  1.00 14.56 ? 25  ASN A C   1 
ATOM   206  O  O   . ASN A 1 26  ? 1.273   -6.024  -5.976  1.00 14.13 ? 25  ASN A O   1 
ATOM   207  C  CB  . ASN A 1 26  ? 1.306   -8.632  -4.278  1.00 15.67 ? 25  ASN A CB  1 
ATOM   208  C  CG  . ASN A 1 26  ? 1.790   -8.097  -2.944  1.00 17.24 ? 25  ASN A CG  1 
ATOM   209  O  OD1 . ASN A 1 26  ? 2.651   -7.203  -2.880  1.00 16.25 ? 25  ASN A OD1 1 
ATOM   210  N  ND2 . ASN A 1 26  ? 1.254   -8.662  -1.863  1.00 17.33 ? 25  ASN A ND2 1 
ATOM   211  N  N   . ILE A 1 27  ? -0.005  -5.477  -4.210  1.00 13.51 ? 26  ILE A N   1 
ATOM   212  C  CA  . ILE A 1 27  ? 0.189   -4.027  -4.397  1.00 13.75 ? 26  ILE A CA  1 
ATOM   213  C  C   . ILE A 1 27  ? 1.665   -3.601  -4.273  1.00 13.76 ? 26  ILE A C   1 
ATOM   214  O  O   . ILE A 1 27  ? 2.161   -2.787  -5.053  1.00 13.37 ? 26  ILE A O   1 
ATOM   215  C  CB  . ILE A 1 27  ? -0.748  -3.217  -3.444  1.00 13.97 ? 26  ILE A CB  1 
ATOM   216  C  CG1 . ILE A 1 27  ? -2.185  -3.232  -3.980  1.00 15.14 ? 26  ILE A CG1 1 
ATOM   217  C  CG2 . ILE A 1 27  ? -0.259  -1.766  -3.213  1.00 15.25 ? 26  ILE A CG2 1 
ATOM   218  C  CD1 . ILE A 1 27  ? -2.333  -2.614  -5.391  1.00 15.19 ? 26  ILE A CD1 1 
ATOM   219  N  N   . LEU A 1 28  ? 2.355   -4.150  -3.287  1.00 14.03 ? 27  LEU A N   1 
ATOM   220  C  CA  . LEU A 1 28  ? 3.768   -3.825  -3.108  1.00 14.63 ? 27  LEU A CA  1 
ATOM   221  C  C   . LEU A 1 28  ? 4.589   -4.297  -4.314  1.00 14.92 ? 27  LEU A C   1 
ATOM   222  O  O   . LEU A 1 28  ? 5.444   -3.577  -4.828  1.00 15.05 ? 27  LEU A O   1 
ATOM   223  C  CB  . LEU A 1 28  ? 4.292   -4.439  -1.810  1.00 14.77 ? 27  LEU A CB  1 
ATOM   224  C  CG  . LEU A 1 28  ? 5.778   -4.163  -1.543  1.00 16.14 ? 27  LEU A CG  1 
ATOM   225  C  CD1 . LEU A 1 28  ? 6.026   -2.683  -1.387  1.00 16.54 ? 27  LEU A CD1 1 
ATOM   226  C  CD2 . LEU A 1 28  ? 6.254   -4.934  -0.310  1.00 19.51 ? 27  LEU A CD2 1 
ATOM   227  N  N   . GLU A 1 29  ? 4.320   -5.517  -4.751  1.00 15.94 ? 28  GLU A N   1 
ATOM   228  C  CA  . GLU A 1 29  ? 5.000   -6.069  -5.912  1.00 16.85 ? 28  GLU A CA  1 
ATOM   229  C  C   . GLU A 1 29  ? 4.749   -5.197  -7.139  1.00 15.80 ? 28  GLU A C   1 
ATOM   230  O  O   . GLU A 1 29  ? 5.678   -4.905  -7.890  1.00 15.91 ? 28  GLU A O   1 
ATOM   231  C  CB  . GLU A 1 29  ? 4.580   -7.515  -6.144  1.00 17.46 ? 28  GLU A CB  1 
ATOM   232  C  CG  . GLU A 1 29  ? 5.195   -8.491  -5.167  1.00 22.67 ? 28  GLU A CG  1 
ATOM   233  C  CD  . GLU A 1 29  ? 4.716   -9.925  -5.365  1.00 29.03 ? 28  GLU A CD  1 
ATOM   234  O  OE1 . GLU A 1 29  ? 4.119   -10.234 -6.426  1.00 29.40 ? 28  GLU A OE1 1 
ATOM   235  O  OE2 . GLU A 1 29  ? 4.953   -10.750 -4.448  1.00 33.06 ? 28  GLU A OE2 1 
ATOM   236  N  N   . LEU A 1 30  ? 3.504   -4.757  -7.317  1.00 15.16 ? 29  LEU A N   1 
ATOM   237  C  CA  . LEU A 1 30  ? 3.118   -3.907  -8.440  1.00 15.07 ? 29  LEU A CA  1 
ATOM   238  C  C   . LEU A 1 30  ? 3.824   -2.567  -8.408  1.00 14.87 ? 29  LEU A C   1 
ATOM   239  O  O   . LEU A 1 30  ? 4.308   -2.083  -9.432  1.00 14.50 ? 29  LEU A O   1 
ATOM   240  C  CB  . LEU A 1 30  ? 1.595   -3.684  -8.457  1.00 15.25 ? 29  LEU A CB  1 
ATOM   241  C  CG  . LEU A 1 30  ? 1.001   -2.794  -9.556  1.00 14.92 ? 29  LEU A CG  1 
ATOM   242  C  CD1 . LEU A 1 30  ? 1.152   -3.429  -10.965 1.00 15.83 ? 29  LEU A CD1 1 
ATOM   243  C  CD2 . LEU A 1 30  ? -0.474  -2.500  -9.244  1.00 14.00 ? 29  LEU A CD2 1 
ATOM   244  N  N   . ALA A 1 31  ? 3.864   -1.958  -7.223  1.00 13.98 ? 30  ALA A N   1 
ATOM   245  C  CA  . ALA A 1 31  ? 4.532   -0.690  -7.045  1.00 14.68 ? 30  ALA A CA  1 
ATOM   246  C  C   . ALA A 1 31  ? 5.981   -0.858  -7.468  1.00 14.55 ? 30  ALA A C   1 
ATOM   247  O  O   . ALA A 1 31  ? 6.491   -0.063  -8.246  1.00 15.36 ? 30  ALA A O   1 
ATOM   248  C  CB  . ALA A 1 31  ? 4.448   -0.227  -5.567  1.00 13.66 ? 30  ALA A CB  1 
ATOM   249  N  N   . HIS A 1 32  ? 6.628   -1.908  -6.973  1.00 15.88 ? 31  HIS A N   1 
ATOM   250  C  CA  . HIS A 1 32  ? 8.044   -2.131  -7.311  1.00 17.21 ? 31  HIS A CA  1 
ATOM   251  C  C   . HIS A 1 32  ? 8.248   -2.420  -8.795  1.00 18.78 ? 31  HIS A C   1 
ATOM   252  O  O   . HIS A 1 32  ? 9.244   -1.965  -9.379  1.00 19.53 ? 31  HIS A O   1 
ATOM   253  C  CB  . HIS A 1 32  ? 8.671   -3.196  -6.430  1.00 16.51 ? 31  HIS A CB  1 
ATOM   254  C  CG  . HIS A 1 32  ? 8.866   -2.745  -5.012  1.00 18.51 ? 31  HIS A CG  1 
ATOM   255  N  ND1 . HIS A 1 32  ? 9.162   -3.612  -3.985  1.00 20.02 ? 31  HIS A ND1 1 
ATOM   256  C  CD2 . HIS A 1 32  ? 8.772   -1.513  -4.452  1.00 17.75 ? 31  HIS A CD2 1 
ATOM   257  C  CE1 . HIS A 1 32  ? 9.269   -2.934  -2.855  1.00 20.33 ? 31  HIS A CE1 1 
ATOM   258  N  NE2 . HIS A 1 32  ? 9.045   -1.654  -3.113  1.00 19.16 ? 31  HIS A NE2 1 
ATOM   259  N  N   . ASP A 1 33  ? 7.294   -3.121  -9.410  1.00 19.72 ? 32  ASP A N   1 
ATOM   260  C  CA  . ASP A 1 33  ? 7.344   -3.378  -10.857 1.00 21.31 ? 32  ASP A CA  1 
ATOM   261  C  C   . ASP A 1 33  ? 7.321   -2.091  -11.668 1.00 20.97 ? 32  ASP A C   1 
ATOM   262  O  O   . ASP A 1 33  ? 7.807   -2.054  -12.801 1.00 22.22 ? 32  ASP A O   1 
ATOM   263  C  CB  . ASP A 1 33  ? 6.188   -4.283  -11.311 1.00 21.83 ? 32  ASP A CB  1 
ATOM   264  C  CG  . ASP A 1 33  ? 6.372   -5.732  -10.896 1.00 25.25 ? 32  ASP A CG  1 
ATOM   265  O  OD1 . ASP A 1 33  ? 7.470   -6.095  -10.417 1.00 28.46 ? 32  ASP A OD1 1 
ATOM   266  O  OD2 . ASP A 1 33  ? 5.390   -6.514  -11.017 1.00 26.62 ? 32  ASP A OD2 1 
ATOM   267  N  N   . HIS A 1 34  ? 6.758   -1.036  -11.102 1.00 20.13 ? 33  HIS A N   1 
ATOM   268  C  CA  . HIS A 1 34  ? 6.666   0.240   -11.784 1.00 19.80 ? 33  HIS A CA  1 
ATOM   269  C  C   . HIS A 1 34  ? 7.567   1.308   -11.171 1.00 19.36 ? 33  HIS A C   1 
ATOM   270  O  O   . HIS A 1 34  ? 7.330   2.496   -11.348 1.00 19.10 ? 33  HIS A O   1 
ATOM   271  C  CB  . HIS A 1 34  ? 5.213   0.707   -11.879 1.00 19.77 ? 33  HIS A CB  1 
ATOM   272  C  CG  . HIS A 1 34  ? 4.386   -0.153  -12.787 1.00 20.55 ? 33  HIS A CG  1 
ATOM   273  N  ND1 . HIS A 1 34  ? 4.303   0.064   -14.149 1.00 19.71 ? 33  HIS A ND1 1 
ATOM   274  C  CD2 . HIS A 1 34  ? 3.664   -1.274  -12.537 1.00 19.50 ? 33  HIS A CD2 1 
ATOM   275  C  CE1 . HIS A 1 34  ? 3.533   -0.864  -14.692 1.00 19.77 ? 33  HIS A CE1 1 
ATOM   276  N  NE2 . HIS A 1 34  ? 3.137   -1.694  -13.737 1.00 17.62 ? 33  HIS A NE2 1 
ATOM   277  N  N   . HIS A 1 35  ? 8.603   0.852   -10.472 1.00 20.28 ? 34  HIS A N   1 
ATOM   278  C  CA  . HIS A 1 35  ? 9.589   1.730   -9.800  1.00 21.34 ? 34  HIS A CA  1 
ATOM   279  C  C   . HIS A 1 35  ? 8.938   2.808   -8.951  1.00 20.37 ? 34  HIS A C   1 
ATOM   280  O  O   . HIS A 1 35  ? 9.314   3.991   -8.990  1.00 20.89 ? 34  HIS A O   1 
ATOM   281  C  CB  . HIS A 1 35  ? 10.563  2.341   -10.817 1.00 23.10 ? 34  HIS A CB  1 
ATOM   282  C  CG  . HIS A 1 35  ? 11.082  1.347   -11.802 1.00 26.32 ? 34  HIS A CG  1 
ATOM   283  N  ND1 . HIS A 1 35  ? 11.933  0.322   -11.444 1.00 30.82 ? 34  HIS A ND1 1 
ATOM   284  C  CD2 . HIS A 1 35  ? 10.846  1.201   -13.128 1.00 30.41 ? 34  HIS A CD2 1 
ATOM   285  C  CE1 . HIS A 1 35  ? 12.204  -0.412  -12.510 1.00 31.71 ? 34  HIS A CE1 1 
ATOM   286  N  NE2 . HIS A 1 35  ? 11.557  0.101   -13.545 1.00 32.41 ? 34  HIS A NE2 1 
ATOM   287  N  N   . ILE A 1 36  ? 7.925   2.387   -8.206  1.00 18.20 ? 35  ILE A N   1 
ATOM   288  C  CA  . ILE A 1 36  ? 7.368   3.192   -7.137  1.00 16.48 ? 35  ILE A CA  1 
ATOM   289  C  C   . ILE A 1 36  ? 7.992   2.502   -5.934  1.00 15.76 ? 35  ILE A C   1 
ATOM   290  O  O   . ILE A 1 36  ? 7.548   1.429   -5.526  1.00 14.70 ? 35  ILE A O   1 
ATOM   291  C  CB  . ILE A 1 36  ? 5.811   3.142   -7.123  1.00 16.43 ? 35  ILE A CB  1 
ATOM   292  C  CG1 . ILE A 1 36  ? 5.261   3.732   -8.436  1.00 16.18 ? 35  ILE A CG1 1 
ATOM   293  C  CG2 . ILE A 1 36  ? 5.256   3.913   -5.927  1.00 14.54 ? 35  ILE A CG2 1 
ATOM   294  C  CD1 . ILE A 1 36  ? 3.757   3.573   -8.605  1.00 18.43 ? 35  ILE A CD1 1 
ATOM   295  N  N   . GLU A 1 37  ? 9.084   3.074   -5.442  1.00 15.83 ? 36  GLU A N   1 
ATOM   296  C  CA  . GLU A 1 37  ? 9.969   2.356   -4.516  1.00 17.06 ? 36  GLU A CA  1 
ATOM   297  C  C   . GLU A 1 37  ? 9.543   2.454   -3.056  1.00 17.15 ? 36  GLU A C   1 
ATOM   298  O  O   . GLU A 1 37  ? 10.323  2.897   -2.183  1.00 16.74 ? 36  GLU A O   1 
ATOM   299  C  CB  . GLU A 1 37  ? 11.432  2.801   -4.693  1.00 17.94 ? 36  GLU A CB  1 
ATOM   300  C  CG  . GLU A 1 37  ? 11.915  2.762   -6.160  1.00 21.56 ? 36  GLU A CG  1 
ATOM   301  C  CD  . GLU A 1 37  ? 11.968  1.357   -6.765  1.00 27.16 ? 36  GLU A CD  1 
ATOM   302  O  OE1 . GLU A 1 37  ? 11.843  0.344   -6.036  1.00 29.31 ? 36  GLU A OE1 1 
ATOM   303  O  OE2 . GLU A 1 37  ? 12.177  1.267   -7.996  1.00 30.13 ? 36  GLU A OE2 1 
ATOM   304  N  N   . MET A 1 38  ? 8.294   2.054   -2.817  1.00 16.37 ? 37  MET A N   1 
ATOM   305  C  CA  A MET A 1 38  ? 7.787   1.891   -1.457  0.50 16.39 ? 37  MET A CA  1 
ATOM   306  C  CA  B MET A 1 38  ? 7.770   1.870   -1.473  0.50 16.83 ? 37  MET A CA  1 
ATOM   307  C  C   . MET A 1 38  ? 8.768   1.025   -0.679  1.00 16.37 ? 37  MET A C   1 
ATOM   308  O  O   . MET A 1 38  ? 9.239   -0.002  -1.166  1.00 16.00 ? 37  MET A O   1 
ATOM   309  C  CB  A MET A 1 38  ? 6.412   1.220   -1.463  0.50 15.89 ? 37  MET A CB  1 
ATOM   310  C  CB  B MET A 1 38  ? 6.412   1.167   -1.572  0.50 16.69 ? 37  MET A CB  1 
ATOM   311  C  CG  A MET A 1 38  ? 5.295   2.083   -2.006  0.50 16.66 ? 37  MET A CG  1 
ATOM   312  C  CG  B MET A 1 38  ? 5.878   0.569   -0.287  0.50 19.18 ? 37  MET A CG  1 
ATOM   313  S  SD  A MET A 1 38  ? 3.743   1.166   -2.099  0.50 14.37 ? 37  MET A SD  1 
ATOM   314  S  SD  B MET A 1 38  ? 4.079   0.402   -0.363  0.50 22.77 ? 37  MET A SD  1 
ATOM   315  C  CE  A MET A 1 38  ? 2.974   1.545   -0.523  0.50 16.07 ? 37  MET A CE  1 
ATOM   316  C  CE  B MET A 1 38  ? 3.671   2.072   0.146   0.50 18.39 ? 37  MET A CE  1 
ATOM   317  N  N   . GLU A 1 39  ? 9.104   1.469   0.526   1.00 16.45 ? 38  GLU A N   1 
ATOM   318  C  CA  . GLU A 1 39  ? 10.028  0.722   1.370   1.00 16.94 ? 38  GLU A CA  1 
ATOM   319  C  C   . GLU A 1 39  ? 9.330   -0.516  1.889   1.00 16.94 ? 38  GLU A C   1 
ATOM   320  O  O   . GLU A 1 39  ? 8.105   -0.513  2.100   1.00 17.11 ? 38  GLU A O   1 
ATOM   321  C  CB  . GLU A 1 39  ? 10.508  1.622   2.517   1.00 17.32 ? 38  GLU A CB  1 
ATOM   322  C  CG  . GLU A 1 39  ? 11.536  1.044   3.432   1.00 18.61 ? 38  GLU A CG  1 
ATOM   323  C  CD  . GLU A 1 39  ? 11.989  2.059   4.493   1.00 21.33 ? 38  GLU A CD  1 
ATOM   324  O  OE1 . GLU A 1 39  ? 11.326  3.127   4.654   1.00 18.28 ? 38  GLU A OE1 1 
ATOM   325  O  OE2 . GLU A 1 39  ? 12.999  1.780   5.168   1.00 22.19 ? 38  GLU A OE2 1 
ATOM   326  N  N   . SER A 1 40  ? 10.098  -1.585  2.067   1.00 15.98 ? 39  SER A N   1 
ATOM   327  C  CA  . SER A 1 40  ? 9.561   -2.807  2.614   1.00 16.44 ? 39  SER A CA  1 
ATOM   328  C  C   . SER A 1 40  ? 10.572  -3.385  3.573   1.00 16.46 ? 39  SER A C   1 
ATOM   329  O  O   . SER A 1 40  ? 11.181  -4.426  3.308   1.00 17.07 ? 39  SER A O   1 
ATOM   330  C  CB  . SER A 1 40  ? 9.176   -3.806  1.520   1.00 16.57 ? 39  SER A CB  1 
ATOM   331  O  OG  . SER A 1 40  ? 10.236  -3.995  0.589   1.00 19.18 ? 39  SER A OG  1 
ATOM   332  N  N   . ALA A 1 41  ? 10.725  -2.704  4.706   1.00 15.98 ? 40  ALA A N   1 
ATOM   333  C  CA  . ALA A 1 41  ? 11.803  -3.015  5.650   1.00 16.24 ? 40  ALA A CA  1 
ATOM   334  C  C   . ALA A 1 41  ? 11.849  -4.462  6.122   1.00 16.33 ? 40  ALA A C   1 
ATOM   335  O  O   . ALA A 1 41  ? 12.920  -5.054  6.181   1.00 15.76 ? 40  ALA A O   1 
ATOM   336  C  CB  . ALA A 1 41  ? 11.784  -2.050  6.831   1.00 16.57 ? 40  ALA A CB  1 
ATOM   337  N  N   . CYS A 1 42  ? 10.704  -5.046  6.461   1.00 15.36 ? 41  CYS A N   1 
ATOM   338  C  CA  . CYS A 1 42  ? 10.701  -6.383  7.039   1.00 16.10 ? 41  CYS A CA  1 
ATOM   339  C  C   . CYS A 1 42  ? 10.695  -7.476  5.963   1.00 16.46 ? 41  CYS A C   1 
ATOM   340  O  O   . CYS A 1 42  ? 10.719  -8.659  6.286   1.00 16.42 ? 41  CYS A O   1 
ATOM   341  C  CB  . CYS A 1 42  ? 9.506   -6.571  7.991   1.00 16.05 ? 41  CYS A CB  1 
ATOM   342  S  SG  . CYS A 1 42  ? 7.915   -6.770  7.135   1.00 14.16 ? 41  CYS A SG  1 
ATOM   343  N  N   . GLY A 1 43  ? 10.649  -7.058  4.696   1.00 16.72 ? 42  GLY A N   1 
ATOM   344  C  CA  . GLY A 1 43  ? 10.606  -7.971  3.562   1.00 16.66 ? 42  GLY A CA  1 
ATOM   345  C  C   . GLY A 1 43  ? 9.220   -8.508  3.268   1.00 17.06 ? 42  GLY A C   1 
ATOM   346  O  O   . GLY A 1 43  ? 9.084   -9.599  2.721   1.00 16.73 ? 42  GLY A O   1 
ATOM   347  N  N   . GLY A 1 44  ? 8.190   -7.743  3.632   1.00 16.29 ? 43  GLY A N   1 
ATOM   348  C  CA  . GLY A 1 44  ? 6.807   -8.092  3.301   1.00 16.51 ? 43  GLY A CA  1 
ATOM   349  C  C   . GLY A 1 44  ? 6.132   -9.151  4.135   1.00 16.23 ? 43  GLY A C   1 
ATOM   350  O  O   . GLY A 1 44  ? 5.276   -9.875  3.638   1.00 15.94 ? 43  GLY A O   1 
ATOM   351  N  N   . VAL A 1 45  ? 6.481   -9.218  5.418   1.00 15.19 ? 44  VAL A N   1 
ATOM   352  C  CA  . VAL A 1 45  ? 5.943   -10.234 6.304   1.00 15.82 ? 44  VAL A CA  1 
ATOM   353  C  C   . VAL A 1 45  ? 5.176   -9.675  7.504   1.00 15.90 ? 44  VAL A C   1 
ATOM   354  O  O   . VAL A 1 45  ? 5.106   -10.315 8.558   1.00 17.48 ? 44  VAL A O   1 
ATOM   355  C  CB  . VAL A 1 45  ? 7.046   -11.264 6.747   1.00 15.57 ? 44  VAL A CB  1 
ATOM   356  C  CG1 . VAL A 1 45  ? 7.634   -11.950 5.519   1.00 16.19 ? 44  VAL A CG1 1 
ATOM   357  C  CG2 . VAL A 1 45  ? 8.141   -10.569 7.564   1.00 14.36 ? 44  VAL A CG2 1 
ATOM   358  N  N   . LYS A 1 46  ? 4.558   -8.497  7.336   1.00 16.03 ? 45  LYS A N   1 
ATOM   359  C  CA  . LYS A 1 46  ? 3.687   -7.916  8.359   1.00 15.37 ? 45  LYS A CA  1 
ATOM   360  C  C   . LYS A 1 46  ? 4.438   -7.662  9.653   1.00 15.41 ? 45  LYS A C   1 
ATOM   361  O  O   . LYS A 1 46  ? 3.879   -7.888  10.745  1.00 14.55 ? 45  LYS A O   1 
ATOM   362  C  CB  . LYS A 1 46  ? 2.489   -8.820  8.680   1.00 16.55 ? 45  LYS A CB  1 
ATOM   363  C  CG  . LYS A 1 46  ? 1.604   -9.153  7.528   1.00 16.62 ? 45  LYS A CG  1 
ATOM   364  C  CD  . LYS A 1 46  ? 0.486   -10.138 7.944   1.00 18.85 ? 45  LYS A CD  1 
ATOM   365  C  CE  . LYS A 1 46  ? 1.006   -11.579 7.947   1.00 20.70 ? 45  LYS A CE  1 
ATOM   366  N  NZ  . LYS A 1 46  ? -0.126  -12.543 7.908   1.00 20.71 ? 45  LYS A NZ  1 
ATOM   367  N  N   . ALA A 1 47  ? 5.695   -7.216  9.549   1.00 14.72 ? 46  ALA A N   1 
ATOM   368  C  CA  . ALA A 1 47  ? 6.482   -6.950  10.753  1.00 14.89 ? 46  ALA A CA  1 
ATOM   369  C  C   . ALA A 1 47  ? 7.052   -5.536  10.779  1.00 15.05 ? 46  ALA A C   1 
ATOM   370  O  O   . ALA A 1 47  ? 7.963   -5.232  11.552  1.00 14.59 ? 46  ALA A O   1 
ATOM   371  C  CB  . ALA A 1 47  ? 7.611   -8.028  10.929  1.00 15.56 ? 46  ALA A CB  1 
ATOM   372  N  N   . CYS A 1 48  ? 6.542   -4.661  9.906   1.00 13.78 ? 47  CYS A N   1 
ATOM   373  C  CA  . CYS A 1 48  ? 6.899   -3.244  9.973   1.00 12.94 ? 47  CYS A CA  1 
ATOM   374  C  C   . CYS A 1 48  ? 5.716   -2.399  9.513   1.00 13.02 ? 47  CYS A C   1 
ATOM   375  O  O   . CYS A 1 48  ? 4.590   -2.896  9.441   1.00 12.72 ? 47  CYS A O   1 
ATOM   376  C  CB  . CYS A 1 48  ? 8.170   -2.914  9.156   1.00 13.88 ? 47  CYS A CB  1 
ATOM   377  S  SG  . CYS A 1 48  ? 7.968   -2.989  7.359   1.00 11.51 ? 47  CYS A SG  1 
ATOM   378  N  N   . THR A 1 49  ? 5.950   -1.111  9.273   1.00 12.20 ? 48  THR A N   1 
ATOM   379  C  CA  . THR A 1 49  ? 4.877   -0.257  8.786   1.00 12.27 ? 48  THR A CA  1 
ATOM   380  C  C   . THR A 1 49  ? 5.317   0.484   7.529   1.00 11.12 ? 48  THR A C   1 
ATOM   381  O  O   . THR A 1 49  ? 4.646   1.403   7.101   1.00 10.66 ? 48  THR A O   1 
ATOM   382  C  CB  . THR A 1 49  ? 4.420   0.774   9.863   1.00 12.28 ? 48  THR A CB  1 
ATOM   383  O  OG1 . THR A 1 49  ? 5.508   1.645   10.185  1.00 14.20 ? 48  THR A OG1 1 
ATOM   384  C  CG2 . THR A 1 49  ? 3.952   0.091   11.122  1.00 14.38 ? 48  THR A CG2 1 
ATOM   385  N  N   . THR A 1 50  ? 6.456   0.106   6.943   1.00 10.44 ? 49  THR A N   1 
ATOM   386  C  CA  . THR A 1 50  ? 7.022   0.921   5.852   1.00 10.33 ? 49  THR A CA  1 
ATOM   387  C  C   . THR A 1 50  ? 6.222   0.820   4.544   1.00 10.09 ? 49  THR A C   1 
ATOM   388  O  O   . THR A 1 50  ? 6.304   1.709   3.687   1.00 11.15 ? 49  THR A O   1 
ATOM   389  C  CB  . THR A 1 50  ? 8.519   0.618   5.598   1.00 9.82  ? 49  THR A CB  1 
ATOM   390  O  OG1 . THR A 1 50  ? 8.656   -0.700  5.070   1.00 11.10 ? 49  THR A OG1 1 
ATOM   391  C  CG2 . THR A 1 50  ? 9.312   0.741   6.949   1.00 10.28 ? 49  THR A CG2 1 
ATOM   392  N  N   . CYS A 1 51  ? 5.440   -0.244  4.406   1.00 9.62  ? 50  CYS A N   1 
ATOM   393  C  CA  . CYS A 1 51  ? 4.597   -0.400  3.212   1.00 9.34  ? 50  CYS A CA  1 
ATOM   394  C  C   . CYS A 1 51  ? 3.159   0.137   3.445   1.00 8.97  ? 50  CYS A C   1 
ATOM   395  O  O   . CYS A 1 51  ? 2.257   -0.122  2.618   1.00 9.68  ? 50  CYS A O   1 
ATOM   396  C  CB  . CYS A 1 51  ? 4.512   -1.883  2.845   1.00 9.08  ? 50  CYS A CB  1 
ATOM   397  S  SG  . CYS A 1 51  ? 3.609   -2.799  4.100   1.00 9.80  ? 50  CYS A SG  1 
ATOM   398  N  N   . HIS A 1 52  ? 2.944   0.849   4.549   1.00 8.21  ? 51  HIS A N   1 
ATOM   399  C  CA  . HIS A 1 52  ? 1.626   1.437   4.881   1.00 8.40  ? 51  HIS A CA  1 
ATOM   400  C  C   . HIS A 1 52  ? 1.050   2.175   3.667   1.00 9.12  ? 51  HIS A C   1 
ATOM   401  O  O   . HIS A 1 52  ? 1.732   3.015   3.051   1.00 8.80  ? 51  HIS A O   1 
ATOM   402  C  CB  . HIS A 1 52  ? 1.750   2.415   6.068   1.00 7.96  ? 51  HIS A CB  1 
ATOM   403  C  CG  . HIS A 1 52  ? 0.447   3.009   6.524   1.00 7.17  ? 51  HIS A CG  1 
ATOM   404  N  ND1 . HIS A 1 52  ? 0.369   4.246   7.133   1.00 7.34  ? 51  HIS A ND1 1 
ATOM   405  C  CD2 . HIS A 1 52  ? -0.827  2.539   6.467   1.00 7.38  ? 51  HIS A CD2 1 
ATOM   406  C  CE1 . HIS A 1 52  ? -0.895  4.511   7.431   1.00 9.55  ? 51  HIS A CE1 1 
ATOM   407  N  NE2 . HIS A 1 52  ? -1.640  3.494   7.033   1.00 8.44  ? 51  HIS A NE2 1 
ATOM   408  N  N   . CYS A 1 53  ? -0.197  1.853   3.321   1.00 9.43  ? 52  CYS A N   1 
ATOM   409  C  CA  . CYS A 1 53  ? -0.915  2.632   2.328   1.00 10.20 ? 52  CYS A CA  1 
ATOM   410  C  C   . CYS A 1 53  ? -2.389  2.777   2.734   1.00 10.41 ? 52  CYS A C   1 
ATOM   411  O  O   . CYS A 1 53  ? -2.888  2.055   3.609   1.00 10.23 ? 52  CYS A O   1 
ATOM   412  C  CB  . CYS A 1 53  ? -0.783  2.015   0.938   1.00 10.34 ? 52  CYS A CB  1 
ATOM   413  S  SG  . CYS A 1 53  ? -1.518  0.413   0.763   1.00 14.41 ? 52  CYS A SG  1 
ATOM   414  N  N   . ILE A 1 54  ? -3.079  3.702   2.087   1.00 9.45  ? 53  ILE A N   1 
ATOM   415  C  CA  . ILE A 1 54  ? -4.498  3.920   2.395   1.00 10.57 ? 53  ILE A CA  1 
ATOM   416  C  C   . ILE A 1 54  ? -5.295  3.653   1.118   1.00 10.73 ? 53  ILE A C   1 
ATOM   417  O  O   . ILE A 1 54  ? -5.043  4.268   0.078   1.00 10.47 ? 53  ILE A O   1 
ATOM   418  C  CB  . ILE A 1 54  ? -4.739  5.306   2.967   1.00 10.90 ? 53  ILE A CB  1 
ATOM   419  C  CG1 . ILE A 1 54  ? -3.841  5.488   4.209   1.00 13.55 ? 53  ILE A CG1 1 
ATOM   420  C  CG2 . ILE A 1 54  ? -6.251  5.491   3.372   1.00 11.10 ? 53  ILE A CG2 1 
ATOM   421  C  CD1 . ILE A 1 54  ? -3.863  6.866   4.815   1.00 18.99 ? 53  ILE A CD1 1 
ATOM   422  N  N   . VAL A 1 55  ? -6.229  2.713   1.207   1.00 10.49 ? 54  VAL A N   1 
ATOM   423  C  CA  . VAL A 1 55  ? -6.939  2.273   0.022   1.00 10.09 ? 54  VAL A CA  1 
ATOM   424  C  C   . VAL A 1 55  ? -8.208  3.110   -0.040  1.00 11.00 ? 54  VAL A C   1 
ATOM   425  O  O   . VAL A 1 55  ? -9.231  2.764   0.557   1.00 10.18 ? 54  VAL A O   1 
ATOM   426  C  CB  . VAL A 1 55  ? -7.234  0.758   0.063   1.00 10.08 ? 54  VAL A CB  1 
ATOM   427  C  CG1 . VAL A 1 55  ? -7.799  0.292   -1.303  1.00 8.82  ? 54  VAL A CG1 1 
ATOM   428  C  CG2 . VAL A 1 55  ? -5.951  -0.053  0.410   1.00 8.83  ? 54  VAL A CG2 1 
ATOM   429  N  N   . ARG A 1 56  ? -8.111  4.244   -0.736  1.00 11.80 ? 55  ARG A N   1 
ATOM   430  C  CA  . ARG A 1 56  ? -9.165  5.242   -0.725  1.00 12.29 ? 55  ARG A CA  1 
ATOM   431  C  C   . ARG A 1 56  ? -10.368 4.856   -1.594  1.00 12.54 ? 55  ARG A C   1 
ATOM   432  O  O   . ARG A 1 56  ? -11.460 5.397   -1.402  1.00 12.98 ? 55  ARG A O   1 
ATOM   433  C  CB  . ARG A 1 56  ? -8.607  6.611   -1.124  1.00 12.48 ? 55  ARG A CB  1 
ATOM   434  C  CG  . ARG A 1 56  ? -7.611  7.133   -0.091  1.00 13.52 ? 55  ARG A CG  1 
ATOM   435  C  CD  . ARG A 1 56  ? -7.586  8.624   0.033   1.00 16.95 ? 55  ARG A CD  1 
ATOM   436  N  NE  . ARG A 1 56  ? -6.600  9.035   1.032   1.00 18.25 ? 55  ARG A NE  1 
ATOM   437  C  CZ  . ARG A 1 56  ? -6.810  9.070   2.352   1.00 18.64 ? 55  ARG A CZ  1 
ATOM   438  N  NH1 . ARG A 1 56  ? -7.975  8.701   2.872   1.00 17.83 ? 55  ARG A NH1 1 
ATOM   439  N  NH2 . ARG A 1 56  ? -5.837  9.470   3.166   1.00 18.26 ? 55  ARG A NH2 1 
ATOM   440  N  N   . LYS A 1 57  ? -10.164 3.947   -2.540  1.00 12.44 ? 56  LYS A N   1 
ATOM   441  C  CA  . LYS A 1 57  ? -11.277 3.353   -3.300  1.00 13.32 ? 56  LYS A CA  1 
ATOM   442  C  C   . LYS A 1 57  ? -11.054 1.871   -3.390  1.00 12.58 ? 56  LYS A C   1 
ATOM   443  O  O   . LYS A 1 57  ? -9.917  1.442   -3.605  1.00 13.30 ? 56  LYS A O   1 
ATOM   444  C  CB  . LYS A 1 57  ? -11.372 3.956   -4.717  1.00 13.75 ? 56  LYS A CB  1 
ATOM   445  C  CG  . LYS A 1 57  ? -11.760 5.420   -4.721  1.00 17.03 ? 56  LYS A CG  1 
ATOM   446  C  CD  . LYS A 1 57  ? -12.055 5.943   -6.114  1.00 23.75 ? 56  LYS A CD  1 
ATOM   447  C  CE  . LYS A 1 57  ? -12.244 7.452   -6.097  1.00 27.43 ? 56  LYS A CE  1 
ATOM   448  N  NZ  . LYS A 1 57  ? -12.288 7.965   -7.509  1.00 32.21 ? 56  LYS A NZ  1 
ATOM   449  N  N   . GLY A 1 58  ? -12.129 1.084   -3.226  1.00 11.78 ? 57  GLY A N   1 
ATOM   450  C  CA  . GLY A 1 58  ? -12.070 -0.363  -3.328  1.00 11.49 ? 57  GLY A CA  1 
ATOM   451  C  C   . GLY A 1 58  ? -11.636 -1.129  -2.078  1.00 11.45 ? 57  GLY A C   1 
ATOM   452  O  O   . GLY A 1 58  ? -11.432 -2.337  -2.150  1.00 10.99 ? 57  GLY A O   1 
ATOM   453  N  N   . PHE A 1 59  ? -11.503 -0.443  -0.933  1.00 10.02 ? 58  PHE A N   1 
ATOM   454  C  CA  . PHE A 1 59  ? -11.027 -1.094  0.285   1.00 11.23 ? 58  PHE A CA  1 
ATOM   455  C  C   . PHE A 1 59  ? -11.901 -2.300  0.668   1.00 11.91 ? 58  PHE A C   1 
ATOM   456  O  O   . PHE A 1 59  ? -11.413 -3.374  1.068   1.00 12.31 ? 58  PHE A O   1 
ATOM   457  C  CB  . PHE A 1 59  ? -10.970 -0.094  1.445   1.00 10.33 ? 58  PHE A CB  1 
ATOM   458  C  CG  . PHE A 1 59  ? -10.682 -0.728  2.791   1.00 11.13 ? 58  PHE A CG  1 
ATOM   459  C  CD1 . PHE A 1 59  ? -9.370  -0.841  3.250   1.00 10.46 ? 58  PHE A CD1 1 
ATOM   460  C  CD2 . PHE A 1 59  ? -11.719 -1.214  3.594   1.00 9.85  ? 58  PHE A CD2 1 
ATOM   461  C  CE1 . PHE A 1 59  ? -9.105  -1.397  4.503   1.00 9.59  ? 58  PHE A CE1 1 
ATOM   462  C  CE2 . PHE A 1 59  ? -11.455 -1.777  4.837   1.00 9.87  ? 58  PHE A CE2 1 
ATOM   463  C  CZ  . PHE A 1 59  ? -10.162 -1.866  5.286   1.00 8.40  ? 58  PHE A CZ  1 
ATOM   464  N  N   . ASP A 1 60  ? -13.201 -2.117  0.510   1.00 13.11 ? 59  ASP A N   1 
ATOM   465  C  CA  . ASP A 1 60  ? -14.174 -3.101  0.949   1.00 14.11 ? 59  ASP A CA  1 
ATOM   466  C  C   . ASP A 1 60  ? -14.200 -4.372  0.095   1.00 14.59 ? 59  ASP A C   1 
ATOM   467  O  O   . ASP A 1 60  ? -14.734 -5.394  0.538   1.00 14.81 ? 59  ASP A O   1 
ATOM   468  C  CB  . ASP A 1 60  ? -15.536 -2.403  1.051   1.00 14.59 ? 59  ASP A CB  1 
ATOM   469  C  CG  . ASP A 1 60  ? -15.438 -1.073  1.823   1.00 16.57 ? 59  ASP A CG  1 
ATOM   470  O  OD1 . ASP A 1 60  ? -15.394 -1.110  3.068   1.00 16.78 ? 59  ASP A OD1 1 
ATOM   471  O  OD2 . ASP A 1 60  ? -15.316 0.005   1.178   1.00 20.04 ? 59  ASP A OD2 1 
ATOM   472  N  N   . SER A 1 61  ? -13.582 -4.333  -1.093  1.00 13.98 ? 60  SER A N   1 
ATOM   473  C  CA  . SER A 1 61  ? -13.415 -5.534  -1.936  1.00 14.31 ? 60  SER A CA  1 
ATOM   474  C  C   . SER A 1 61  ? -12.308 -6.480  -1.461  1.00 14.38 ? 60  SER A C   1 
ATOM   475  O  O   . SER A 1 61  ? -12.236 -7.630  -1.898  1.00 12.75 ? 60  SER A O   1 
ATOM   476  C  CB  . SER A 1 61  ? -13.124 -5.148  -3.389  1.00 14.44 ? 60  SER A CB  1 
ATOM   477  O  OG  . SER A 1 61  ? -11.824 -4.575  -3.516  1.00 15.84 ? 60  SER A OG  1 
ATOM   478  N  N   . LEU A 1 62  ? -11.453 -5.995  -0.562  1.00 14.01 ? 61  LEU A N   1 
ATOM   479  C  CA  . LEU A 1 62  ? -10.231 -6.720  -0.209  1.00 14.42 ? 61  LEU A CA  1 
ATOM   480  C  C   . LEU A 1 62  ? -10.504 -7.701  0.912   1.00 15.53 ? 61  LEU A C   1 
ATOM   481  O  O   . LEU A 1 62  ? -11.379 -7.467  1.738   1.00 15.03 ? 61  LEU A O   1 
ATOM   482  C  CB  . LEU A 1 62  ? -9.154  -5.725  0.262   1.00 14.32 ? 61  LEU A CB  1 
ATOM   483  C  CG  . LEU A 1 62  ? -8.749  -4.662  -0.771  1.00 13.51 ? 61  LEU A CG  1 
ATOM   484  C  CD1 . LEU A 1 62  ? -7.790  -3.666  -0.071  1.00 12.55 ? 61  LEU A CD1 1 
ATOM   485  C  CD2 . LEU A 1 62  ? -8.114  -5.332  -1.981  1.00 11.55 ? 61  LEU A CD2 1 
ATOM   486  N  N   . GLU A 1 63  ? -9.743  -8.781  0.944   1.00 16.60 ? 62  GLU A N   1 
ATOM   487  C  CA  . GLU A 1 63  ? -9.684  -9.638  2.125   1.00 18.11 ? 62  GLU A CA  1 
ATOM   488  C  C   . GLU A 1 63  ? -9.305  -8.816  3.377   1.00 18.22 ? 62  GLU A C   1 
ATOM   489  O  O   . GLU A 1 63  ? -8.403  -7.938  3.323   1.00 17.32 ? 62  GLU A O   1 
ATOM   490  C  CB  . GLU A 1 63  ? -8.687  -10.781 1.885   1.00 19.29 ? 62  GLU A CB  1 
ATOM   491  C  CG  . GLU A 1 63  ? -8.560  -11.755 3.070   1.00 25.25 ? 62  GLU A CG  1 
ATOM   492  C  CD  . GLU A 1 63  ? -7.568  -12.878 2.838   1.00 33.08 ? 62  GLU A CD  1 
ATOM   493  O  OE1 . GLU A 1 63  ? -6.848  -12.867 1.811   1.00 36.65 ? 62  GLU A OE1 1 
ATOM   494  O  OE2 . GLU A 1 63  ? -7.508  -13.783 3.704   1.00 38.61 ? 62  GLU A OE2 1 
ATOM   495  N  N   . GLU A 1 64  ? -10.005 -9.080  4.482   1.00 17.25 ? 63  GLU A N   1 
ATOM   496  C  CA  . GLU A 1 64  ? -9.767  -8.375  5.751   1.00 18.20 ? 63  GLU A CA  1 
ATOM   497  C  C   . GLU A 1 64  ? -8.363  -8.621  6.285   1.00 17.07 ? 63  GLU A C   1 
ATOM   498  O  O   . GLU A 1 64  ? -7.835  -9.724  6.144   1.00 15.62 ? 63  GLU A O   1 
ATOM   499  C  CB  . GLU A 1 64  ? -10.772 -8.811  6.813   1.00 19.29 ? 63  GLU A CB  1 
ATOM   500  C  CG  . GLU A 1 64  ? -12.189 -8.341  6.535   1.00 24.00 ? 63  GLU A CG  1 
ATOM   501  C  CD  . GLU A 1 64  ? -13.203 -8.917  7.521   1.00 30.16 ? 63  GLU A CD  1 
ATOM   502  O  OE1 . GLU A 1 64  ? -12.811 -9.382  8.622   1.00 31.47 ? 63  GLU A OE1 1 
ATOM   503  O  OE2 . GLU A 1 64  ? -14.399 -8.910  7.174   1.00 33.28 ? 63  GLU A OE2 1 
ATOM   504  N  N   . ALA A 1 65  ? -7.769  -7.577  6.865   1.00 16.50 ? 64  ALA A N   1 
ATOM   505  C  CA  . ALA A 1 65  ? -6.450  -7.663  7.502   1.00 15.34 ? 64  ALA A CA  1 
ATOM   506  C  C   . ALA A 1 65  ? -6.501  -8.713  8.625   1.00 16.23 ? 64  ALA A C   1 
ATOM   507  O  O   . ALA A 1 65  ? -7.481  -8.780  9.367   1.00 14.70 ? 64  ALA A O   1 
ATOM   508  C  CB  . ALA A 1 65  ? -6.080  -6.319  8.084   1.00 14.62 ? 64  ALA A CB  1 
ATOM   509  N  N   . ASP A 1 66  ? -5.454  -9.526  8.749   1.00 16.50 ? 65  ASP A N   1 
ATOM   510  C  CA  . ASP A 1 66  ? -5.401  -10.452 9.874   1.00 17.50 ? 65  ASP A CA  1 
ATOM   511  C  C   . ASP A 1 66  ? -4.910  -9.738  11.138  1.00 17.85 ? 65  ASP A C   1 
ATOM   512  O  O   . ASP A 1 66  ? -4.642  -8.528  11.122  1.00 17.13 ? 65  ASP A O   1 
ATOM   513  C  CB  . ASP A 1 66  ? -4.596  -11.707 9.527   1.00 17.49 ? 65  ASP A CB  1 
ATOM   514  C  CG  . ASP A 1 66  ? -3.088  -11.490 9.551   1.00 19.61 ? 65  ASP A CG  1 
ATOM   515  O  OD1 . ASP A 1 66  ? -2.598  -10.333 9.645   1.00 18.63 ? 65  ASP A OD1 1 
ATOM   516  O  OD2 . ASP A 1 66  ? -2.379  -12.512 9.483   1.00 23.04 ? 65  ASP A OD2 1 
ATOM   517  N  N   . GLU A 1 67  ? -4.834  -10.470 12.247  1.00 17.79 ? 66  GLU A N   1 
ATOM   518  C  CA  . GLU A 1 67  ? -4.432  -9.870  13.509  1.00 18.70 ? 66  GLU A CA  1 
ATOM   519  C  C   . GLU A 1 67  ? -3.014  -9.318  13.476  1.00 16.30 ? 66  GLU A C   1 
ATOM   520  O  O   . GLU A 1 67  ? -2.758  -8.274  14.041  1.00 15.85 ? 66  GLU A O   1 
ATOM   521  C  CB  . GLU A 1 67  ? -4.550  -10.911 14.630  1.00 19.65 ? 66  GLU A CB  1 
ATOM   522  C  CG  . GLU A 1 67  ? -4.567  -10.314 15.995  1.00 26.12 ? 66  GLU A CG  1 
ATOM   523  C  CD  . GLU A 1 67  ? -4.787  -11.383 17.050  1.00 33.39 ? 66  GLU A CD  1 
ATOM   524  O  OE1 . GLU A 1 67  ? -5.921  -11.454 17.579  1.00 36.04 ? 66  GLU A OE1 1 
ATOM   525  O  OE2 . GLU A 1 67  ? -3.834  -12.161 17.306  1.00 35.00 ? 66  GLU A OE2 1 
ATOM   526  N  N   . LEU A 1 68  ? -2.093  -10.027 12.831  1.00 15.57 ? 67  LEU A N   1 
ATOM   527  C  CA  . LEU A 1 68  ? -0.702  -9.571  12.751  1.00 15.27 ? 67  LEU A CA  1 
ATOM   528  C  C   . LEU A 1 68  ? -0.599  -8.203  12.064  1.00 14.50 ? 67  LEU A C   1 
ATOM   529  O  O   . LEU A 1 68  ? 0.110   -7.290  12.539  1.00 13.18 ? 67  LEU A O   1 
ATOM   530  C  CB  . LEU A 1 68  ? 0.146   -10.582 11.976  1.00 16.37 ? 67  LEU A CB  1 
ATOM   531  C  CG  . LEU A 1 68  ? 0.302   -11.911 12.737  1.00 18.71 ? 67  LEU A CG  1 
ATOM   532  C  CD1 . LEU A 1 68  ? 0.684   -13.034 11.768  1.00 20.88 ? 67  LEU A CD1 1 
ATOM   533  C  CD2 . LEU A 1 68  ? 1.354   -11.690 13.804  1.00 21.10 ? 67  LEU A CD2 1 
ATOM   534  N  N   . GLU A 1 69  ? -1.307  -8.086  10.941  1.00 12.93 ? 68  GLU A N   1 
ATOM   535  C  CA  . GLU A 1 69  ? -1.359  -6.813  10.210  1.00 12.38 ? 68  GLU A CA  1 
ATOM   536  C  C   . GLU A 1 69  ? -2.004  -5.722  11.058  1.00 12.45 ? 68  GLU A C   1 
ATOM   537  O  O   . GLU A 1 69  ? -1.502  -4.598  11.108  1.00 11.79 ? 68  GLU A O   1 
ATOM   538  C  CB  . GLU A 1 69  ? -2.106  -6.967  8.876   1.00 11.90 ? 68  GLU A CB  1 
ATOM   539  C  CG  . GLU A 1 69  ? -2.328  -5.630  8.159   1.00 10.45 ? 68  GLU A CG  1 
ATOM   540  C  CD  . GLU A 1 69  ? -2.861  -5.760  6.732   1.00 11.97 ? 68  GLU A CD  1 
ATOM   541  O  OE1 . GLU A 1 69  ? -3.055  -6.882  6.200   1.00 9.96  ? 68  GLU A OE1 1 
ATOM   542  O  OE2 . GLU A 1 69  ? -3.111  -4.698  6.137   1.00 10.43 ? 68  GLU A OE2 1 
ATOM   543  N  N   . GLU A 1 70  ? -3.125  -6.029  11.703  1.00 13.06 ? 69  GLU A N   1 
ATOM   544  C  CA  . GLU A 1 70  ? -3.810  -5.005  12.510  1.00 14.02 ? 69  GLU A CA  1 
ATOM   545  C  C   . GLU A 1 70  ? -2.909  -4.491  13.641  1.00 14.01 ? 69  GLU A C   1 
ATOM   546  O  O   . GLU A 1 70  ? -2.823  -3.275  13.872  1.00 13.28 ? 69  GLU A O   1 
ATOM   547  C  CB  . GLU A 1 70  ? -5.159  -5.527  13.044  1.00 15.16 ? 69  GLU A CB  1 
ATOM   548  C  CG  . GLU A 1 70  ? -6.205  -5.771  11.946  1.00 18.79 ? 69  GLU A CG  1 
ATOM   549  C  CD  . GLU A 1 70  ? -6.925  -4.497  11.456  1.00 25.74 ? 69  GLU A CD  1 
ATOM   550  O  OE1 . GLU A 1 70  ? -6.600  -3.375  11.917  1.00 29.74 ? 69  GLU A OE1 1 
ATOM   551  O  OE2 . GLU A 1 70  ? -7.830  -4.629  10.602  1.00 27.63 ? 69  GLU A OE2 1 
ATOM   552  N  N   . ASP A 1 71  ? -2.191  -5.402  14.305  1.00 14.79 ? 70  ASP A N   1 
ATOM   553  C  CA  . ASP A 1 71  ? -1.234  -5.017  15.354  1.00 15.16 ? 70  ASP A CA  1 
ATOM   554  C  C   . ASP A 1 71  ? -0.111  -4.101  14.867  1.00 14.74 ? 70  ASP A C   1 
ATOM   555  O  O   . ASP A 1 71  ? 0.314   -3.184  15.591  1.00 14.19 ? 70  ASP A O   1 
ATOM   556  C  CB  . ASP A 1 71  ? -0.650  -6.251  16.086  1.00 16.08 ? 70  ASP A CB  1 
ATOM   557  C  CG  . ASP A 1 71  ? -1.687  -6.981  16.938  1.00 18.91 ? 70  ASP A CG  1 
ATOM   558  O  OD1 . ASP A 1 71  ? -2.773  -6.414  17.185  1.00 21.06 ? 70  ASP A OD1 1 
ATOM   559  O  OD2 . ASP A 1 71  ? -1.422  -8.139  17.335  1.00 23.33 ? 70  ASP A OD2 1 
ATOM   560  N  N   . MET A 1 72  ? 0.367   -4.320  13.641  1.00 14.95 ? 71  MET A N   1 
ATOM   561  C  CA  . MET A 1 72  ? 1.390   -3.433  13.069  1.00 14.67 ? 71  MET A CA  1 
ATOM   562  C  C   . MET A 1 72  ? 0.798   -2.082  12.695  1.00 14.25 ? 71  MET A C   1 
ATOM   563  O  O   . MET A 1 72  ? 1.402   -1.041  12.948  1.00 14.40 ? 71  MET A O   1 
ATOM   564  C  CB  . MET A 1 72  ? 2.073   -4.047  11.833  1.00 14.36 ? 71  MET A CB  1 
ATOM   565  C  CG  . MET A 1 72  ? 3.101   -5.097  12.114  1.00 15.81 ? 71  MET A CG  1 
ATOM   566  S  SD  . MET A 1 72  ? 4.303   -4.743  13.422  1.00 20.01 ? 71  MET A SD  1 
ATOM   567  C  CE  . MET A 1 72  ? 5.011   -3.203  12.926  1.00 16.83 ? 71  MET A CE  1 
ATOM   568  N  N   . LEU A 1 73  ? -0.396  -2.097  12.108  1.00 13.43 ? 72  LEU A N   1 
ATOM   569  C  CA  . LEU A 1 73  ? -1.055  -0.856  11.717  1.00 13.19 ? 72  LEU A CA  1 
ATOM   570  C  C   . LEU A 1 73  ? -1.308  0.077   12.902  1.00 14.44 ? 72  LEU A C   1 
ATOM   571  O  O   . LEU A 1 73  ? -1.326  1.282   12.734  1.00 13.26 ? 72  LEU A O   1 
ATOM   572  C  CB  . LEU A 1 73  ? -2.371  -1.139  10.978  1.00 13.18 ? 72  LEU A CB  1 
ATOM   573  C  CG  . LEU A 1 73  ? -2.257  -1.707  9.557   1.00 13.53 ? 72  LEU A CG  1 
ATOM   574  C  CD1 . LEU A 1 73  ? -3.660  -2.061  9.010   1.00 13.14 ? 72  LEU A CD1 1 
ATOM   575  C  CD2 . LEU A 1 73  ? -1.503  -0.711  8.638   1.00 13.55 ? 72  LEU A CD2 1 
ATOM   576  N  N   . ASP A 1 74  ? -1.515  -0.492  14.089  1.00 16.13 ? 73  ASP A N   1 
ATOM   577  C  CA  . ASP A 1 74  ? -1.662  0.304   15.315  1.00 17.75 ? 73  ASP A CA  1 
ATOM   578  C  C   . ASP A 1 74  ? -0.436  1.174   15.595  1.00 17.98 ? 73  ASP A C   1 
ATOM   579  O  O   . ASP A 1 74  ? -0.511  2.105   16.391  1.00 18.98 ? 73  ASP A O   1 
ATOM   580  C  CB  . ASP A 1 74  ? -1.923  -0.613  16.524  1.00 18.48 ? 73  ASP A CB  1 
ATOM   581  C  CG  . ASP A 1 74  ? -3.372  -1.083  16.612  1.00 23.03 ? 73  ASP A CG  1 
ATOM   582  O  OD1 . ASP A 1 74  ? -4.258  -0.522  15.926  1.00 26.44 ? 73  ASP A OD1 1 
ATOM   583  O  OD2 . ASP A 1 74  ? -3.634  -2.036  17.386  1.00 28.94 ? 73  ASP A OD2 1 
ATOM   584  N  N   . LYS A 1 75  ? 0.691   0.859   14.956  1.00 17.26 ? 74  LYS A N   1 
ATOM   585  C  CA  A LYS A 1 75  ? 1.970   1.565   15.153  0.00 18.06 ? 74  LYS A CA  1 
ATOM   586  C  CA  B LYS A 1 75  ? 1.951   1.584   15.149  1.00 17.06 ? 74  LYS A CA  1 
ATOM   587  C  C   . LYS A 1 75  ? 2.252   2.614   14.054  1.00 16.31 ? 74  LYS A C   1 
ATOM   588  O  O   . LYS A 1 75  ? 3.174   3.426   14.201  1.00 17.13 ? 74  LYS A O   1 
ATOM   589  C  CB  A LYS A 1 75  ? 3.127   0.560   15.247  0.00 18.32 ? 74  LYS A CB  1 
ATOM   590  C  CB  B LYS A 1 75  ? 3.105   0.590   15.261  1.00 17.49 ? 74  LYS A CB  1 
ATOM   591  C  CG  A LYS A 1 75  ? 2.954   -0.508  16.376  0.00 20.26 ? 74  LYS A CG  1 
ATOM   592  C  CG  B LYS A 1 75  ? 2.896   -0.446  16.393  1.00 20.94 ? 74  LYS A CG  1 
ATOM   593  C  CD  A LYS A 1 75  ? 4.057   -1.581  16.278  0.00 21.74 ? 74  LYS A CD  1 
ATOM   594  C  CD  B LYS A 1 75  ? 3.970   -1.510  16.328  1.00 27.36 ? 74  LYS A CD  1 
ATOM   595  C  CE  A LYS A 1 75  ? 3.904   -2.715  17.304  0.00 24.89 ? 74  LYS A CE  1 
ATOM   596  C  CE  B LYS A 1 75  ? 3.652   -2.698  17.214  1.00 29.97 ? 74  LYS A CE  1 
ATOM   597  N  NZ  A LYS A 1 75  ? 2.822   -3.689  16.921  0.00 29.05 ? 74  LYS A NZ  1 
ATOM   598  N  NZ  B LYS A 1 75  ? 4.905   -3.491  17.372  1.00 32.68 ? 74  LYS A NZ  1 
ATOM   599  N  N   . ALA A 1 76  ? 1.468   2.585   12.973  1.00 14.72 ? 75  ALA A N   1 
ATOM   600  C  CA  . ALA A 1 76  ? 1.738   3.386   11.776  1.00 14.06 ? 75  ALA A CA  1 
ATOM   601  C  C   . ALA A 1 76  ? 1.379   4.857   11.964  1.00 13.90 ? 75  ALA A C   1 
ATOM   602  O  O   . ALA A 1 76  ? 0.437   5.188   12.707  1.00 14.03 ? 75  ALA A O   1 
ATOM   603  C  CB  . ALA A 1 76  ? 0.965   2.809   10.569  1.00 13.23 ? 75  ALA A CB  1 
ATOM   604  N  N   . TRP A 1 77  ? 2.098   5.730   11.255  1.00 12.59 ? 76  TRP A N   1 
ATOM   605  C  CA  . TRP A 1 77  ? 1.719   7.132   11.153  1.00 12.17 ? 76  TRP A CA  1 
ATOM   606  C  C   . TRP A 1 77  ? 0.378   7.221   10.421  1.00 12.31 ? 76  TRP A C   1 
ATOM   607  O  O   . TRP A 1 77  ? 0.187   6.537   9.415   1.00 12.11 ? 76  TRP A O   1 
ATOM   608  C  CB  . TRP A 1 77  ? 2.749   7.954   10.342  1.00 11.82 ? 76  TRP A CB  1 
ATOM   609  C  CG  . TRP A 1 77  ? 2.251   9.380   10.221  1.00 12.69 ? 76  TRP A CG  1 
ATOM   610  C  CD1 . TRP A 1 77  ? 2.381   10.360  11.153  1.00 12.74 ? 76  TRP A CD1 1 
ATOM   611  C  CD2 . TRP A 1 77  ? 1.451   9.936   9.159   1.00 12.13 ? 76  TRP A CD2 1 
ATOM   612  N  NE1 . TRP A 1 77  ? 1.731   11.500  10.736  1.00 13.49 ? 76  TRP A NE1 1 
ATOM   613  C  CE2 . TRP A 1 77  ? 1.142   11.263  9.522   1.00 12.52 ? 76  TRP A CE2 1 
ATOM   614  C  CE3 . TRP A 1 77  ? 0.962   9.432   7.937   1.00 11.75 ? 76  TRP A CE3 1 
ATOM   615  C  CZ2 . TRP A 1 77  ? 0.394   12.120  8.697   1.00 14.38 ? 76  TRP A CZ2 1 
ATOM   616  C  CZ3 . TRP A 1 77  ? 0.194   10.278  7.119   1.00 13.07 ? 76  TRP A CZ3 1 
ATOM   617  C  CH2 . TRP A 1 77  ? -0.080  11.608  7.511   1.00 14.33 ? 76  TRP A CH2 1 
ATOM   618  N  N   . GLY A 1 78  ? -0.534  8.074   10.896  1.00 12.59 ? 77  GLY A N   1 
ATOM   619  C  CA  . GLY A 1 78  ? -1.678  8.487   10.052  1.00 12.45 ? 77  GLY A CA  1 
ATOM   620  C  C   . GLY A 1 78  ? -2.631  7.362   9.749   1.00 12.16 ? 77  GLY A C   1 
ATOM   621  O  O   . GLY A 1 78  ? -3.236  7.320   8.668   1.00 12.13 ? 77  GLY A O   1 
ATOM   622  N  N   . LEU A 1 79  ? -2.754  6.440   10.694  1.00 11.12 ? 78  LEU A N   1 
ATOM   623  C  CA  . LEU A 1 79  ? -3.685  5.312   10.571  1.00 11.34 ? 78  LEU A CA  1 
ATOM   624  C  C   . LEU A 1 79  ? -5.095  5.821   10.280  1.00 10.96 ? 78  LEU A C   1 
ATOM   625  O  O   . LEU A 1 79  ? -5.570  6.778   10.927  1.00 10.64 ? 78  LEU A O   1 
ATOM   626  C  CB  . LEU A 1 79  ? -3.693  4.492   11.867  1.00 11.49 ? 78  LEU A CB  1 
ATOM   627  C  CG  . LEU A 1 79  ? -4.613  3.269   11.915  1.00 12.68 ? 78  LEU A CG  1 
ATOM   628  C  CD1 . LEU A 1 79  ? -4.154  2.228   10.910  1.00 12.89 ? 78  LEU A CD1 1 
ATOM   629  C  CD2 . LEU A 1 79  ? -4.665  2.711   13.314  1.00 14.08 ? 78  LEU A CD2 1 
ATOM   630  N  N   . GLU A 1 80  ? -5.727  5.210   9.280   1.00 9.85  ? 79  GLU A N   1 
ATOM   631  C  CA  . GLU A 1 80  ? -7.117  5.487   8.904   1.00 10.28 ? 79  GLU A CA  1 
ATOM   632  C  C   . GLU A 1 80  ? -7.917  4.194   8.775   1.00 9.84  ? 79  GLU A C   1 
ATOM   633  O  O   . GLU A 1 80  ? -7.365  3.086   8.752   1.00 9.70  ? 79  GLU A O   1 
ATOM   634  C  CB  . GLU A 1 80  ? -7.193  6.231   7.547   1.00 10.22 ? 79  GLU A CB  1 
ATOM   635  C  CG  . GLU A 1 80  ? -6.605  7.659   7.591   1.00 12.20 ? 79  GLU A CG  1 
ATOM   636  C  CD  . GLU A 1 80  ? -6.846  8.439   6.297   1.00 15.23 ? 79  GLU A CD  1 
ATOM   637  O  OE1 . GLU A 1 80  ? -7.785  8.098   5.526   1.00 14.09 ? 79  GLU A OE1 1 
ATOM   638  O  OE2 . GLU A 1 80  ? -6.079  9.397   6.051   1.00 14.72 ? 79  GLU A OE2 1 
ATOM   639  N  N   . ALA A 1 81  ? -9.236  4.352   8.637   1.00 9.79  ? 80  ALA A N   1 
ATOM   640  C  CA  . ALA A 1 81  ? -10.136 3.212   8.483   1.00 9.60  ? 80  ALA A CA  1 
ATOM   641  C  C   . ALA A 1 81  ? -9.755  2.334   7.280   1.00 9.36  ? 80  ALA A C   1 
ATOM   642  O  O   . ALA A 1 81  ? -9.908  1.103   7.328   1.00 9.76  ? 80  ALA A O   1 
ATOM   643  C  CB  . ALA A 1 81  ? -11.598 3.730   8.371   1.00 9.76  ? 80  ALA A CB  1 
ATOM   644  N  N   . GLN A 1 82  ? -9.209  2.941   6.218   1.00 8.62  ? 81  GLN A N   1 
ATOM   645  C  CA  . GLN A 1 82  ? -8.809  2.170   5.034   1.00 7.90  ? 81  GLN A CA  1 
ATOM   646  C  C   . GLN A 1 82  ? -7.314  1.867   4.932   1.00 7.58  ? 81  GLN A C   1 
ATOM   647  O  O   . GLN A 1 82  ? -6.844  1.494   3.870   1.00 7.56  ? 81  GLN A O   1 
ATOM   648  C  CB  . GLN A 1 82  ? -9.232  2.904   3.752   1.00 8.41  ? 81  GLN A CB  1 
ATOM   649  C  CG  . GLN A 1 82  ? -10.741 3.244   3.692   1.00 8.87  ? 81  GLN A CG  1 
ATOM   650  C  CD  . GLN A 1 82  ? -11.033 4.416   2.772   1.00 10.37 ? 81  GLN A CD  1 
ATOM   651  O  OE1 . GLN A 1 82  ? -10.330 5.424   2.790   1.00 11.64 ? 81  GLN A OE1 1 
ATOM   652  N  NE2 . GLN A 1 82  ? -12.087 4.295   1.975   1.00 12.32 ? 81  GLN A NE2 1 
ATOM   653  N  N   . SER A 1 83  ? -6.569  2.070   6.023   1.00 8.01  ? 82  SER A N   1 
ATOM   654  C  CA  . SER A 1 83  ? -5.159  1.699   6.056   1.00 8.41  ? 82  SER A CA  1 
ATOM   655  C  C   . SER A 1 83  ? -4.943  0.200   5.830   1.00 7.75  ? 82  SER A C   1 
ATOM   656  O  O   . SER A 1 83  ? -5.701  -0.638  6.352   1.00 8.38  ? 82  SER A O   1 
ATOM   657  C  CB  . SER A 1 83  ? -4.538  2.126   7.386   1.00 7.80  ? 82  SER A CB  1 
ATOM   658  O  OG  . SER A 1 83  ? -4.332  3.538   7.369   1.00 10.05 ? 82  SER A OG  1 
ATOM   659  N  N   . ARG A 1 84  ? -3.901  -0.133  5.076   1.00 7.69  ? 83  ARG A N   1 
ATOM   660  C  CA  . ARG A 1 84  ? -3.457  -1.515  4.924   1.00 7.58  ? 83  ARG A CA  1 
ATOM   661  C  C   . ARG A 1 84  ? -1.928  -1.504  4.874   1.00 7.80  ? 83  ARG A C   1 
ATOM   662  O  O   . ARG A 1 84  ? -1.321  -0.496  4.534   1.00 7.72  ? 83  ARG A O   1 
ATOM   663  C  CB  . ARG A 1 84  ? -3.988  -2.139  3.601   1.00 8.12  ? 83  ARG A CB  1 
ATOM   664  C  CG  . ARG A 1 84  ? -5.523  -2.383  3.523   1.00 7.48  ? 83  ARG A CG  1 
ATOM   665  C  CD  . ARG A 1 84  ? -6.017  -3.436  4.575   1.00 10.00 ? 83  ARG A CD  1 
ATOM   666  N  NE  . ARG A 1 84  ? -5.206  -4.667  4.576   1.00 9.42  ? 83  ARG A NE  1 
ATOM   667  C  CZ  . ARG A 1 84  ? -5.320  -5.670  3.701   1.00 12.76 ? 83  ARG A CZ  1 
ATOM   668  N  NH1 . ARG A 1 84  ? -6.219  -5.624  2.713   1.00 13.30 ? 83  ARG A NH1 1 
ATOM   669  N  NH2 . ARG A 1 84  ? -4.523  -6.738  3.813   1.00 13.47 ? 83  ARG A NH2 1 
ATOM   670  N  N   . LEU A 1 85  ? -1.326  -2.648  5.153   1.00 7.70  ? 84  LEU A N   1 
ATOM   671  C  CA  . LEU A 1 85  ? 0.085   -2.888  4.805   1.00 8.92  ? 84  LEU A CA  1 
ATOM   672  C  C   . LEU A 1 85  ? 0.114   -3.316  3.346   1.00 9.16  ? 84  LEU A C   1 
ATOM   673  O  O   . LEU A 1 85  ? -0.473  -4.339  2.992   1.00 9.52  ? 84  LEU A O   1 
ATOM   674  C  CB  . LEU A 1 85  ? 0.663   -3.978  5.713   1.00 8.68  ? 84  LEU A CB  1 
ATOM   675  C  CG  . LEU A 1 85  ? 0.754   -3.591  7.201   1.00 10.37 ? 84  LEU A CG  1 
ATOM   676  C  CD1 . LEU A 1 85  ? 1.263   -4.819  8.028   1.00 10.24 ? 84  LEU A CD1 1 
ATOM   677  C  CD2 . LEU A 1 85  ? 1.615   -2.333  7.437   1.00 8.96  ? 84  LEU A CD2 1 
ATOM   678  N  N   . GLY A 1 86  ? 0.744   -2.501  2.492   1.00 9.81  ? 85  GLY A N   1 
ATOM   679  C  CA  . GLY A 1 86  ? 0.827   -2.762  1.043   1.00 9.28  ? 85  GLY A CA  1 
ATOM   680  C  C   . GLY A 1 86  ? 1.301   -4.153  0.644   1.00 10.38 ? 85  GLY A C   1 
ATOM   681  O  O   . GLY A 1 86  ? 0.841   -4.730  -0.374  1.00 9.44  ? 85  GLY A O   1 
ATOM   682  N  N   . CYS A 1 87  ? 2.213   -4.715  1.439   1.00 9.88  ? 86  CYS A N   1 
ATOM   683  C  CA  . CYS A 1 87  ? 2.704   -6.068  1.169   1.00 10.74 ? 86  CYS A CA  1 
ATOM   684  C  C   . CYS A 1 87  ? 1.653   -7.156  1.329   1.00 11.24 ? 86  CYS A C   1 
ATOM   685  O  O   . CYS A 1 87  ? 1.847   -8.270  0.852   1.00 11.19 ? 86  CYS A O   1 
ATOM   686  C  CB  . CYS A 1 87  ? 3.925   -6.390  2.036   1.00 11.44 ? 86  CYS A CB  1 
ATOM   687  S  SG  . CYS A 1 87  ? 3.588   -6.491  3.816   1.00 11.88 ? 86  CYS A SG  1 
ATOM   688  N  N   . GLN A 1 88  ? 0.538   -6.832  1.990   1.00 11.28 ? 87  GLN A N   1 
ATOM   689  C  CA  . GLN A 1 88  ? -0.554  -7.794  2.204   1.00 11.63 ? 87  GLN A CA  1 
ATOM   690  C  C   . GLN A 1 88  ? -1.800  -7.495  1.356   1.00 11.68 ? 87  GLN A C   1 
ATOM   691  O  O   . GLN A 1 88  ? -2.826  -8.165  1.508   1.00 12.31 ? 87  GLN A O   1 
ATOM   692  C  CB  . GLN A 1 88  ? -0.944  -7.803  3.688   1.00 11.36 ? 87  GLN A CB  1 
ATOM   693  C  CG  . GLN A 1 88  ? 0.256   -8.125  4.605   1.00 12.30 ? 87  GLN A CG  1 
ATOM   694  C  CD  . GLN A 1 88  ? 0.857   -9.498  4.278   1.00 15.97 ? 87  GLN A CD  1 
ATOM   695  O  OE1 . GLN A 1 88  ? 0.124   -10.487 4.158   1.00 15.06 ? 87  GLN A OE1 1 
ATOM   696  N  NE2 . GLN A 1 88  ? 2.175   -9.558  4.114   1.00 12.03 ? 87  GLN A NE2 1 
ATOM   697  N  N   . VAL A 1 89  ? -1.720  -6.493  0.487   1.00 11.35 ? 88  VAL A N   1 
ATOM   698  C  CA  . VAL A 1 89  ? -2.897  -6.116  -0.327  1.00 12.07 ? 88  VAL A CA  1 
ATOM   699  C  C   . VAL A 1 89  ? -2.863  -6.828  -1.683  1.00 12.58 ? 88  VAL A C   1 
ATOM   700  O  O   . VAL A 1 89  ? -1.935  -6.645  -2.474  1.00 12.03 ? 88  VAL A O   1 
ATOM   701  C  CB  . VAL A 1 89  ? -3.031  -4.598  -0.547  1.00 11.67 ? 88  VAL A CB  1 
ATOM   702  C  CG1 . VAL A 1 89  ? -4.301  -4.285  -1.393  1.00 11.28 ? 88  VAL A CG1 1 
ATOM   703  C  CG2 . VAL A 1 89  ? -3.124  -3.861  0.798   1.00 11.67 ? 88  VAL A CG2 1 
ATOM   704  N  N   . PHE A 1 90  ? -3.894  -7.624  -1.931  1.00 12.91 ? 89  PHE A N   1 
ATOM   705  C  CA  . PHE A 1 90  ? -4.033  -8.368  -3.193  1.00 13.99 ? 89  PHE A CA  1 
ATOM   706  C  C   . PHE A 1 90  ? -5.310  -7.885  -3.863  1.00 14.02 ? 89  PHE A C   1 
ATOM   707  O  O   . PHE A 1 90  ? -6.397  -7.893  -3.269  1.00 13.42 ? 89  PHE A O   1 
ATOM   708  C  CB  . PHE A 1 90  ? -4.104  -9.871  -2.920  1.00 14.88 ? 89  PHE A CB  1 
ATOM   709  C  CG  . PHE A 1 90  ? -2.835  -10.433 -2.326  1.00 17.11 ? 89  PHE A CG  1 
ATOM   710  C  CD1 . PHE A 1 90  ? -1.840  -10.947 -3.152  1.00 17.88 ? 89  PHE A CD1 1 
ATOM   711  C  CD2 . PHE A 1 90  ? -2.624  -10.411 -0.950  1.00 17.81 ? 89  PHE A CD2 1 
ATOM   712  C  CE1 . PHE A 1 90  ? -0.655  -11.455 -2.613  1.00 18.38 ? 89  PHE A CE1 1 
ATOM   713  C  CE2 . PHE A 1 90  ? -1.438  -10.917 -0.397  1.00 19.62 ? 89  PHE A CE2 1 
ATOM   714  C  CZ  . PHE A 1 90  ? -0.460  -11.442 -1.234  1.00 20.13 ? 89  PHE A CZ  1 
ATOM   715  N  N   . VAL A 1 91  ? -5.167  -7.467  -5.105  1.00 14.35 ? 90  VAL A N   1 
ATOM   716  C  CA  . VAL A 1 91  ? -6.288  -6.939  -5.854  1.00 15.55 ? 90  VAL A CA  1 
ATOM   717  C  C   . VAL A 1 91  ? -7.302  -8.064  -6.002  1.00 15.82 ? 90  VAL A C   1 
ATOM   718  O  O   . VAL A 1 91  ? -6.927  -9.214  -6.216  1.00 16.54 ? 90  VAL A O   1 
ATOM   719  C  CB  . VAL A 1 91  ? -5.839  -6.400  -7.222  1.00 15.51 ? 90  VAL A CB  1 
ATOM   720  C  CG1 . VAL A 1 91  ? -7.044  -5.835  -7.999  1.00 16.26 ? 90  VAL A CG1 1 
ATOM   721  C  CG2 . VAL A 1 91  ? -4.792  -5.309  -7.031  1.00 16.14 ? 90  VAL A CG2 1 
ATOM   722  N  N   . ALA A 1 92  ? -8.573  -7.726  -5.831  1.00 16.70 ? 91  ALA A N   1 
ATOM   723  C  CA  . ALA A 1 92  ? -9.645  -8.674  -6.005  1.00 18.03 ? 91  ALA A CA  1 
ATOM   724  C  C   . ALA A 1 92  ? -10.351 -8.361  -7.322  1.00 18.99 ? 91  ALA A C   1 
ATOM   725  O  O   . ALA A 1 92  ? -9.711  -8.377  -8.379  1.00 19.14 ? 91  ALA A O   1 
ATOM   726  C  CB  . ALA A 1 92  ? -10.602 -8.623  -4.819  1.00 18.30 ? 91  ALA A CB  1 
ATOM   727  N  N   . ASP A 1 93  ? -11.641 -8.049  -7.237  1.00 20.49 ? 92  ASP A N   1 
ATOM   728  C  CA  . ASP A 1 93  ? -12.508 -7.834  -8.403  1.00 21.97 ? 92  ASP A CA  1 
ATOM   729  C  C   . ASP A 1 93  ? -12.884 -6.367  -8.657  1.00 21.54 ? 92  ASP A C   1 
ATOM   730  O  O   . ASP A 1 93  ? -13.660 -6.079  -9.576  1.00 22.68 ? 92  ASP A O   1 
ATOM   731  C  CB  . ASP A 1 93  ? -13.797 -8.683  -8.260  1.00 23.00 ? 92  ASP A CB  1 
ATOM   732  C  CG  . ASP A 1 93  ? -14.619 -8.337  -7.001  1.00 27.33 ? 92  ASP A CG  1 
ATOM   733  O  OD1 . ASP A 1 93  ? -14.073 -7.784  -6.013  1.00 28.37 ? 92  ASP A OD1 1 
ATOM   734  O  OD2 . ASP A 1 93  ? -15.848 -8.624  -7.005  1.00 32.95 ? 92  ASP A OD2 1 
ATOM   735  N  N   . GLU A 1 94  ? -12.359 -5.440  -7.861  1.00 19.31 ? 93  GLU A N   1 
ATOM   736  C  CA  . GLU A 1 94  ? -12.736 -4.025  -8.007  1.00 18.52 ? 93  GLU A CA  1 
ATOM   737  C  C   . GLU A 1 94  ? -11.507 -3.146  -8.191  1.00 17.41 ? 93  GLU A C   1 
ATOM   738  O  O   . GLU A 1 94  ? -10.413 -3.489  -7.713  1.00 17.13 ? 93  GLU A O   1 
ATOM   739  C  CB  . GLU A 1 94  ? -13.554 -3.519  -6.801  1.00 18.69 ? 93  GLU A CB  1 
ATOM   740  C  CG  . GLU A 1 94  ? -14.802 -4.364  -6.428  1.00 22.91 ? 93  GLU A CG  1 
ATOM   741  C  CD  . GLU A 1 94  ? -15.995 -4.119  -7.350  1.00 29.13 ? 93  GLU A CD  1 
ATOM   742  O  OE1 . GLU A 1 94  ? -15.972 -3.122  -8.114  1.00 31.19 ? 93  GLU A OE1 1 
ATOM   743  O  OE2 . GLU A 1 94  ? -16.962 -4.927  -7.308  1.00 32.62 ? 93  GLU A OE2 1 
ATOM   744  N  N   . ASP A 1 95  ? -11.698 -2.005  -8.851  1.00 16.15 ? 94  ASP A N   1 
ATOM   745  C  CA  . ASP A 1 95  ? -10.611 -1.043  -8.993  1.00 15.54 ? 94  ASP A CA  1 
ATOM   746  C  C   . ASP A 1 95  ? -10.178 -0.582  -7.601  1.00 14.58 ? 94  ASP A C   1 
ATOM   747  O  O   . ASP A 1 95  ? -11.015 -0.451  -6.704  1.00 13.82 ? 94  ASP A O   1 
ATOM   748  C  CB  . ASP A 1 95  ? -11.064 0.168   -9.791  1.00 15.26 ? 94  ASP A CB  1 
ATOM   749  C  CG  . ASP A 1 95  ? -11.496 -0.185  -11.235 1.00 17.08 ? 94  ASP A CG  1 
ATOM   750  O  OD1 . ASP A 1 95  ? -11.248 -1.310  -11.740 1.00 16.71 ? 94  ASP A OD1 1 
ATOM   751  O  OD2 . ASP A 1 95  ? -12.078 0.713   -11.854 1.00 19.81 ? 94  ASP A OD2 1 
ATOM   752  N  N   . LEU A 1 96  ? -8.882  -0.313  -7.432  1.00 14.24 ? 95  LEU A N   1 
ATOM   753  C  CA  . LEU A 1 96  ? -8.358  0.267   -6.178  1.00 13.75 ? 95  LEU A CA  1 
ATOM   754  C  C   . LEU A 1 96  ? -7.697  1.614   -6.450  1.00 14.33 ? 95  LEU A C   1 
ATOM   755  O  O   . LEU A 1 96  ? -7.070  1.797   -7.496  1.00 14.46 ? 95  LEU A O   1 
ATOM   756  C  CB  . LEU A 1 96  ? -7.295  -0.642  -5.558  1.00 12.96 ? 95  LEU A CB  1 
ATOM   757  C  CG  . LEU A 1 96  ? -7.685  -2.083  -5.290  1.00 14.44 ? 95  LEU A CG  1 
ATOM   758  C  CD1 . LEU A 1 96  ? -6.522  -2.822  -4.664  1.00 14.42 ? 95  LEU A CD1 1 
ATOM   759  C  CD2 . LEU A 1 96  ? -8.922  -2.132  -4.377  1.00 12.60 ? 95  LEU A CD2 1 
ATOM   760  N  N   . THR A 1 97  ? -7.851  2.547   -5.513  1.00 13.76 ? 96  THR A N   1 
ATOM   761  C  CA  . THR A 1 97  ? -7.065  3.779   -5.505  1.00 13.41 ? 96  THR A CA  1 
ATOM   762  C  C   . THR A 1 97  ? -6.258  3.742   -4.213  1.00 13.03 ? 96  THR A C   1 
ATOM   763  O  O   . THR A 1 97  ? -6.824  3.530   -3.126  1.00 12.45 ? 96  THR A O   1 
ATOM   764  C  CB  . THR A 1 97  ? -7.962  5.036   -5.554  1.00 14.27 ? 96  THR A CB  1 
ATOM   765  O  OG1 . THR A 1 97  ? -8.635  5.072   -6.824  1.00 14.53 ? 96  THR A OG1 1 
ATOM   766  C  CG2 . THR A 1 97  ? -7.158  6.314   -5.360  1.00 15.23 ? 96  THR A CG2 1 
ATOM   767  N  N   . ILE A 1 98  ? -4.946  3.935   -4.351  1.00 12.07 ? 97  ILE A N   1 
ATOM   768  C  CA  . ILE A 1 98  ? -3.986  3.780   -3.252  1.00 12.07 ? 97  ILE A CA  1 
ATOM   769  C  C   . ILE A 1 98  ? -3.272  5.086   -2.983  1.00 11.77 ? 97  ILE A C   1 
ATOM   770  O  O   . ILE A 1 98  ? -2.695  5.705   -3.899  1.00 12.32 ? 97  ILE A O   1 
ATOM   771  C  CB  . ILE A 1 98  ? -2.893  2.693   -3.603  1.00 11.71 ? 97  ILE A CB  1 
ATOM   772  C  CG1 . ILE A 1 98  ? -3.500  1.344   -4.045  1.00 13.93 ? 97  ILE A CG1 1 
ATOM   773  C  CG2 . ILE A 1 98  ? -1.853  2.547   -2.437  1.00 10.69 ? 97  ILE A CG2 1 
ATOM   774  C  CD1 . ILE A 1 98  ? -4.260  0.556   -2.992  1.00 15.53 ? 97  ILE A CD1 1 
ATOM   775  N  N   . GLU A 1 99  ? -3.326  5.542   -1.732  1.00 11.55 ? 98  GLU A N   1 
ATOM   776  C  CA  . GLU A 1 99  ? -2.525  6.683   -1.324  1.00 11.33 ? 98  GLU A CA  1 
ATOM   777  C  C   . GLU A 1 99  ? -1.353  6.201   -0.478  1.00 11.29 ? 98  GLU A C   1 
ATOM   778  O  O   . GLU A 1 99  ? -1.532  5.450   0.503   1.00 10.55 ? 98  GLU A O   1 
ATOM   779  C  CB  . GLU A 1 99  ? -3.363  7.674   -0.535  1.00 12.25 ? 98  GLU A CB  1 
ATOM   780  C  CG  . GLU A 1 99  ? -2.550  8.850   -0.008  1.00 15.53 ? 98  GLU A CG  1 
ATOM   781  C  CD  . GLU A 1 99  ? -3.398  9.727   0.866   1.00 22.46 ? 98  GLU A CD  1 
ATOM   782  O  OE1 . GLU A 1 99  ? -4.248  10.441  0.304   1.00 22.33 ? 98  GLU A OE1 1 
ATOM   783  O  OE2 . GLU A 1 99  ? -3.230  9.679   2.106   1.00 25.15 ? 98  GLU A OE2 1 
ATOM   784  N  N   . ILE A 1 100 ? -0.152  6.603   -0.880  1.00 10.21 ? 99  ILE A N   1 
ATOM   785  C  CA  . ILE A 1 100 ? 1.031   6.343   -0.059  1.00 10.27 ? 99  ILE A CA  1 
ATOM   786  C  C   . ILE A 1 100 ? 1.129   7.556   0.869   1.00 9.74  ? 99  ILE A C   1 
ATOM   787  O  O   . ILE A 1 100 ? 1.081   8.707   0.400   1.00 8.58  ? 99  ILE A O   1 
ATOM   788  C  CB  . ILE A 1 100 ? 2.298   6.182   -0.937  1.00 9.68  ? 99  ILE A CB  1 
ATOM   789  C  CG1 . ILE A 1 100 ? 2.119   4.988   -1.875  1.00 11.58 ? 99  ILE A CG1 1 
ATOM   790  C  CG2 . ILE A 1 100 ? 3.563   5.973   -0.056  1.00 10.07 ? 99  ILE A CG2 1 
ATOM   791  C  CD1 . ILE A 1 100 ? 3.119   4.924   -3.044  1.00 12.67 ? 99  ILE A CD1 1 
ATOM   792  N  N   . PRO A 1 101 ? 1.224   7.321   2.192   1.00 10.66 ? 100 PRO A N   1 
ATOM   793  C  CA  . PRO A 1 101 ? 1.254   8.439   3.159   1.00 10.32 ? 100 PRO A CA  1 
ATOM   794  C  C   . PRO A 1 101 ? 2.474   9.334   2.976   1.00 9.66  ? 100 PRO A C   1 
ATOM   795  O  O   . PRO A 1 101 ? 3.544   8.863   2.552   1.00 9.97  ? 100 PRO A O   1 
ATOM   796  C  CB  . PRO A 1 101 ? 1.326   7.752   4.540   1.00 10.85 ? 100 PRO A CB  1 
ATOM   797  C  CG  . PRO A 1 101 ? 1.047   6.323   4.300   1.00 12.24 ? 100 PRO A CG  1 
ATOM   798  C  CD  . PRO A 1 101 ? 1.314   6.000   2.844   1.00 10.25 ? 100 PRO A CD  1 
ATOM   799  N  N   . LYS A 1 102 ? 2.311   10.603  3.323   1.00 9.52  ? 101 LYS A N   1 
ATOM   800  C  CA  . LYS A 1 102 ? 3.413   11.563  3.256   1.00 10.43 ? 101 LYS A CA  1 
ATOM   801  C  C   . LYS A 1 102 ? 4.450   11.286  4.342   1.00 9.80  ? 101 LYS A C   1 
ATOM   802  O  O   . LYS A 1 102 ? 5.635   11.556  4.140   1.00 9.54  ? 101 LYS A O   1 
ATOM   803  C  CB  . LYS A 1 102 ? 2.886   12.999  3.390   1.00 11.45 ? 101 LYS A CB  1 
ATOM   804  C  CG  . LYS A 1 102 ? 3.981   14.078  3.287   1.00 12.80 ? 101 LYS A CG  1 
ATOM   805  C  CD  . LYS A 1 102 ? 3.390   15.439  2.956   1.00 18.45 ? 101 LYS A CD  1 
ATOM   806  C  CE  . LYS A 1 102 ? 4.521   16.469  2.804   1.00 21.74 ? 101 LYS A CE  1 
ATOM   807  N  NZ  . LYS A 1 102 ? 3.948   17.832  2.574   1.00 27.35 ? 101 LYS A NZ  1 
ATOM   808  N  N   . TYR A 1 103 ? 3.998   10.766  5.494   1.00 9.97  ? 102 TYR A N   1 
ATOM   809  C  CA  . TYR A 1 103 ? 4.893   10.562  6.630   1.00 9.88  ? 102 TYR A CA  1 
ATOM   810  C  C   . TYR A 1 103 ? 4.868   9.120   7.110   1.00 9.89  ? 102 TYR A C   1 
ATOM   811  O  O   . TYR A 1 103 ? 3.936   8.359   6.818   1.00 9.32  ? 102 TYR A O   1 
ATOM   812  C  CB  . TYR A 1 103 ? 4.563   11.512  7.798   1.00 10.31 ? 102 TYR A CB  1 
ATOM   813  C  CG  . TYR A 1 103 ? 4.489   12.969  7.410   1.00 10.82 ? 102 TYR A CG  1 
ATOM   814  C  CD1 . TYR A 1 103 ? 5.650   13.718  7.180   1.00 10.33 ? 102 TYR A CD1 1 
ATOM   815  C  CD2 . TYR A 1 103 ? 3.249   13.606  7.274   1.00 13.00 ? 102 TYR A CD2 1 
ATOM   816  C  CE1 . TYR A 1 103 ? 5.564   15.074  6.816   1.00 13.49 ? 102 TYR A CE1 1 
ATOM   817  C  CE2 . TYR A 1 103 ? 3.162   14.952  6.900   1.00 15.34 ? 102 TYR A CE2 1 
ATOM   818  C  CZ  . TYR A 1 103 ? 4.315   15.674  6.685   1.00 15.83 ? 102 TYR A CZ  1 
ATOM   819  O  OH  . TYR A 1 103 ? 4.200   17.001  6.326   1.00 16.23 ? 102 TYR A OH  1 
ATOM   820  N  N   . SER A 1 104 ? 5.913   8.756   7.853   1.00 10.18 ? 103 SER A N   1 
ATOM   821  C  CA  . SER A 1 104 ? 6.038   7.422   8.402   1.00 10.42 ? 103 SER A CA  1 
ATOM   822  C  C   . SER A 1 104 ? 6.922   7.474   9.647   1.00 10.61 ? 103 SER A C   1 
ATOM   823  O  O   . SER A 1 104 ? 7.541   8.514   9.944   1.00 10.03 ? 103 SER A O   1 
ATOM   824  C  CB  . SER A 1 104 ? 6.604   6.461   7.352   1.00 11.05 ? 103 SER A CB  1 
ATOM   825  O  OG  . SER A 1 104 ? 7.901   6.840   6.958   1.00 13.72 ? 103 SER A OG  1 
ATOM   826  N  N   . LEU A 1 105 ? 6.971   6.365   10.381  1.00 10.86 ? 104 LEU A N   1 
ATOM   827  C  CA  . LEU A 1 105 ? 7.884   6.260   11.527  1.00 11.00 ? 104 LEU A CA  1 
ATOM   828  C  C   . LEU A 1 105 ? 9.303   6.591   11.098  1.00 11.53 ? 104 LEU A C   1 
ATOM   829  O  O   . LEU A 1 105 ? 9.799   6.060   10.106  1.00 11.11 ? 104 LEU A O   1 
ATOM   830  C  CB  . LEU A 1 105 ? 7.863   4.850   12.140  1.00 11.21 ? 104 LEU A CB  1 
ATOM   831  C  CG  . LEU A 1 105 ? 6.638   4.521   12.989  1.00 11.96 ? 104 LEU A CG  1 
ATOM   832  C  CD1 . LEU A 1 105 ? 6.563   3.005   13.221  1.00 13.20 ? 104 LEU A CD1 1 
ATOM   833  C  CD2 . LEU A 1 105 ? 6.680   5.297   14.321  1.00 12.73 ? 104 LEU A CD2 1 
ATOM   834  N  N   . ASN A 1 106 ? 9.942   7.455   11.885  1.00 10.47 ? 105 ASN A N   1 
ATOM   835  C  CA  . ASN A 1 106 ? 11.319  7.847   11.673  1.00 11.72 ? 105 ASN A CA  1 
ATOM   836  C  C   . ASN A 1 106 ? 12.200  6.674   12.093  1.00 13.13 ? 105 ASN A C   1 
ATOM   837  O  O   . ASN A 1 106 ? 12.063  6.160   13.199  1.00 13.43 ? 105 ASN A O   1 
ATOM   838  C  CB  . ASN A 1 106 ? 11.588  9.120   12.518  1.00 10.80 ? 105 ASN A CB  1 
ATOM   839  C  CG  . ASN A 1 106 ? 12.926  9.765   12.241  1.00 11.59 ? 105 ASN A CG  1 
ATOM   840  O  OD1 . ASN A 1 106 ? 13.661  9.357   11.337  1.00 11.58 ? 105 ASN A OD1 1 
ATOM   841  N  ND2 . ASN A 1 106 ? 13.271  10.781  13.059  1.00 12.14 ? 105 ASN A ND2 1 
ATOM   842  N  N   . HIS A 1 107 ? 13.087  6.246   11.201  1.00 14.92 ? 106 HIS A N   1 
ATOM   843  C  CA  . HIS A 1 107 ? 13.905  5.049   11.434  1.00 17.12 ? 106 HIS A CA  1 
ATOM   844  C  C   . HIS A 1 107 ? 15.245  5.186   10.710  1.00 18.30 ? 106 HIS A C   1 
ATOM   845  O  O   . HIS A 1 107 ? 15.433  6.114   9.919   1.00 18.09 ? 106 HIS A O   1 
ATOM   846  C  CB  . HIS A 1 107 ? 13.139  3.754   11.069  1.00 16.92 ? 106 HIS A CB  1 
ATOM   847  C  CG  . HIS A 1 107 ? 12.783  3.631   9.615   1.00 18.74 ? 106 HIS A CG  1 
ATOM   848  N  ND1 . HIS A 1 107 ? 11.799  4.389   9.020   1.00 20.28 ? 106 HIS A ND1 1 
ATOM   849  C  CD2 . HIS A 1 107 ? 13.276  2.829   8.641   1.00 19.70 ? 106 HIS A CD2 1 
ATOM   850  C  CE1 . HIS A 1 107 ? 11.704  4.065   7.741   1.00 20.18 ? 106 HIS A CE1 1 
ATOM   851  N  NE2 . HIS A 1 107 ? 12.588  3.121   7.485   1.00 20.05 ? 106 HIS A NE2 1 
ATOM   852  N  N   . ALA A 1 108 ? 16.180  4.295   11.030  1.00 19.88 ? 107 ALA A N   1 
ATOM   853  C  CA  . ALA A 1 108 ? 17.533  4.330   10.488  1.00 22.30 ? 107 ALA A CA  1 
ATOM   854  C  C   . ALA A 1 108 ? 17.544  3.815   9.061   1.00 23.78 ? 107 ALA A C   1 
ATOM   855  O  O   . ALA A 1 108 ? 16.750  2.937   8.713   1.00 24.97 ? 107 ALA A O   1 
ATOM   856  C  CB  . ALA A 1 108 ? 18.463  3.457   11.360  1.00 22.00 ? 107 ALA A CB  1 
ATOM   857  N  N   . ALA A 1 109 ? 18.438  4.350   8.242   1.00 25.73 ? 108 ALA A N   1 
ATOM   858  C  CA  . ALA A 1 109 ? 18.680  3.788   6.917   1.00 27.12 ? 108 ALA A CA  1 
ATOM   859  C  C   . ALA A 1 109 ? 19.205  2.347   7.045   1.00 28.16 ? 108 ALA A C   1 
ATOM   860  O  O   . ALA A 1 109 ? 20.023  2.022   7.923   1.00 29.05 ? 108 ALA A O   1 
ATOM   861  C  CB  . ALA A 1 109 ? 19.655  4.654   6.145   1.00 27.56 ? 108 ALA A CB  1 
HETATM 862  FE FE1 . FES B 2 .   ? 6.914   -4.815  6.391   1.00 12.93 ? 201 FES A FE1 1 
HETATM 863  FE FE2 . FES B 2 .   ? 4.824   -4.741  4.674   1.00 11.87 ? 201 FES A FE2 1 
HETATM 864  S  S1  . FES B 2 .   ? 4.744   -5.001  6.846   1.00 13.08 ? 201 FES A S1  1 
HETATM 865  S  S2  . FES B 2 .   ? 6.972   -4.647  4.163   1.00 12.53 ? 201 FES A S2  1 
HETATM 866  NA NA  . NA  C 3 .   ? 9.552   4.731   3.883   1.00 26.92 ? 202 NA  A NA  1 
HETATM 867  CL CL  . CL  D 4 .   ? 4.390   4.486   9.608   1.00 18.98 ? 203 CL  A CL  1 
HETATM 868  O  O   . HOH E 5 .   ? 3.091   5.661   7.103   1.00 9.22  ? 301 HOH A O   1 
HETATM 869  O  O   . HOH E 5 .   ? 10.336  7.922   7.531   0.50 15.67 ? 302 HOH A O   1 
HETATM 870  O  O   . HOH E 5 .   ? -11.929 2.339   -0.417  1.00 11.58 ? 303 HOH A O   1 
HETATM 871  O  O   . HOH E 5 .   ? 0.140   8.356   -3.128  1.00 11.29 ? 304 HOH A O   1 
HETATM 872  O  O   . HOH E 5 .   ? -3.313  -9.408  6.753   1.00 15.24 ? 305 HOH A O   1 
HETATM 873  O  O   . HOH E 5 .   ? -9.198  5.859   5.166   1.00 10.43 ? 306 HOH A O   1 
HETATM 874  O  O   . HOH E 5 .   ? -10.154 -5.287  -5.690  1.00 14.81 ? 307 HOH A O   1 
HETATM 875  O  O   . HOH E 5 .   ? 6.904   11.795  1.665   1.00 11.34 ? 308 HOH A O   1 
HETATM 876  O  O   . HOH E 5 .   ? -11.651 -5.053  3.136   1.00 15.10 ? 309 HOH A O   1 
HETATM 877  O  O   . HOH E 5 .   ? 5.173   3.929   5.879   1.00 13.33 ? 310 HOH A O   1 
HETATM 878  O  O   . HOH E 5 .   ? -10.667 7.904   1.991   1.00 15.71 ? 311 HOH A O   1 
HETATM 879  O  O   . HOH E 5 .   ? -7.836  -0.654  7.912   1.00 11.07 ? 312 HOH A O   1 
HETATM 880  O  O   . HOH E 5 .   ? -3.476  9.366   6.893   1.00 14.48 ? 313 HOH A O   1 
HETATM 881  O  O   . HOH E 5 .   ? 12.893  7.395   8.474   1.00 12.52 ? 314 HOH A O   1 
HETATM 882  O  O   . HOH E 5 .   ? -9.026  -5.037  6.653   1.00 13.88 ? 315 HOH A O   1 
HETATM 883  O  O   . HOH E 5 .   ? -2.800  8.903   -9.982  1.00 17.28 ? 316 HOH A O   1 
HETATM 884  O  O   . HOH E 5 .   ? -8.164  2.803   -10.223 1.00 16.82 ? 317 HOH A O   1 
HETATM 885  O  O   . HOH E 5 .   ? 16.475  9.776   10.885  1.00 19.30 ? 318 HOH A O   1 
HETATM 886  O  O   . HOH E 5 .   ? -11.641 -0.201  8.804   1.00 15.28 ? 319 HOH A O   1 
HETATM 887  O  O   . HOH E 5 .   ? 2.086   -4.252  -14.315 1.00 14.98 ? 320 HOH A O   1 
HETATM 888  O  O   . HOH E 5 .   ? -9.014  -4.961  3.900   1.00 16.18 ? 321 HOH A O   1 
HETATM 889  O  O   . HOH E 5 .   ? -7.755  -9.107  -1.315  1.00 14.86 ? 322 HOH A O   1 
HETATM 890  O  O   . HOH E 5 .   ? 8.201   4.161   5.835   1.00 21.68 ? 323 HOH A O   1 
HETATM 891  O  O   . HOH E 5 .   ? -0.607  10.998  -2.284  1.00 20.63 ? 324 HOH A O   1 
HETATM 892  O  O   . HOH E 5 .   ? -13.963 2.036   2.458   1.00 13.31 ? 325 HOH A O   1 
HETATM 893  O  O   . HOH E 5 .   ? 4.390   3.683   3.006   1.00 12.19 ? 326 HOH A O   1 
HETATM 894  O  O   . HOH E 5 .   ? 8.143   0.800   10.412  1.00 18.10 ? 327 HOH A O   1 
HETATM 895  O  O   . HOH E 5 .   ? 1.151   14.106  12.270  0.50 16.44 ? 328 HOH A O   1 
HETATM 896  O  O   . HOH E 5 .   ? -1.100  -8.078  -13.966 1.00 25.27 ? 329 HOH A O   1 
HETATM 897  O  O   . HOH E 5 .   ? -0.379  11.630  3.779   1.00 13.22 ? 330 HOH A O   1 
HETATM 898  O  O   . HOH E 5 .   ? -14.338 -1.449  -9.711  1.00 22.95 ? 331 HOH A O   1 
HETATM 899  O  O   . HOH E 5 .   ? -14.291 3.681   -0.249  1.00 21.35 ? 332 HOH A O   1 
HETATM 900  O  O   . HOH E 5 .   ? 10.014  5.737   -6.272  1.00 16.99 ? 333 HOH A O   1 
HETATM 901  O  O   . HOH E 5 .   ? 8.719   3.886   8.615   1.00 13.51 ? 334 HOH A O   1 
HETATM 902  O  O   . HOH E 5 .   ? -1.831  4.405   -17.336 1.00 21.16 ? 335 HOH A O   1 
HETATM 903  O  O   . HOH E 5 .   ? -5.874  -7.987  0.522   1.00 15.79 ? 336 HOH A O   1 
HETATM 904  O  O   . HOH E 5 .   ? -8.323  -3.127  8.399   1.00 21.22 ? 337 HOH A O   1 
HETATM 905  O  O   . HOH E 5 .   ? -15.229 -2.100  -2.914  1.00 20.71 ? 338 HOH A O   1 
HETATM 906  O  O   . HOH E 5 .   ? -12.047 -11.255 4.283   1.00 27.32 ? 339 HOH A O   1 
HETATM 907  O  O   . HOH E 5 .   ? 0.667   11.253  0.051   1.00 22.25 ? 340 HOH A O   1 
HETATM 908  O  O   . HOH E 5 .   ? 5.031   2.725   -15.250 1.00 22.26 ? 341 HOH A O   1 
HETATM 909  O  O   . HOH E 5 .   ? 1.924   -8.038  14.506  1.00 21.45 ? 342 HOH A O   1 
HETATM 910  O  O   . HOH E 5 .   ? -0.487  9.722   13.364  1.00 25.21 ? 343 HOH A O   1 
HETATM 911  O  O   . HOH E 5 .   ? -0.362  -5.230  -15.094 1.00 24.16 ? 344 HOH A O   1 
HETATM 912  O  O   . HOH E 5 .   ? -2.233  10.090  4.642   1.00 27.89 ? 345 HOH A O   1 
HETATM 913  O  O   . HOH E 5 .   ? -14.833 2.429   -2.807  1.00 20.84 ? 346 HOH A O   1 
HETATM 914  O  O   . HOH E 5 .   ? -13.588 0.356   -6.798  1.00 17.52 ? 347 HOH A O   1 
HETATM 915  O  O   . HOH E 5 .   ? 15.654  2.201   13.135  1.00 21.94 ? 348 HOH A O   1 
HETATM 916  O  O   . HOH E 5 .   ? -0.521  14.336  4.990   1.00 25.08 ? 349 HOH A O   1 
HETATM 917  O  O   . HOH E 5 .   ? 0.732   -9.581  16.511  1.00 23.01 ? 350 HOH A O   1 
HETATM 918  O  O   . HOH E 5 .   ? -5.358  9.427   11.072  1.00 30.10 ? 351 HOH A O   1 
HETATM 919  O  O   . HOH E 5 .   ? 13.214  5.262   4.528   1.00 23.58 ? 352 HOH A O   1 
HETATM 920  O  O   . HOH E 5 .   ? -10.128 3.078   -7.949  1.00 25.03 ? 353 HOH A O   1 
HETATM 921  O  O   . HOH E 5 .   ? 2.745   -7.259  -9.991  1.00 25.51 ? 354 HOH A O   1 
HETATM 922  O  O   . HOH E 5 .   ? -0.276  5.737   -15.335 1.00 24.88 ? 355 HOH A O   1 
HETATM 923  O  O   . HOH E 5 .   ? 10.209  1.868   10.327  1.00 25.55 ? 356 HOH A O   1 
HETATM 924  O  O   . HOH E 5 .   ? 1.800   -9.393  -7.848  1.00 23.28 ? 357 HOH A O   1 
HETATM 925  O  O   . HOH E 5 .   ? -1.200  3.917   14.329  1.00 28.93 ? 358 HOH A O   1 
HETATM 926  O  O   . HOH E 5 .   ? -5.970  -13.300 12.299  1.00 27.98 ? 359 HOH A O   1 
HETATM 927  O  O   . HOH E 5 .   ? -5.157  10.034  -9.662  1.00 32.63 ? 360 HOH A O   1 
HETATM 928  O  O   . HOH E 5 .   ? 12.903  -1.641  1.704   1.00 26.45 ? 361 HOH A O   1 
HETATM 929  O  O   . HOH E 5 .   ? -11.626 -4.937  7.320   1.00 30.10 ? 362 HOH A O   1 
HETATM 930  O  O   . HOH E 5 .   ? -13.622 -4.923  5.011   1.00 22.23 ? 363 HOH A O   1 
HETATM 931  O  O   . HOH E 5 .   ? -3.254  11.834  -1.929  1.00 28.76 ? 364 HOH A O   1 
HETATM 932  O  O   . HOH E 5 .   ? 11.267  5.841   -8.728  1.00 39.72 ? 365 HOH A O   1 
HETATM 933  O  O   . HOH E 5 .   ? -7.752  1.147   10.745  1.00 27.53 ? 366 HOH A O   1 
HETATM 934  O  O   . HOH E 5 .   ? 11.301  -11.121 5.763   1.00 21.62 ? 367 HOH A O   1 
HETATM 935  O  O   . HOH E 5 .   ? -15.667 0.097   -1.405  1.00 37.01 ? 368 HOH A O   1 
HETATM 936  O  O   . HOH E 5 .   ? -13.813 -8.805  2.560   1.00 29.10 ? 369 HOH A O   1 
HETATM 937  O  O   . HOH E 5 .   ? -4.867  -1.528  13.825  1.00 25.62 ? 370 HOH A O   1 
HETATM 938  O  O   . HOH E 5 .   ? 13.416  16.006  1.697   1.00 26.11 ? 371 HOH A O   1 
HETATM 939  O  O   . HOH E 5 .   ? 20.573  5.692   9.569   1.00 21.85 ? 372 HOH A O   1 
HETATM 940  O  O   . HOH E 5 .   ? 11.960  -0.018  9.851   1.00 32.98 ? 373 HOH A O   1 
HETATM 941  O  O   . HOH E 5 .   ? -16.790 -4.482  -2.584  1.00 27.63 ? 374 HOH A O   1 
HETATM 942  O  O   . HOH E 5 .   ? 9.415   -3.009  12.459  1.00 28.99 ? 375 HOH A O   1 
HETATM 943  O  O   . HOH E 5 .   ? 3.348   -12.421 4.328   1.00 24.93 ? 376 HOH A O   1 
HETATM 944  O  O   . HOH E 5 .   ? -9.846  -2.816  -17.387 1.00 31.16 ? 377 HOH A O   1 
HETATM 945  O  O   . HOH E 5 .   ? -4.988  -9.606  2.456   1.00 29.52 ? 378 HOH A O   1 
HETATM 946  O  O   . HOH E 5 .   ? 0.062   -3.092  18.252  1.00 29.69 ? 379 HOH A O   1 
HETATM 947  O  O   . HOH E 5 .   ? -12.632 1.092   -14.490 1.00 33.87 ? 380 HOH A O   1 
HETATM 948  O  O   . HOH E 5 .   ? -2.894  8.029   -12.588 1.00 30.87 ? 381 HOH A O   1 
HETATM 949  O  O   . HOH E 5 .   ? -6.763  11.759  5.454   1.00 30.89 ? 382 HOH A O   1 
HETATM 950  O  O   . HOH E 5 .   ? 7.829   6.782   -10.092 1.00 39.27 ? 383 HOH A O   1 
HETATM 951  O  O   . HOH E 5 .   ? -5.529  -10.480 4.954   1.00 28.14 ? 384 HOH A O   1 
HETATM 952  O  O   . HOH E 5 .   ? 2.810   -6.329  16.430  1.00 30.74 ? 385 HOH A O   1 
HETATM 953  O  O   . HOH E 5 .   ? -17.095 -5.768  2.307   1.00 37.46 ? 386 HOH A O   1 
HETATM 954  O  O   . HOH E 5 .   ? -12.893 3.379   -8.080  1.00 35.83 ? 387 HOH A O   1 
HETATM 955  O  O   . HOH E 5 .   ? 13.342  3.345   -9.140  1.00 33.25 ? 388 HOH A O   1 
HETATM 956  O  O   . HOH E 5 .   ? -2.110  -5.183  -17.813 1.00 33.60 ? 389 HOH A O   1 
HETATM 957  O  O   . HOH E 5 .   ? 9.069   -6.398  -4.963  1.00 33.04 ? 390 HOH A O   1 
HETATM 958  O  O   . HOH E 5 .   ? -11.753 -2.106  -14.218 1.00 25.93 ? 391 HOH A O   1 
HETATM 959  O  O   . HOH E 5 .   ? -18.202 -4.736  0.062   1.00 32.50 ? 392 HOH A O   1 
HETATM 960  O  O   . HOH E 5 .   ? -2.877  -1.414  -17.969 1.00 30.29 ? 393 HOH A O   1 
HETATM 961  O  O   . HOH E 5 .   ? -12.981 -3.819  -11.744 1.00 36.77 ? 394 HOH A O   1 
HETATM 962  O  O   . HOH E 5 .   ? -2.944  -3.578  -19.735 1.00 29.07 ? 395 HOH A O   1 
HETATM 963  O  O   . HOH E 5 .   ? 7.730   -11.591 1.588   1.00 32.81 ? 396 HOH A O   1 
HETATM 964  O  O   . HOH E 5 .   ? -12.227 8.965   0.372   0.50 19.39 ? 397 HOH A O   1 
HETATM 965  O  O   . HOH E 5 .   ? 1.013   15.890  9.884   1.00 41.71 ? 398 HOH A O   1 
HETATM 966  O  O   . HOH E 5 .   ? -0.806  12.621  1.425   1.00 30.42 ? 399 HOH A O   1 
HETATM 967  O  O   . HOH E 5 .   ? -8.968  6.961   -8.590  1.00 29.74 ? 400 HOH A O   1 
HETATM 968  O  O   . HOH E 5 .   ? -15.252 -2.987  4.639   1.00 27.48 ? 401 HOH A O   1 
HETATM 969  O  O   . HOH E 5 .   ? -4.462  -4.360  17.075  1.00 32.61 ? 402 HOH A O   1 
HETATM 970  O  O   . HOH E 5 .   ? 3.270   13.460  -0.798  1.00 29.93 ? 403 HOH A O   1 
HETATM 971  O  O   . HOH E 5 .   ? -6.991  6.199   13.111  1.00 29.88 ? 404 HOH A O   1 
HETATM 972  O  O   . HOH E 5 .   ? 3.978   -10.052 1.106   1.00 31.09 ? 405 HOH A O   1 
HETATM 973  O  O   . HOH E 5 .   ? 4.667   3.422   16.809  1.00 36.58 ? 406 HOH A O   1 
HETATM 974  O  O   . HOH E 5 .   ? 7.818   -5.609  14.557  1.00 33.73 ? 407 HOH A O   1 
HETATM 975  O  O   . HOH E 5 .   ? -1.533  7.613   -14.864 1.00 31.65 ? 408 HOH A O   1 
HETATM 976  O  O   . HOH E 5 .   ? 0.659   -12.421 2.045   1.00 44.00 ? 409 HOH A O   1 
HETATM 977  O  O   . HOH E 5 .   ? 11.681  7.109   -4.674  1.00 38.10 ? 410 HOH A O   1 
HETATM 978  O  O   . HOH E 5 .   ? -3.634  11.543  8.299   1.00 31.86 ? 411 HOH A O   1 
HETATM 979  O  O   . HOH E 5 .   ? 6.111   18.389  5.260   1.00 31.59 ? 412 HOH A O   1 
HETATM 980  O  O   . HOH E 5 .   ? -15.015 -7.017  5.197   1.00 46.45 ? 413 HOH A O   1 
HETATM 981  O  O   . HOH E 5 .   ? 7.732   -2.500  -15.339 1.00 35.07 ? 414 HOH A O   1 
HETATM 982  O  O   . HOH E 5 .   ? -9.148  9.239   -3.512  1.00 21.52 ? 415 HOH A O   1 
HETATM 983  O  O   . HOH E 5 .   ? -0.771  15.468  7.420   1.00 35.84 ? 416 HOH A O   1 
HETATM 984  O  O   . HOH E 5 .   ? 1.847   18.398  5.251   1.00 38.98 ? 417 HOH A O   1 
HETATM 985  O  O   . HOH E 5 .   ? -6.386  11.301  8.795   1.00 35.62 ? 418 HOH A O   1 
HETATM 986  O  O   . HOH E 5 .   ? -1.937  12.258  11.637  1.00 47.90 ? 419 HOH A O   1 
HETATM 987  O  O   . HOH E 5 .   ? 10.735  14.465  -4.314  1.00 33.08 ? 420 HOH A O   1 
HETATM 988  O  O   . HOH E 5 .   ? 3.759   14.722  -6.909  1.00 33.51 ? 421 HOH A O   1 
HETATM 989  O  O   . HOH E 5 .   ? 5.091   9.376   -11.227 1.00 42.25 ? 422 HOH A O   1 
HETATM 990  O  O   . HOH E 5 .   ? -14.319 -8.732  -3.134  1.00 36.40 ? 423 HOH A O   1 
HETATM 991  O  O   . HOH E 5 .   ? -9.264  -6.993  10.151  1.00 27.68 ? 424 HOH A O   1 
HETATM 992  O  O   . HOH E 5 .   ? 4.805   -8.143  -1.513  1.00 34.64 ? 425 HOH A O   1 
HETATM 993  O  O   . HOH E 5 .   ? -3.441  5.726   15.487  1.00 39.49 ? 426 HOH A O   1 
HETATM 994  O  O   . HOH E 5 .   ? -10.343 -0.307  11.203  1.00 37.26 ? 427 HOH A O   1 
HETATM 995  O  O   . HOH E 5 .   ? -2.880  -13.095 12.389  1.00 37.08 ? 428 HOH A O   1 
HETATM 996  O  O   . HOH E 5 .   ? -1.872  -11.365 5.740   1.00 35.57 ? 429 HOH A O   1 
HETATM 997  O  O   . HOH E 5 .   ? -1.467  -13.945 1.428   1.00 41.35 ? 430 HOH A O   1 
HETATM 998  O  O   . HOH E 5 .   ? -15.773 -7.939  0.238   1.00 38.57 ? 431 HOH A O   1 
HETATM 999  O  O   . HOH E 5 .   ? -16.547 -6.942  -3.668  1.00 39.25 ? 432 HOH A O   1 
HETATM 1000 O  O   . HOH E 5 .   ? -11.923 -10.154 -1.371  1.00 38.20 ? 433 HOH A O   1 
HETATM 1001 O  O   . HOH E 5 .   ? -13.126 -2.403  8.086   1.00 40.01 ? 434 HOH A O   1 
HETATM 1002 O  O   . HOH E 5 .   ? 4.578   10.493  -17.851 1.00 36.58 ? 435 HOH A O   1 
HETATM 1003 O  O   . HOH E 5 .   ? 12.874  0.425   12.671  1.00 42.52 ? 436 HOH A O   1 
HETATM 1004 O  O   . HOH E 5 .   ? 21.785  2.648   10.231  1.00 41.32 ? 437 HOH A O   1 
HETATM 1005 O  O   . HOH E 5 .   ? 5.825   4.331   -13.328 1.00 35.69 ? 438 HOH A O   1 
HETATM 1006 O  O   . HOH E 5 .   ? 5.430   6.071   -11.477 1.00 34.85 ? 439 HOH A O   1 
HETATM 1007 O  O   . HOH E 5 .   ? -0.130  15.346  1.683   1.00 40.14 ? 440 HOH A O   1 
HETATM 1008 O  O   . HOH E 5 .   ? 8.982   17.321  0.852   1.00 38.37 ? 441 HOH A O   1 
HETATM 1009 O  O   . HOH E 5 .   ? 14.021  -6.114  2.850   1.00 48.33 ? 442 HOH A O   1 
HETATM 1010 O  O   . HOH E 5 .   ? 12.535  -3.107  -3.483  1.00 39.14 ? 443 HOH A O   1 
HETATM 1011 O  O   . HOH E 5 .   ? 11.574  -1.714  -7.791  1.00 43.50 ? 444 HOH A O   1 
HETATM 1012 O  O   . HOH E 5 .   ? 13.507  4.230   -12.283 1.00 45.28 ? 445 HOH A O   1 
HETATM 1013 O  O   . HOH E 5 .   ? 12.553  8.046   -8.594  0.50 33.23 ? 446 HOH A O   1 
HETATM 1014 O  O   . HOH E 5 .   ? 9.934   9.111   -7.885  1.00 36.76 ? 447 HOH A O   1 
HETATM 1015 O  O   . HOH E 5 .   ? 15.158  5.078   -7.723  0.50 37.81 ? 448 HOH A O   1 
HETATM 1016 O  O   . HOH E 5 .   ? -11.154 -11.522 -7.351  1.00 35.27 ? 449 HOH A O   1 
HETATM 1017 O  O   . HOH E 5 .   ? -1.697  -13.917 15.215  1.00 38.47 ? 450 HOH A O   1 
HETATM 1018 O  O   . HOH E 5 .   ? -0.343  -12.521 16.654  1.00 38.39 ? 451 HOH A O   1 
HETATM 1019 O  O   . HOH E 5 .   ? 5.277   -12.647 2.467   1.00 43.68 ? 452 HOH A O   1 
# 
loop_
_pdbx_poly_seq_scheme.asym_id 
_pdbx_poly_seq_scheme.entity_id 
_pdbx_poly_seq_scheme.seq_id 
_pdbx_poly_seq_scheme.mon_id 
_pdbx_poly_seq_scheme.ndb_seq_num 
_pdbx_poly_seq_scheme.pdb_seq_num 
_pdbx_poly_seq_scheme.auth_seq_num 
_pdbx_poly_seq_scheme.pdb_mon_id 
_pdbx_poly_seq_scheme.auth_mon_id 
_pdbx_poly_seq_scheme.pdb_strand_id 
_pdbx_poly_seq_scheme.pdb_ins_code 
_pdbx_poly_seq_scheme.hetero 
A 1 1   MET 1   0   0   MET MET A . n 
A 1 2   PRO 2   1   1   PRO PRO A . n 
A 1 3   LEU 3   2   2   LEU LEU A . n 
A 1 4   VAL 4   3   3   VAL VAL A . n 
A 1 5   THR 5   4   4   THR THR A . n 
A 1 6   PHE 6   5   5   PHE PHE A . n 
A 1 7   LEU 7   6   6   LEU LEU A . n 
A 1 8   PRO 8   7   7   PRO PRO A . n 
A 1 9   HIS 9   8   8   HIS HIS A . n 
A 1 10  GLU 10  9   9   GLU GLU A . n 
A 1 11  LYS 11  10  10  LYS LYS A . n 
A 1 12  PHE 12  11  11  PHE PHE A . n 
A 1 13  CYS 13  12  12  CYS CYS A . n 
A 1 14  PRO 14  13  13  PRO PRO A . n 
A 1 15  GLU 15  14  14  GLU GLU A . n 
A 1 16  GLY 16  15  15  GLY GLY A . n 
A 1 17  LEU 17  16  16  LEU LEU A . n 
A 1 18  THR 18  17  17  THR THR A . n 
A 1 19  VAL 19  18  18  VAL VAL A . n 
A 1 20  GLU 20  19  19  GLU GLU A . n 
A 1 21  VAL 21  20  20  VAL VAL A . n 
A 1 22  LYS 22  21  21  LYS LYS A . n 
A 1 23  PRO 23  22  22  PRO PRO A . n 
A 1 24  GLY 24  23  23  GLY GLY A . n 
A 1 25  THR 25  24  24  THR THR A . n 
A 1 26  ASN 26  25  25  ASN ASN A . n 
A 1 27  ILE 27  26  26  ILE ILE A . n 
A 1 28  LEU 28  27  27  LEU LEU A . n 
A 1 29  GLU 29  28  28  GLU GLU A . n 
A 1 30  LEU 30  29  29  LEU LEU A . n 
A 1 31  ALA 31  30  30  ALA ALA A . n 
A 1 32  HIS 32  31  31  HIS HIS A . n 
A 1 33  ASP 33  32  32  ASP ASP A . n 
A 1 34  HIS 34  33  33  HIS HIS A . n 
A 1 35  HIS 35  34  34  HIS HIS A . n 
A 1 36  ILE 36  35  35  ILE ILE A . n 
A 1 37  GLU 37  36  36  GLU GLU A . n 
A 1 38  MET 38  37  37  MET MET A . n 
A 1 39  GLU 39  38  38  GLU GLU A . n 
A 1 40  SER 40  39  39  SER SER A . n 
A 1 41  ALA 41  40  40  ALA ALA A . n 
A 1 42  CYS 42  41  41  CYS CYS A . n 
A 1 43  GLY 43  42  42  GLY GLY A . n 
A 1 44  GLY 44  43  43  GLY GLY A . n 
A 1 45  VAL 45  44  44  VAL VAL A . n 
A 1 46  LYS 46  45  45  LYS LYS A . n 
A 1 47  ALA 47  46  46  ALA ALA A . n 
A 1 48  CYS 48  47  47  CYS CYS A . n 
A 1 49  THR 49  48  48  THR THR A . n 
A 1 50  THR 50  49  49  THR THR A . n 
A 1 51  CYS 51  50  50  CYS CYS A . n 
A 1 52  HIS 52  51  51  HIS HIS A . n 
A 1 53  CYS 53  52  52  CYS CYS A . n 
A 1 54  ILE 54  53  53  ILE ILE A . n 
A 1 55  VAL 55  54  54  VAL VAL A . n 
A 1 56  ARG 56  55  55  ARG ARG A . n 
A 1 57  LYS 57  56  56  LYS LYS A . n 
A 1 58  GLY 58  57  57  GLY GLY A . n 
A 1 59  PHE 59  58  58  PHE PHE A . n 
A 1 60  ASP 60  59  59  ASP ASP A . n 
A 1 61  SER 61  60  60  SER SER A . n 
A 1 62  LEU 62  61  61  LEU LEU A . n 
A 1 63  GLU 63  62  62  GLU GLU A . n 
A 1 64  GLU 64  63  63  GLU GLU A . n 
A 1 65  ALA 65  64  64  ALA ALA A . n 
A 1 66  ASP 66  65  65  ASP ASP A . n 
A 1 67  GLU 67  66  66  GLU GLU A . n 
A 1 68  LEU 68  67  67  LEU LEU A . n 
A 1 69  GLU 69  68  68  GLU GLU A . n 
A 1 70  GLU 70  69  69  GLU GLU A . n 
A 1 71  ASP 71  70  70  ASP ASP A . n 
A 1 72  MET 72  71  71  MET MET A . n 
A 1 73  LEU 73  72  72  LEU LEU A . n 
A 1 74  ASP 74  73  73  ASP ASP A . n 
A 1 75  LYS 75  74  74  LYS LYS A . n 
A 1 76  ALA 76  75  75  ALA ALA A . n 
A 1 77  TRP 77  76  76  TRP TRP A . n 
A 1 78  GLY 78  77  77  GLY GLY A . n 
A 1 79  LEU 79  78  78  LEU LEU A . n 
A 1 80  GLU 80  79  79  GLU GLU A . n 
A 1 81  ALA 81  80  80  ALA ALA A . n 
A 1 82  GLN 82  81  81  GLN GLN A . n 
A 1 83  SER 83  82  82  SER SER A . n 
A 1 84  ARG 84  83  83  ARG ARG A . n 
A 1 85  LEU 85  84  84  LEU LEU A . n 
A 1 86  GLY 86  85  85  GLY GLY A . n 
A 1 87  CYS 87  86  86  CYS CYS A . n 
A 1 88  GLN 88  87  87  GLN GLN A . n 
A 1 89  VAL 89  88  88  VAL VAL A . n 
A 1 90  PHE 90  89  89  PHE PHE A . n 
A 1 91  VAL 91  90  90  VAL VAL A . n 
A 1 92  ALA 92  91  91  ALA ALA A . n 
A 1 93  ASP 93  92  92  ASP ASP A . n 
A 1 94  GLU 94  93  93  GLU GLU A . n 
A 1 95  ASP 95  94  94  ASP ASP A . n 
A 1 96  LEU 96  95  95  LEU LEU A . n 
A 1 97  THR 97  96  96  THR THR A . n 
A 1 98  ILE 98  97  97  ILE ILE A . n 
A 1 99  GLU 99  98  98  GLU GLU A . n 
A 1 100 ILE 100 99  99  ILE ILE A . n 
A 1 101 PRO 101 100 100 PRO PRO A . n 
A 1 102 LYS 102 101 101 LYS LYS A . n 
A 1 103 TYR 103 102 102 TYR TYR A . n 
A 1 104 SER 104 103 103 SER SER A . n 
A 1 105 LEU 105 104 104 LEU LEU A . n 
A 1 106 ASN 106 105 105 ASN ASN A . n 
A 1 107 HIS 107 106 106 HIS HIS A . n 
A 1 108 ALA 108 107 107 ALA ALA A . n 
A 1 109 ALA 109 108 108 ALA ALA A . n 
A 1 110 GLU 110 109 ?   ?   ?   A . n 
A 1 111 ALA 111 110 ?   ?   ?   A . n 
A 1 112 PRO 112 111 ?   ?   ?   A . n 
A 1 113 HIS 113 112 ?   ?   ?   A . n 
# 
loop_
_pdbx_nonpoly_scheme.asym_id 
_pdbx_nonpoly_scheme.entity_id 
_pdbx_nonpoly_scheme.mon_id 
_pdbx_nonpoly_scheme.ndb_seq_num 
_pdbx_nonpoly_scheme.pdb_seq_num 
_pdbx_nonpoly_scheme.auth_seq_num 
_pdbx_nonpoly_scheme.pdb_mon_id 
_pdbx_nonpoly_scheme.auth_mon_id 
_pdbx_nonpoly_scheme.pdb_strand_id 
_pdbx_nonpoly_scheme.pdb_ins_code 
B 2 FES 1   201 201 FES FES A . 
C 3 NA  1   202 202 NA  NA  A . 
D 4 CL  1   203 203 CL  CL  A . 
E 5 HOH 1   301 301 HOH HOH A . 
E 5 HOH 2   302 302 HOH HOH A . 
E 5 HOH 3   303 303 HOH HOH A . 
E 5 HOH 4   304 304 HOH HOH A . 
E 5 HOH 5   305 305 HOH HOH A . 
E 5 HOH 6   306 306 HOH HOH A . 
E 5 HOH 7   307 307 HOH HOH A . 
E 5 HOH 8   308 308 HOH HOH A . 
E 5 HOH 9   309 309 HOH HOH A . 
E 5 HOH 10  310 310 HOH HOH A . 
E 5 HOH 11  311 311 HOH HOH A . 
E 5 HOH 12  312 312 HOH HOH A . 
E 5 HOH 13  313 313 HOH HOH A . 
E 5 HOH 14  314 314 HOH HOH A . 
E 5 HOH 15  315 315 HOH HOH A . 
E 5 HOH 16  316 316 HOH HOH A . 
E 5 HOH 17  317 317 HOH HOH A . 
E 5 HOH 18  318 318 HOH HOH A . 
E 5 HOH 19  319 319 HOH HOH A . 
E 5 HOH 20  320 320 HOH HOH A . 
E 5 HOH 21  321 321 HOH HOH A . 
E 5 HOH 22  322 322 HOH HOH A . 
E 5 HOH 23  323 323 HOH HOH A . 
E 5 HOH 24  324 324 HOH HOH A . 
E 5 HOH 25  325 325 HOH HOH A . 
E 5 HOH 26  326 326 HOH HOH A . 
E 5 HOH 27  327 327 HOH HOH A . 
E 5 HOH 28  328 328 HOH HOH A . 
E 5 HOH 29  329 329 HOH HOH A . 
E 5 HOH 30  330 330 HOH HOH A . 
E 5 HOH 31  331 331 HOH HOH A . 
E 5 HOH 32  332 332 HOH HOH A . 
E 5 HOH 33  333 333 HOH HOH A . 
E 5 HOH 34  334 334 HOH HOH A . 
E 5 HOH 35  335 335 HOH HOH A . 
E 5 HOH 36  336 336 HOH HOH A . 
E 5 HOH 37  337 337 HOH HOH A . 
E 5 HOH 38  338 338 HOH HOH A . 
E 5 HOH 39  339 339 HOH HOH A . 
E 5 HOH 40  340 340 HOH HOH A . 
E 5 HOH 41  341 341 HOH HOH A . 
E 5 HOH 42  342 342 HOH HOH A . 
E 5 HOH 43  343 343 HOH HOH A . 
E 5 HOH 44  344 344 HOH HOH A . 
E 5 HOH 45  345 345 HOH HOH A . 
E 5 HOH 46  346 346 HOH HOH A . 
E 5 HOH 47  347 347 HOH HOH A . 
E 5 HOH 48  348 348 HOH HOH A . 
E 5 HOH 49  349 349 HOH HOH A . 
E 5 HOH 50  350 350 HOH HOH A . 
E 5 HOH 51  351 351 HOH HOH A . 
E 5 HOH 52  352 352 HOH HOH A . 
E 5 HOH 53  353 353 HOH HOH A . 
E 5 HOH 54  354 354 HOH HOH A . 
E 5 HOH 55  355 355 HOH HOH A . 
E 5 HOH 56  356 356 HOH HOH A . 
E 5 HOH 57  357 357 HOH HOH A . 
E 5 HOH 58  358 358 HOH HOH A . 
E 5 HOH 59  359 359 HOH HOH A . 
E 5 HOH 60  360 360 HOH HOH A . 
E 5 HOH 61  361 361 HOH HOH A . 
E 5 HOH 62  362 362 HOH HOH A . 
E 5 HOH 63  363 363 HOH HOH A . 
E 5 HOH 64  364 364 HOH HOH A . 
E 5 HOH 65  365 365 HOH HOH A . 
E 5 HOH 66  366 366 HOH HOH A . 
E 5 HOH 67  367 367 HOH HOH A . 
E 5 HOH 68  368 368 HOH HOH A . 
E 5 HOH 69  369 369 HOH HOH A . 
E 5 HOH 70  370 370 HOH HOH A . 
E 5 HOH 71  371 371 HOH HOH A . 
E 5 HOH 72  372 372 HOH HOH A . 
E 5 HOH 73  373 373 HOH HOH A . 
E 5 HOH 74  374 374 HOH HOH A . 
E 5 HOH 75  375 375 HOH HOH A . 
E 5 HOH 76  376 376 HOH HOH A . 
E 5 HOH 77  377 377 HOH HOH A . 
E 5 HOH 78  378 378 HOH HOH A . 
E 5 HOH 79  379 379 HOH HOH A . 
E 5 HOH 80  380 380 HOH HOH A . 
E 5 HOH 81  381 381 HOH HOH A . 
E 5 HOH 82  382 382 HOH HOH A . 
E 5 HOH 83  383 383 HOH HOH A . 
E 5 HOH 84  384 384 HOH HOH A . 
E 5 HOH 85  385 385 HOH HOH A . 
E 5 HOH 86  386 386 HOH HOH A . 
E 5 HOH 87  387 387 HOH HOH A . 
E 5 HOH 88  388 388 HOH HOH A . 
E 5 HOH 89  389 389 HOH HOH A . 
E 5 HOH 90  390 390 HOH HOH A . 
E 5 HOH 91  391 391 HOH HOH A . 
E 5 HOH 92  392 392 HOH HOH A . 
E 5 HOH 93  393 393 HOH HOH A . 
E 5 HOH 94  394 394 HOH HOH A . 
E 5 HOH 95  395 395 HOH HOH A . 
E 5 HOH 96  396 396 HOH HOH A . 
E 5 HOH 97  397 397 HOH HOH A . 
E 5 HOH 98  398 398 HOH HOH A . 
E 5 HOH 99  399 399 HOH HOH A . 
E 5 HOH 100 400 400 HOH HOH A . 
E 5 HOH 101 401 401 HOH HOH A . 
E 5 HOH 102 402 402 HOH HOH A . 
E 5 HOH 103 403 403 HOH HOH A . 
E 5 HOH 104 404 404 HOH HOH A . 
E 5 HOH 105 405 405 HOH HOH A . 
E 5 HOH 106 406 406 HOH HOH A . 
E 5 HOH 107 407 407 HOH HOH A . 
E 5 HOH 108 408 408 HOH HOH A . 
E 5 HOH 109 409 409 HOH HOH A . 
E 5 HOH 110 410 410 HOH HOH A . 
E 5 HOH 111 411 411 HOH HOH A . 
E 5 HOH 112 412 412 HOH HOH A . 
E 5 HOH 113 413 413 HOH HOH A . 
E 5 HOH 114 414 414 HOH HOH A . 
E 5 HOH 115 415 415 HOH HOH A . 
E 5 HOH 116 416 416 HOH HOH A . 
E 5 HOH 117 417 417 HOH HOH A . 
E 5 HOH 118 418 418 HOH HOH A . 
E 5 HOH 119 419 419 HOH HOH A . 
E 5 HOH 120 420 420 HOH HOH A . 
E 5 HOH 121 421 421 HOH HOH A . 
E 5 HOH 122 422 422 HOH HOH A . 
E 5 HOH 123 423 423 HOH HOH A . 
E 5 HOH 124 424 424 HOH HOH A . 
E 5 HOH 125 425 425 HOH HOH A . 
E 5 HOH 126 426 426 HOH HOH A . 
E 5 HOH 127 427 427 HOH HOH A . 
E 5 HOH 128 428 428 HOH HOH A . 
E 5 HOH 129 429 429 HOH HOH A . 
E 5 HOH 130 430 430 HOH HOH A . 
E 5 HOH 131 431 431 HOH HOH A . 
E 5 HOH 132 432 432 HOH HOH A . 
E 5 HOH 133 433 433 HOH HOH A . 
E 5 HOH 134 434 434 HOH HOH A . 
E 5 HOH 135 435 435 HOH HOH A . 
E 5 HOH 136 436 436 HOH HOH A . 
E 5 HOH 137 437 437 HOH HOH A . 
E 5 HOH 138 438 438 HOH HOH A . 
E 5 HOH 139 439 439 HOH HOH A . 
E 5 HOH 140 440 440 HOH HOH A . 
E 5 HOH 141 441 441 HOH HOH A . 
E 5 HOH 142 442 442 HOH HOH A . 
E 5 HOH 143 443 443 HOH HOH A . 
E 5 HOH 144 444 444 HOH HOH A . 
E 5 HOH 145 445 445 HOH HOH A . 
E 5 HOH 146 446 446 HOH HOH A . 
E 5 HOH 147 447 447 HOH HOH A . 
E 5 HOH 148 448 448 HOH HOH A . 
E 5 HOH 149 449 449 HOH HOH A . 
E 5 HOH 150 450 450 HOH HOH A . 
E 5 HOH 151 451 451 HOH HOH A . 
E 5 HOH 152 452 452 HOH HOH A . 
# 
_pdbx_struct_assembly.id                   1 
_pdbx_struct_assembly.details              author_and_software_defined_assembly 
_pdbx_struct_assembly.method_details       PISA 
_pdbx_struct_assembly.oligomeric_details   dimeric 
_pdbx_struct_assembly.oligomeric_count     2 
# 
_pdbx_struct_assembly_gen.assembly_id       1 
_pdbx_struct_assembly_gen.oper_expression   1,2 
_pdbx_struct_assembly_gen.asym_id_list      A,B,C,D,E 
# 
loop_
_pdbx_struct_assembly_prop.biol_id 
_pdbx_struct_assembly_prop.type 
_pdbx_struct_assembly_prop.value 
_pdbx_struct_assembly_prop.details 
1 'ABSA (A^2)' 1610  ? 
1 MORE         -10   ? 
1 'SSA (A^2)'  11040 ? 
# 
loop_
_pdbx_struct_oper_list.id 
_pdbx_struct_oper_list.type 
_pdbx_struct_oper_list.name 
_pdbx_struct_oper_list.symmetry_operation 
_pdbx_struct_oper_list.matrix[1][1] 
_pdbx_struct_oper_list.matrix[1][2] 
_pdbx_struct_oper_list.matrix[1][3] 
_pdbx_struct_oper_list.vector[1] 
_pdbx_struct_oper_list.matrix[2][1] 
_pdbx_struct_oper_list.matrix[2][2] 
_pdbx_struct_oper_list.matrix[2][3] 
_pdbx_struct_oper_list.vector[2] 
_pdbx_struct_oper_list.matrix[3][1] 
_pdbx_struct_oper_list.matrix[3][2] 
_pdbx_struct_oper_list.matrix[3][3] 
_pdbx_struct_oper_list.vector[3] 
1 'identity operation'         1_555 x,y,z          1.0000000000 0.0000000000  0.0000000000  0.0000000000  0.0000000000  1.0000000000  0.0000000000 0.0000000000  0.0000000000  0.0000000000 1.0000000000  0.0000000000  
2 'crystal symmetry operation' 9_554 -x,-x+y,-z-1/3 0.1643768706 -0.7893285033 -0.5915579078 19.3453548052 -0.7893285033 -0.4649159548 0.4010157963 16.7457294069 -0.5915579078 0.4010157963 -0.6994609158 15.7337126879 
# 
loop_
_pdbx_struct_special_symmetry.id 
_pdbx_struct_special_symmetry.PDB_model_num 
_pdbx_struct_special_symmetry.auth_asym_id 
_pdbx_struct_special_symmetry.auth_comp_id 
_pdbx_struct_special_symmetry.auth_seq_id 
_pdbx_struct_special_symmetry.PDB_ins_code 
_pdbx_struct_special_symmetry.label_asym_id 
_pdbx_struct_special_symmetry.label_comp_id 
_pdbx_struct_special_symmetry.label_seq_id 
1 1 A HOH 302 ? E HOH . 
2 1 A HOH 328 ? E HOH . 
# 
loop_
_pdbx_struct_conn_angle.id 
_pdbx_struct_conn_angle.ptnr1_label_atom_id 
_pdbx_struct_conn_angle.ptnr1_label_alt_id 
_pdbx_struct_conn_angle.ptnr1_label_asym_id 
_pdbx_struct_conn_angle.ptnr1_label_comp_id 
_pdbx_struct_conn_angle.ptnr1_label_seq_id 
_pdbx_struct_conn_angle.ptnr1_auth_atom_id 
_pdbx_struct_conn_angle.ptnr1_auth_asym_id 
_pdbx_struct_conn_angle.ptnr1_auth_comp_id 
_pdbx_struct_conn_angle.ptnr1_auth_seq_id 
_pdbx_struct_conn_angle.ptnr1_PDB_ins_code 
_pdbx_struct_conn_angle.ptnr1_symmetry 
_pdbx_struct_conn_angle.ptnr2_label_atom_id 
_pdbx_struct_conn_angle.ptnr2_label_alt_id 
_pdbx_struct_conn_angle.ptnr2_label_asym_id 
_pdbx_struct_conn_angle.ptnr2_label_comp_id 
_pdbx_struct_conn_angle.ptnr2_label_seq_id 
_pdbx_struct_conn_angle.ptnr2_auth_atom_id 
_pdbx_struct_conn_angle.ptnr2_auth_asym_id 
_pdbx_struct_conn_angle.ptnr2_auth_comp_id 
_pdbx_struct_conn_angle.ptnr2_auth_seq_id 
_pdbx_struct_conn_angle.ptnr2_PDB_ins_code 
_pdbx_struct_conn_angle.ptnr2_symmetry 
_pdbx_struct_conn_angle.ptnr3_label_atom_id 
_pdbx_struct_conn_angle.ptnr3_label_alt_id 
_pdbx_struct_conn_angle.ptnr3_label_asym_id 
_pdbx_struct_conn_angle.ptnr3_label_comp_id 
_pdbx_struct_conn_angle.ptnr3_label_seq_id 
_pdbx_struct_conn_angle.ptnr3_auth_atom_id 
_pdbx_struct_conn_angle.ptnr3_auth_asym_id 
_pdbx_struct_conn_angle.ptnr3_auth_comp_id 
_pdbx_struct_conn_angle.ptnr3_auth_seq_id 
_pdbx_struct_conn_angle.ptnr3_PDB_ins_code 
_pdbx_struct_conn_angle.ptnr3_symmetry 
_pdbx_struct_conn_angle.value 
_pdbx_struct_conn_angle.value_esd 
1  OE1 ? A GLU 39 ? A GLU 38  ? 1_555 NA  ? C NA  . ? A NA  202 ? 1_555 O  ? E HOH .  ? A HOH 323 ? 1_555 89.8  ? 
2  SG  ? A CYS 42 ? A CYS 41  ? 1_555 FE1 ? B FES . ? A FES 201 ? 1_555 S1 ? B FES .  ? A FES 201 ? 1_555 106.6 ? 
3  SG  ? A CYS 42 ? A CYS 41  ? 1_555 FE1 ? B FES . ? A FES 201 ? 1_555 S2 ? B FES .  ? A FES 201 ? 1_555 111.8 ? 
4  S1  ? B FES .  ? A FES 201 ? 1_555 FE1 ? B FES . ? A FES 201 ? 1_555 S2 ? B FES .  ? A FES 201 ? 1_555 103.6 ? 
5  SG  ? A CYS 42 ? A CYS 41  ? 1_555 FE1 ? B FES . ? A FES 201 ? 1_555 SG ? A CYS 48 ? A CYS 47  ? 1_555 109.5 ? 
6  S1  ? B FES .  ? A FES 201 ? 1_555 FE1 ? B FES . ? A FES 201 ? 1_555 SG ? A CYS 48 ? A CYS 47  ? 1_555 115.1 ? 
7  S2  ? B FES .  ? A FES 201 ? 1_555 FE1 ? B FES . ? A FES 201 ? 1_555 SG ? A CYS 48 ? A CYS 47  ? 1_555 110.2 ? 
8  SG  ? A CYS 51 ? A CYS 50  ? 1_555 FE2 ? B FES . ? A FES 201 ? 1_555 S1 ? B FES .  ? A FES 201 ? 1_555 108.7 ? 
9  SG  ? A CYS 51 ? A CYS 50  ? 1_555 FE2 ? B FES . ? A FES 201 ? 1_555 S2 ? B FES .  ? A FES 201 ? 1_555 114.1 ? 
10 S1  ? B FES .  ? A FES 201 ? 1_555 FE2 ? B FES . ? A FES 201 ? 1_555 S2 ? B FES .  ? A FES 201 ? 1_555 105.7 ? 
11 SG  ? A CYS 51 ? A CYS 50  ? 1_555 FE2 ? B FES . ? A FES 201 ? 1_555 SG ? A CYS 87 ? A CYS 86  ? 1_555 104.9 ? 
12 S1  ? B FES .  ? A FES 201 ? 1_555 FE2 ? B FES . ? A FES 201 ? 1_555 SG ? A CYS 87 ? A CYS 86  ? 1_555 105.0 ? 
13 S2  ? B FES .  ? A FES 201 ? 1_555 FE2 ? B FES . ? A FES 201 ? 1_555 SG ? A CYS 87 ? A CYS 86  ? 1_555 117.8 ? 
# 
loop_
_pdbx_audit_revision_history.ordinal 
_pdbx_audit_revision_history.data_content_type 
_pdbx_audit_revision_history.major_revision 
_pdbx_audit_revision_history.minor_revision 
_pdbx_audit_revision_history.revision_date 
1 'Structure model' 1 0 2011-04-20 
2 'Structure model' 1 1 2011-07-13 
3 'Structure model' 1 2 2023-11-01 
# 
_pdbx_audit_revision_details.ordinal             1 
_pdbx_audit_revision_details.revision_ordinal    1 
_pdbx_audit_revision_details.data_content_type   'Structure model' 
_pdbx_audit_revision_details.provider            repository 
_pdbx_audit_revision_details.type                'Initial release' 
_pdbx_audit_revision_details.description         ? 
_pdbx_audit_revision_details.details             ? 
# 
loop_
_pdbx_audit_revision_group.ordinal 
_pdbx_audit_revision_group.revision_ordinal 
_pdbx_audit_revision_group.data_content_type 
_pdbx_audit_revision_group.group 
1 2 'Structure model' 'Version format compliance' 
2 3 'Structure model' 'Data collection'           
3 3 'Structure model' 'Database references'       
4 3 'Structure model' 'Derived calculations'      
5 3 'Structure model' 'Refinement description'    
# 
loop_
_pdbx_audit_revision_category.ordinal 
_pdbx_audit_revision_category.revision_ordinal 
_pdbx_audit_revision_category.data_content_type 
_pdbx_audit_revision_category.category 
1 3 'Structure model' chem_comp_atom                
2 3 'Structure model' chem_comp_bond                
3 3 'Structure model' database_2                    
4 3 'Structure model' pdbx_initial_refinement_model 
5 3 'Structure model' pdbx_struct_conn_angle        
6 3 'Structure model' struct_conn                   
7 3 'Structure model' struct_ref_seq_dif            
8 3 'Structure model' struct_site                   
# 
loop_
_pdbx_audit_revision_item.ordinal 
_pdbx_audit_revision_item.revision_ordinal 
_pdbx_audit_revision_item.data_content_type 
_pdbx_audit_revision_item.item 
1  3 'Structure model' '_database_2.pdbx_DOI'                        
2  3 'Structure model' '_database_2.pdbx_database_accession'         
3  3 'Structure model' '_pdbx_struct_conn_angle.ptnr1_auth_comp_id'  
4  3 'Structure model' '_pdbx_struct_conn_angle.ptnr1_auth_seq_id'   
5  3 'Structure model' '_pdbx_struct_conn_angle.ptnr1_label_asym_id' 
6  3 'Structure model' '_pdbx_struct_conn_angle.ptnr1_label_atom_id' 
7  3 'Structure model' '_pdbx_struct_conn_angle.ptnr1_label_comp_id' 
8  3 'Structure model' '_pdbx_struct_conn_angle.ptnr1_label_seq_id'  
9  3 'Structure model' '_pdbx_struct_conn_angle.ptnr2_auth_comp_id'  
10 3 'Structure model' '_pdbx_struct_conn_angle.ptnr2_auth_seq_id'   
11 3 'Structure model' '_pdbx_struct_conn_angle.ptnr2_label_asym_id' 
12 3 'Structure model' '_pdbx_struct_conn_angle.ptnr2_label_atom_id' 
13 3 'Structure model' '_pdbx_struct_conn_angle.ptnr2_label_comp_id' 
14 3 'Structure model' '_pdbx_struct_conn_angle.ptnr3_auth_comp_id'  
15 3 'Structure model' '_pdbx_struct_conn_angle.ptnr3_auth_seq_id'   
16 3 'Structure model' '_pdbx_struct_conn_angle.ptnr3_label_asym_id' 
17 3 'Structure model' '_pdbx_struct_conn_angle.ptnr3_label_atom_id' 
18 3 'Structure model' '_pdbx_struct_conn_angle.ptnr3_label_comp_id' 
19 3 'Structure model' '_pdbx_struct_conn_angle.ptnr3_label_seq_id'  
20 3 'Structure model' '_pdbx_struct_conn_angle.value'               
21 3 'Structure model' '_struct_conn.pdbx_dist_value'                
22 3 'Structure model' '_struct_conn.ptnr1_auth_comp_id'             
23 3 'Structure model' '_struct_conn.ptnr1_auth_seq_id'              
24 3 'Structure model' '_struct_conn.ptnr1_label_asym_id'            
25 3 'Structure model' '_struct_conn.ptnr1_label_atom_id'            
26 3 'Structure model' '_struct_conn.ptnr1_label_comp_id'            
27 3 'Structure model' '_struct_conn.ptnr1_label_seq_id'             
28 3 'Structure model' '_struct_conn.ptnr2_auth_comp_id'             
29 3 'Structure model' '_struct_conn.ptnr2_auth_seq_id'              
30 3 'Structure model' '_struct_conn.ptnr2_label_asym_id'            
31 3 'Structure model' '_struct_conn.ptnr2_label_atom_id'            
32 3 'Structure model' '_struct_conn.ptnr2_label_comp_id'            
33 3 'Structure model' '_struct_ref_seq_dif.details'                 
34 3 'Structure model' '_struct_site.pdbx_auth_asym_id'              
35 3 'Structure model' '_struct_site.pdbx_auth_comp_id'              
36 3 'Structure model' '_struct_site.pdbx_auth_seq_id'               
# 
loop_
_software.name 
_software.classification 
_software.version 
_software.citation_id 
_software.pdbx_ordinal 
BSS       'data collection' .        ? 1 
MOLREP    phasing           .        ? 2 
REFMAC    refinement        5.2.0019 ? 3 
HKL-2000  'data reduction'  .        ? 4 
SCALEPACK 'data scaling'    .        ? 5 
# 
loop_
_pdbx_validate_torsion.id 
_pdbx_validate_torsion.PDB_model_num 
_pdbx_validate_torsion.auth_comp_id 
_pdbx_validate_torsion.auth_asym_id 
_pdbx_validate_torsion.auth_seq_id 
_pdbx_validate_torsion.PDB_ins_code 
_pdbx_validate_torsion.label_alt_id 
_pdbx_validate_torsion.phi 
_pdbx_validate_torsion.psi 
1 1 CYS A 12 ? ? -164.23 73.75   
2 1 CYS A 12 ? ? -162.83 70.81   
3 1 ALA A 91 ? ? -105.68 -119.62 
# 
loop_
_pdbx_unobs_or_zero_occ_atoms.id 
_pdbx_unobs_or_zero_occ_atoms.PDB_model_num 
_pdbx_unobs_or_zero_occ_atoms.polymer_flag 
_pdbx_unobs_or_zero_occ_atoms.occupancy_flag 
_pdbx_unobs_or_zero_occ_atoms.auth_asym_id 
_pdbx_unobs_or_zero_occ_atoms.auth_comp_id 
_pdbx_unobs_or_zero_occ_atoms.auth_seq_id 
_pdbx_unobs_or_zero_occ_atoms.PDB_ins_code 
_pdbx_unobs_or_zero_occ_atoms.auth_atom_id 
_pdbx_unobs_or_zero_occ_atoms.label_alt_id 
_pdbx_unobs_or_zero_occ_atoms.label_asym_id 
_pdbx_unobs_or_zero_occ_atoms.label_comp_id 
_pdbx_unobs_or_zero_occ_atoms.label_seq_id 
_pdbx_unobs_or_zero_occ_atoms.label_atom_id 
1 1 Y 0 A LYS 74 ? CA A A LYS 75 CA 
2 1 Y 0 A LYS 74 ? CB A A LYS 75 CB 
3 1 Y 0 A LYS 74 ? CG A A LYS 75 CG 
4 1 Y 0 A LYS 74 ? CD A A LYS 75 CD 
5 1 Y 0 A LYS 74 ? CE A A LYS 75 CE 
6 1 Y 0 A LYS 74 ? NZ A A LYS 75 NZ 
# 
loop_
_pdbx_unobs_or_zero_occ_residues.id 
_pdbx_unobs_or_zero_occ_residues.PDB_model_num 
_pdbx_unobs_or_zero_occ_residues.polymer_flag 
_pdbx_unobs_or_zero_occ_residues.occupancy_flag 
_pdbx_unobs_or_zero_occ_residues.auth_asym_id 
_pdbx_unobs_or_zero_occ_residues.auth_comp_id 
_pdbx_unobs_or_zero_occ_residues.auth_seq_id 
_pdbx_unobs_or_zero_occ_residues.PDB_ins_code 
_pdbx_unobs_or_zero_occ_residues.label_asym_id 
_pdbx_unobs_or_zero_occ_residues.label_comp_id 
_pdbx_unobs_or_zero_occ_residues.label_seq_id 
1 1 Y 1 A GLU 109 ? A GLU 110 
2 1 Y 1 A ALA 110 ? A ALA 111 
3 1 Y 1 A PRO 111 ? A PRO 112 
4 1 Y 1 A HIS 112 ? A HIS 113 
# 
loop_
_chem_comp_atom.comp_id 
_chem_comp_atom.atom_id 
_chem_comp_atom.type_symbol 
_chem_comp_atom.pdbx_aromatic_flag 
_chem_comp_atom.pdbx_stereo_config 
_chem_comp_atom.pdbx_ordinal 
ALA N    N  N N 1   
ALA CA   C  N S 2   
ALA C    C  N N 3   
ALA O    O  N N 4   
ALA CB   C  N N 5   
ALA OXT  O  N N 6   
ALA H    H  N N 7   
ALA H2   H  N N 8   
ALA HA   H  N N 9   
ALA HB1  H  N N 10  
ALA HB2  H  N N 11  
ALA HB3  H  N N 12  
ALA HXT  H  N N 13  
ARG N    N  N N 14  
ARG CA   C  N S 15  
ARG C    C  N N 16  
ARG O    O  N N 17  
ARG CB   C  N N 18  
ARG CG   C  N N 19  
ARG CD   C  N N 20  
ARG NE   N  N N 21  
ARG CZ   C  N N 22  
ARG NH1  N  N N 23  
ARG NH2  N  N N 24  
ARG OXT  O  N N 25  
ARG H    H  N N 26  
ARG H2   H  N N 27  
ARG HA   H  N N 28  
ARG HB2  H  N N 29  
ARG HB3  H  N N 30  
ARG HG2  H  N N 31  
ARG HG3  H  N N 32  
ARG HD2  H  N N 33  
ARG HD3  H  N N 34  
ARG HE   H  N N 35  
ARG HH11 H  N N 36  
ARG HH12 H  N N 37  
ARG HH21 H  N N 38  
ARG HH22 H  N N 39  
ARG HXT  H  N N 40  
ASN N    N  N N 41  
ASN CA   C  N S 42  
ASN C    C  N N 43  
ASN O    O  N N 44  
ASN CB   C  N N 45  
ASN CG   C  N N 46  
ASN OD1  O  N N 47  
ASN ND2  N  N N 48  
ASN OXT  O  N N 49  
ASN H    H  N N 50  
ASN H2   H  N N 51  
ASN HA   H  N N 52  
ASN HB2  H  N N 53  
ASN HB3  H  N N 54  
ASN HD21 H  N N 55  
ASN HD22 H  N N 56  
ASN HXT  H  N N 57  
ASP N    N  N N 58  
ASP CA   C  N S 59  
ASP C    C  N N 60  
ASP O    O  N N 61  
ASP CB   C  N N 62  
ASP CG   C  N N 63  
ASP OD1  O  N N 64  
ASP OD2  O  N N 65  
ASP OXT  O  N N 66  
ASP H    H  N N 67  
ASP H2   H  N N 68  
ASP HA   H  N N 69  
ASP HB2  H  N N 70  
ASP HB3  H  N N 71  
ASP HD2  H  N N 72  
ASP HXT  H  N N 73  
CL  CL   CL N N 74  
CYS N    N  N N 75  
CYS CA   C  N R 76  
CYS C    C  N N 77  
CYS O    O  N N 78  
CYS CB   C  N N 79  
CYS SG   S  N N 80  
CYS OXT  O  N N 81  
CYS H    H  N N 82  
CYS H2   H  N N 83  
CYS HA   H  N N 84  
CYS HB2  H  N N 85  
CYS HB3  H  N N 86  
CYS HG   H  N N 87  
CYS HXT  H  N N 88  
FES FE1  FE N N 89  
FES FE2  FE N N 90  
FES S1   S  N N 91  
FES S2   S  N N 92  
GLN N    N  N N 93  
GLN CA   C  N S 94  
GLN C    C  N N 95  
GLN O    O  N N 96  
GLN CB   C  N N 97  
GLN CG   C  N N 98  
GLN CD   C  N N 99  
GLN OE1  O  N N 100 
GLN NE2  N  N N 101 
GLN OXT  O  N N 102 
GLN H    H  N N 103 
GLN H2   H  N N 104 
GLN HA   H  N N 105 
GLN HB2  H  N N 106 
GLN HB3  H  N N 107 
GLN HG2  H  N N 108 
GLN HG3  H  N N 109 
GLN HE21 H  N N 110 
GLN HE22 H  N N 111 
GLN HXT  H  N N 112 
GLU N    N  N N 113 
GLU CA   C  N S 114 
GLU C    C  N N 115 
GLU O    O  N N 116 
GLU CB   C  N N 117 
GLU CG   C  N N 118 
GLU CD   C  N N 119 
GLU OE1  O  N N 120 
GLU OE2  O  N N 121 
GLU OXT  O  N N 122 
GLU H    H  N N 123 
GLU H2   H  N N 124 
GLU HA   H  N N 125 
GLU HB2  H  N N 126 
GLU HB3  H  N N 127 
GLU HG2  H  N N 128 
GLU HG3  H  N N 129 
GLU HE2  H  N N 130 
GLU HXT  H  N N 131 
GLY N    N  N N 132 
GLY CA   C  N N 133 
GLY C    C  N N 134 
GLY O    O  N N 135 
GLY OXT  O  N N 136 
GLY H    H  N N 137 
GLY H2   H  N N 138 
GLY HA2  H  N N 139 
GLY HA3  H  N N 140 
GLY HXT  H  N N 141 
HIS N    N  N N 142 
HIS CA   C  N S 143 
HIS C    C  N N 144 
HIS O    O  N N 145 
HIS CB   C  N N 146 
HIS CG   C  Y N 147 
HIS ND1  N  Y N 148 
HIS CD2  C  Y N 149 
HIS CE1  C  Y N 150 
HIS NE2  N  Y N 151 
HIS OXT  O  N N 152 
HIS H    H  N N 153 
HIS H2   H  N N 154 
HIS HA   H  N N 155 
HIS HB2  H  N N 156 
HIS HB3  H  N N 157 
HIS HD1  H  N N 158 
HIS HD2  H  N N 159 
HIS HE1  H  N N 160 
HIS HE2  H  N N 161 
HIS HXT  H  N N 162 
HOH O    O  N N 163 
HOH H1   H  N N 164 
HOH H2   H  N N 165 
ILE N    N  N N 166 
ILE CA   C  N S 167 
ILE C    C  N N 168 
ILE O    O  N N 169 
ILE CB   C  N S 170 
ILE CG1  C  N N 171 
ILE CG2  C  N N 172 
ILE CD1  C  N N 173 
ILE OXT  O  N N 174 
ILE H    H  N N 175 
ILE H2   H  N N 176 
ILE HA   H  N N 177 
ILE HB   H  N N 178 
ILE HG12 H  N N 179 
ILE HG13 H  N N 180 
ILE HG21 H  N N 181 
ILE HG22 H  N N 182 
ILE HG23 H  N N 183 
ILE HD11 H  N N 184 
ILE HD12 H  N N 185 
ILE HD13 H  N N 186 
ILE HXT  H  N N 187 
LEU N    N  N N 188 
LEU CA   C  N S 189 
LEU C    C  N N 190 
LEU O    O  N N 191 
LEU CB   C  N N 192 
LEU CG   C  N N 193 
LEU CD1  C  N N 194 
LEU CD2  C  N N 195 
LEU OXT  O  N N 196 
LEU H    H  N N 197 
LEU H2   H  N N 198 
LEU HA   H  N N 199 
LEU HB2  H  N N 200 
LEU HB3  H  N N 201 
LEU HG   H  N N 202 
LEU HD11 H  N N 203 
LEU HD12 H  N N 204 
LEU HD13 H  N N 205 
LEU HD21 H  N N 206 
LEU HD22 H  N N 207 
LEU HD23 H  N N 208 
LEU HXT  H  N N 209 
LYS N    N  N N 210 
LYS CA   C  N S 211 
LYS C    C  N N 212 
LYS O    O  N N 213 
LYS CB   C  N N 214 
LYS CG   C  N N 215 
LYS CD   C  N N 216 
LYS CE   C  N N 217 
LYS NZ   N  N N 218 
LYS OXT  O  N N 219 
LYS H    H  N N 220 
LYS H2   H  N N 221 
LYS HA   H  N N 222 
LYS HB2  H  N N 223 
LYS HB3  H  N N 224 
LYS HG2  H  N N 225 
LYS HG3  H  N N 226 
LYS HD2  H  N N 227 
LYS HD3  H  N N 228 
LYS HE2  H  N N 229 
LYS HE3  H  N N 230 
LYS HZ1  H  N N 231 
LYS HZ2  H  N N 232 
LYS HZ3  H  N N 233 
LYS HXT  H  N N 234 
MET N    N  N N 235 
MET CA   C  N S 236 
MET C    C  N N 237 
MET O    O  N N 238 
MET CB   C  N N 239 
MET CG   C  N N 240 
MET SD   S  N N 241 
MET CE   C  N N 242 
MET OXT  O  N N 243 
MET H    H  N N 244 
MET H2   H  N N 245 
MET HA   H  N N 246 
MET HB2  H  N N 247 
MET HB3  H  N N 248 
MET HG2  H  N N 249 
MET HG3  H  N N 250 
MET HE1  H  N N 251 
MET HE2  H  N N 252 
MET HE3  H  N N 253 
MET HXT  H  N N 254 
NA  NA   NA N N 255 
PHE N    N  N N 256 
PHE CA   C  N S 257 
PHE C    C  N N 258 
PHE O    O  N N 259 
PHE CB   C  N N 260 
PHE CG   C  Y N 261 
PHE CD1  C  Y N 262 
PHE CD2  C  Y N 263 
PHE CE1  C  Y N 264 
PHE CE2  C  Y N 265 
PHE CZ   C  Y N 266 
PHE OXT  O  N N 267 
PHE H    H  N N 268 
PHE H2   H  N N 269 
PHE HA   H  N N 270 
PHE HB2  H  N N 271 
PHE HB3  H  N N 272 
PHE HD1  H  N N 273 
PHE HD2  H  N N 274 
PHE HE1  H  N N 275 
PHE HE2  H  N N 276 
PHE HZ   H  N N 277 
PHE HXT  H  N N 278 
PRO N    N  N N 279 
PRO CA   C  N S 280 
PRO C    C  N N 281 
PRO O    O  N N 282 
PRO CB   C  N N 283 
PRO CG   C  N N 284 
PRO CD   C  N N 285 
PRO OXT  O  N N 286 
PRO H    H  N N 287 
PRO HA   H  N N 288 
PRO HB2  H  N N 289 
PRO HB3  H  N N 290 
PRO HG2  H  N N 291 
PRO HG3  H  N N 292 
PRO HD2  H  N N 293 
PRO HD3  H  N N 294 
PRO HXT  H  N N 295 
SER N    N  N N 296 
SER CA   C  N S 297 
SER C    C  N N 298 
SER O    O  N N 299 
SER CB   C  N N 300 
SER OG   O  N N 301 
SER OXT  O  N N 302 
SER H    H  N N 303 
SER H2   H  N N 304 
SER HA   H  N N 305 
SER HB2  H  N N 306 
SER HB3  H  N N 307 
SER HG   H  N N 308 
SER HXT  H  N N 309 
THR N    N  N N 310 
THR CA   C  N S 311 
THR C    C  N N 312 
THR O    O  N N 313 
THR CB   C  N R 314 
THR OG1  O  N N 315 
THR CG2  C  N N 316 
THR OXT  O  N N 317 
THR H    H  N N 318 
THR H2   H  N N 319 
THR HA   H  N N 320 
THR HB   H  N N 321 
THR HG1  H  N N 322 
THR HG21 H  N N 323 
THR HG22 H  N N 324 
THR HG23 H  N N 325 
THR HXT  H  N N 326 
TRP N    N  N N 327 
TRP CA   C  N S 328 
TRP C    C  N N 329 
TRP O    O  N N 330 
TRP CB   C  N N 331 
TRP CG   C  Y N 332 
TRP CD1  C  Y N 333 
TRP CD2  C  Y N 334 
TRP NE1  N  Y N 335 
TRP CE2  C  Y N 336 
TRP CE3  C  Y N 337 
TRP CZ2  C  Y N 338 
TRP CZ3  C  Y N 339 
TRP CH2  C  Y N 340 
TRP OXT  O  N N 341 
TRP H    H  N N 342 
TRP H2   H  N N 343 
TRP HA   H  N N 344 
TRP HB2  H  N N 345 
TRP HB3  H  N N 346 
TRP HD1  H  N N 347 
TRP HE1  H  N N 348 
TRP HE3  H  N N 349 
TRP HZ2  H  N N 350 
TRP HZ3  H  N N 351 
TRP HH2  H  N N 352 
TRP HXT  H  N N 353 
TYR N    N  N N 354 
TYR CA   C  N S 355 
TYR C    C  N N 356 
TYR O    O  N N 357 
TYR CB   C  N N 358 
TYR CG   C  Y N 359 
TYR CD1  C  Y N 360 
TYR CD2  C  Y N 361 
TYR CE1  C  Y N 362 
TYR CE2  C  Y N 363 
TYR CZ   C  Y N 364 
TYR OH   O  N N 365 
TYR OXT  O  N N 366 
TYR H    H  N N 367 
TYR H2   H  N N 368 
TYR HA   H  N N 369 
TYR HB2  H  N N 370 
TYR HB3  H  N N 371 
TYR HD1  H  N N 372 
TYR HD2  H  N N 373 
TYR HE1  H  N N 374 
TYR HE2  H  N N 375 
TYR HH   H  N N 376 
TYR HXT  H  N N 377 
VAL N    N  N N 378 
VAL CA   C  N S 379 
VAL C    C  N N 380 
VAL O    O  N N 381 
VAL CB   C  N N 382 
VAL CG1  C  N N 383 
VAL CG2  C  N N 384 
VAL OXT  O  N N 385 
VAL H    H  N N 386 
VAL H2   H  N N 387 
VAL HA   H  N N 388 
VAL HB   H  N N 389 
VAL HG11 H  N N 390 
VAL HG12 H  N N 391 
VAL HG13 H  N N 392 
VAL HG21 H  N N 393 
VAL HG22 H  N N 394 
VAL HG23 H  N N 395 
VAL HXT  H  N N 396 
# 
loop_
_chem_comp_bond.comp_id 
_chem_comp_bond.atom_id_1 
_chem_comp_bond.atom_id_2 
_chem_comp_bond.value_order 
_chem_comp_bond.pdbx_aromatic_flag 
_chem_comp_bond.pdbx_stereo_config 
_chem_comp_bond.pdbx_ordinal 
ALA N   CA   sing N N 1   
ALA N   H    sing N N 2   
ALA N   H2   sing N N 3   
ALA CA  C    sing N N 4   
ALA CA  CB   sing N N 5   
ALA CA  HA   sing N N 6   
ALA C   O    doub N N 7   
ALA C   OXT  sing N N 8   
ALA CB  HB1  sing N N 9   
ALA CB  HB2  sing N N 10  
ALA CB  HB3  sing N N 11  
ALA OXT HXT  sing N N 12  
ARG N   CA   sing N N 13  
ARG N   H    sing N N 14  
ARG N   H2   sing N N 15  
ARG CA  C    sing N N 16  
ARG CA  CB   sing N N 17  
ARG CA  HA   sing N N 18  
ARG C   O    doub N N 19  
ARG C   OXT  sing N N 20  
ARG CB  CG   sing N N 21  
ARG CB  HB2  sing N N 22  
ARG CB  HB3  sing N N 23  
ARG CG  CD   sing N N 24  
ARG CG  HG2  sing N N 25  
ARG CG  HG3  sing N N 26  
ARG CD  NE   sing N N 27  
ARG CD  HD2  sing N N 28  
ARG CD  HD3  sing N N 29  
ARG NE  CZ   sing N N 30  
ARG NE  HE   sing N N 31  
ARG CZ  NH1  sing N N 32  
ARG CZ  NH2  doub N N 33  
ARG NH1 HH11 sing N N 34  
ARG NH1 HH12 sing N N 35  
ARG NH2 HH21 sing N N 36  
ARG NH2 HH22 sing N N 37  
ARG OXT HXT  sing N N 38  
ASN N   CA   sing N N 39  
ASN N   H    sing N N 40  
ASN N   H2   sing N N 41  
ASN CA  C    sing N N 42  
ASN CA  CB   sing N N 43  
ASN CA  HA   sing N N 44  
ASN C   O    doub N N 45  
ASN C   OXT  sing N N 46  
ASN CB  CG   sing N N 47  
ASN CB  HB2  sing N N 48  
ASN CB  HB3  sing N N 49  
ASN CG  OD1  doub N N 50  
ASN CG  ND2  sing N N 51  
ASN ND2 HD21 sing N N 52  
ASN ND2 HD22 sing N N 53  
ASN OXT HXT  sing N N 54  
ASP N   CA   sing N N 55  
ASP N   H    sing N N 56  
ASP N   H2   sing N N 57  
ASP CA  C    sing N N 58  
ASP CA  CB   sing N N 59  
ASP CA  HA   sing N N 60  
ASP C   O    doub N N 61  
ASP C   OXT  sing N N 62  
ASP CB  CG   sing N N 63  
ASP CB  HB2  sing N N 64  
ASP CB  HB3  sing N N 65  
ASP CG  OD1  doub N N 66  
ASP CG  OD2  sing N N 67  
ASP OD2 HD2  sing N N 68  
ASP OXT HXT  sing N N 69  
CYS N   CA   sing N N 70  
CYS N   H    sing N N 71  
CYS N   H2   sing N N 72  
CYS CA  C    sing N N 73  
CYS CA  CB   sing N N 74  
CYS CA  HA   sing N N 75  
CYS C   O    doub N N 76  
CYS C   OXT  sing N N 77  
CYS CB  SG   sing N N 78  
CYS CB  HB2  sing N N 79  
CYS CB  HB3  sing N N 80  
CYS SG  HG   sing N N 81  
CYS OXT HXT  sing N N 82  
FES FE1 S1   sing N N 83  
FES FE1 S2   sing N N 84  
FES FE2 S1   sing N N 85  
FES FE2 S2   sing N N 86  
GLN N   CA   sing N N 87  
GLN N   H    sing N N 88  
GLN N   H2   sing N N 89  
GLN CA  C    sing N N 90  
GLN CA  CB   sing N N 91  
GLN CA  HA   sing N N 92  
GLN C   O    doub N N 93  
GLN C   OXT  sing N N 94  
GLN CB  CG   sing N N 95  
GLN CB  HB2  sing N N 96  
GLN CB  HB3  sing N N 97  
GLN CG  CD   sing N N 98  
GLN CG  HG2  sing N N 99  
GLN CG  HG3  sing N N 100 
GLN CD  OE1  doub N N 101 
GLN CD  NE2  sing N N 102 
GLN NE2 HE21 sing N N 103 
GLN NE2 HE22 sing N N 104 
GLN OXT HXT  sing N N 105 
GLU N   CA   sing N N 106 
GLU N   H    sing N N 107 
GLU N   H2   sing N N 108 
GLU CA  C    sing N N 109 
GLU CA  CB   sing N N 110 
GLU CA  HA   sing N N 111 
GLU C   O    doub N N 112 
GLU C   OXT  sing N N 113 
GLU CB  CG   sing N N 114 
GLU CB  HB2  sing N N 115 
GLU CB  HB3  sing N N 116 
GLU CG  CD   sing N N 117 
GLU CG  HG2  sing N N 118 
GLU CG  HG3  sing N N 119 
GLU CD  OE1  doub N N 120 
GLU CD  OE2  sing N N 121 
GLU OE2 HE2  sing N N 122 
GLU OXT HXT  sing N N 123 
GLY N   CA   sing N N 124 
GLY N   H    sing N N 125 
GLY N   H2   sing N N 126 
GLY CA  C    sing N N 127 
GLY CA  HA2  sing N N 128 
GLY CA  HA3  sing N N 129 
GLY C   O    doub N N 130 
GLY C   OXT  sing N N 131 
GLY OXT HXT  sing N N 132 
HIS N   CA   sing N N 133 
HIS N   H    sing N N 134 
HIS N   H2   sing N N 135 
HIS CA  C    sing N N 136 
HIS CA  CB   sing N N 137 
HIS CA  HA   sing N N 138 
HIS C   O    doub N N 139 
HIS C   OXT  sing N N 140 
HIS CB  CG   sing N N 141 
HIS CB  HB2  sing N N 142 
HIS CB  HB3  sing N N 143 
HIS CG  ND1  sing Y N 144 
HIS CG  CD2  doub Y N 145 
HIS ND1 CE1  doub Y N 146 
HIS ND1 HD1  sing N N 147 
HIS CD2 NE2  sing Y N 148 
HIS CD2 HD2  sing N N 149 
HIS CE1 NE2  sing Y N 150 
HIS CE1 HE1  sing N N 151 
HIS NE2 HE2  sing N N 152 
HIS OXT HXT  sing N N 153 
HOH O   H1   sing N N 154 
HOH O   H2   sing N N 155 
ILE N   CA   sing N N 156 
ILE N   H    sing N N 157 
ILE N   H2   sing N N 158 
ILE CA  C    sing N N 159 
ILE CA  CB   sing N N 160 
ILE CA  HA   sing N N 161 
ILE C   O    doub N N 162 
ILE C   OXT  sing N N 163 
ILE CB  CG1  sing N N 164 
ILE CB  CG2  sing N N 165 
ILE CB  HB   sing N N 166 
ILE CG1 CD1  sing N N 167 
ILE CG1 HG12 sing N N 168 
ILE CG1 HG13 sing N N 169 
ILE CG2 HG21 sing N N 170 
ILE CG2 HG22 sing N N 171 
ILE CG2 HG23 sing N N 172 
ILE CD1 HD11 sing N N 173 
ILE CD1 HD12 sing N N 174 
ILE CD1 HD13 sing N N 175 
ILE OXT HXT  sing N N 176 
LEU N   CA   sing N N 177 
LEU N   H    sing N N 178 
LEU N   H2   sing N N 179 
LEU CA  C    sing N N 180 
LEU CA  CB   sing N N 181 
LEU CA  HA   sing N N 182 
LEU C   O    doub N N 183 
LEU C   OXT  sing N N 184 
LEU CB  CG   sing N N 185 
LEU CB  HB2  sing N N 186 
LEU CB  HB3  sing N N 187 
LEU CG  CD1  sing N N 188 
LEU CG  CD2  sing N N 189 
LEU CG  HG   sing N N 190 
LEU CD1 HD11 sing N N 191 
LEU CD1 HD12 sing N N 192 
LEU CD1 HD13 sing N N 193 
LEU CD2 HD21 sing N N 194 
LEU CD2 HD22 sing N N 195 
LEU CD2 HD23 sing N N 196 
LEU OXT HXT  sing N N 197 
LYS N   CA   sing N N 198 
LYS N   H    sing N N 199 
LYS N   H2   sing N N 200 
LYS CA  C    sing N N 201 
LYS CA  CB   sing N N 202 
LYS CA  HA   sing N N 203 
LYS C   O    doub N N 204 
LYS C   OXT  sing N N 205 
LYS CB  CG   sing N N 206 
LYS CB  HB2  sing N N 207 
LYS CB  HB3  sing N N 208 
LYS CG  CD   sing N N 209 
LYS CG  HG2  sing N N 210 
LYS CG  HG3  sing N N 211 
LYS CD  CE   sing N N 212 
LYS CD  HD2  sing N N 213 
LYS CD  HD3  sing N N 214 
LYS CE  NZ   sing N N 215 
LYS CE  HE2  sing N N 216 
LYS CE  HE3  sing N N 217 
LYS NZ  HZ1  sing N N 218 
LYS NZ  HZ2  sing N N 219 
LYS NZ  HZ3  sing N N 220 
LYS OXT HXT  sing N N 221 
MET N   CA   sing N N 222 
MET N   H    sing N N 223 
MET N   H2   sing N N 224 
MET CA  C    sing N N 225 
MET CA  CB   sing N N 226 
MET CA  HA   sing N N 227 
MET C   O    doub N N 228 
MET C   OXT  sing N N 229 
MET CB  CG   sing N N 230 
MET CB  HB2  sing N N 231 
MET CB  HB3  sing N N 232 
MET CG  SD   sing N N 233 
MET CG  HG2  sing N N 234 
MET CG  HG3  sing N N 235 
MET SD  CE   sing N N 236 
MET CE  HE1  sing N N 237 
MET CE  HE2  sing N N 238 
MET CE  HE3  sing N N 239 
MET OXT HXT  sing N N 240 
PHE N   CA   sing N N 241 
PHE N   H    sing N N 242 
PHE N   H2   sing N N 243 
PHE CA  C    sing N N 244 
PHE CA  CB   sing N N 245 
PHE CA  HA   sing N N 246 
PHE C   O    doub N N 247 
PHE C   OXT  sing N N 248 
PHE CB  CG   sing N N 249 
PHE CB  HB2  sing N N 250 
PHE CB  HB3  sing N N 251 
PHE CG  CD1  doub Y N 252 
PHE CG  CD2  sing Y N 253 
PHE CD1 CE1  sing Y N 254 
PHE CD1 HD1  sing N N 255 
PHE CD2 CE2  doub Y N 256 
PHE CD2 HD2  sing N N 257 
PHE CE1 CZ   doub Y N 258 
PHE CE1 HE1  sing N N 259 
PHE CE2 CZ   sing Y N 260 
PHE CE2 HE2  sing N N 261 
PHE CZ  HZ   sing N N 262 
PHE OXT HXT  sing N N 263 
PRO N   CA   sing N N 264 
PRO N   CD   sing N N 265 
PRO N   H    sing N N 266 
PRO CA  C    sing N N 267 
PRO CA  CB   sing N N 268 
PRO CA  HA   sing N N 269 
PRO C   O    doub N N 270 
PRO C   OXT  sing N N 271 
PRO CB  CG   sing N N 272 
PRO CB  HB2  sing N N 273 
PRO CB  HB3  sing N N 274 
PRO CG  CD   sing N N 275 
PRO CG  HG2  sing N N 276 
PRO CG  HG3  sing N N 277 
PRO CD  HD2  sing N N 278 
PRO CD  HD3  sing N N 279 
PRO OXT HXT  sing N N 280 
SER N   CA   sing N N 281 
SER N   H    sing N N 282 
SER N   H2   sing N N 283 
SER CA  C    sing N N 284 
SER CA  CB   sing N N 285 
SER CA  HA   sing N N 286 
SER C   O    doub N N 287 
SER C   OXT  sing N N 288 
SER CB  OG   sing N N 289 
SER CB  HB2  sing N N 290 
SER CB  HB3  sing N N 291 
SER OG  HG   sing N N 292 
SER OXT HXT  sing N N 293 
THR N   CA   sing N N 294 
THR N   H    sing N N 295 
THR N   H2   sing N N 296 
THR CA  C    sing N N 297 
THR CA  CB   sing N N 298 
THR CA  HA   sing N N 299 
THR C   O    doub N N 300 
THR C   OXT  sing N N 301 
THR CB  OG1  sing N N 302 
THR CB  CG2  sing N N 303 
THR CB  HB   sing N N 304 
THR OG1 HG1  sing N N 305 
THR CG2 HG21 sing N N 306 
THR CG2 HG22 sing N N 307 
THR CG2 HG23 sing N N 308 
THR OXT HXT  sing N N 309 
TRP N   CA   sing N N 310 
TRP N   H    sing N N 311 
TRP N   H2   sing N N 312 
TRP CA  C    sing N N 313 
TRP CA  CB   sing N N 314 
TRP CA  HA   sing N N 315 
TRP C   O    doub N N 316 
TRP C   OXT  sing N N 317 
TRP CB  CG   sing N N 318 
TRP CB  HB2  sing N N 319 
TRP CB  HB3  sing N N 320 
TRP CG  CD1  doub Y N 321 
TRP CG  CD2  sing Y N 322 
TRP CD1 NE1  sing Y N 323 
TRP CD1 HD1  sing N N 324 
TRP CD2 CE2  doub Y N 325 
TRP CD2 CE3  sing Y N 326 
TRP NE1 CE2  sing Y N 327 
TRP NE1 HE1  sing N N 328 
TRP CE2 CZ2  sing Y N 329 
TRP CE3 CZ3  doub Y N 330 
TRP CE3 HE3  sing N N 331 
TRP CZ2 CH2  doub Y N 332 
TRP CZ2 HZ2  sing N N 333 
TRP CZ3 CH2  sing Y N 334 
TRP CZ3 HZ3  sing N N 335 
TRP CH2 HH2  sing N N 336 
TRP OXT HXT  sing N N 337 
TYR N   CA   sing N N 338 
TYR N   H    sing N N 339 
TYR N   H2   sing N N 340 
TYR CA  C    sing N N 341 
TYR CA  CB   sing N N 342 
TYR CA  HA   sing N N 343 
TYR C   O    doub N N 344 
TYR C   OXT  sing N N 345 
TYR CB  CG   sing N N 346 
TYR CB  HB2  sing N N 347 
TYR CB  HB3  sing N N 348 
TYR CG  CD1  doub Y N 349 
TYR CG  CD2  sing Y N 350 
TYR CD1 CE1  sing Y N 351 
TYR CD1 HD1  sing N N 352 
TYR CD2 CE2  doub Y N 353 
TYR CD2 HD2  sing N N 354 
TYR CE1 CZ   doub Y N 355 
TYR CE1 HE1  sing N N 356 
TYR CE2 CZ   sing Y N 357 
TYR CE2 HE2  sing N N 358 
TYR CZ  OH   sing N N 359 
TYR OH  HH   sing N N 360 
TYR OXT HXT  sing N N 361 
VAL N   CA   sing N N 362 
VAL N   H    sing N N 363 
VAL N   H2   sing N N 364 
VAL CA  C    sing N N 365 
VAL CA  CB   sing N N 366 
VAL CA  HA   sing N N 367 
VAL C   O    doub N N 368 
VAL C   OXT  sing N N 369 
VAL CB  CG1  sing N N 370 
VAL CB  CG2  sing N N 371 
VAL CB  HB   sing N N 372 
VAL CG1 HG11 sing N N 373 
VAL CG1 HG12 sing N N 374 
VAL CG1 HG13 sing N N 375 
VAL CG2 HG21 sing N N 376 
VAL CG2 HG22 sing N N 377 
VAL CG2 HG23 sing N N 378 
VAL OXT HXT  sing N N 379 
# 
loop_
_pdbx_entity_nonpoly.entity_id 
_pdbx_entity_nonpoly.name 
_pdbx_entity_nonpoly.comp_id 
2 'FE2/S2 (INORGANIC) CLUSTER' FES 
3 'SODIUM ION'                 NA  
4 'CHLORIDE ION'               CL  
5 water                        HOH 
# 
_pdbx_initial_refinement_model.id               1 
_pdbx_initial_refinement_model.entity_id_list   ? 
_pdbx_initial_refinement_model.type             'experimental model' 
_pdbx_initial_refinement_model.source_name      PDB 
_pdbx_initial_refinement_model.accession_code   1I7H 
_pdbx_initial_refinement_model.details          'PDB ENTRY 1i7h' 
# 
